data_8ATG
#
_entry.id   8ATG
#
_cell.length_a   1.00
_cell.length_b   1.00
_cell.length_c   1.00
_cell.angle_alpha   90.00
_cell.angle_beta   90.00
_cell.angle_gamma   90.00
#
_symmetry.space_group_name_H-M   'P 1'
#
loop_
_entity.id
_entity.type
_entity.pdbx_description
1 polymer 'Proton-gated ion channel'
2 non-polymer '(2S)-3-(hexadecanoyloxy)-2-[(9Z)-octadec-9-enoyloxy]propyl 2-(trimethylammonio)ethyl phosphate'
#
_entity_poly.entity_id   1
_entity_poly.type   'polypeptide(L)'
_entity_poly.pdbx_seq_one_letter_code
;AQDMVSPPPPIADEPLTVNTGIYLIECYSLDDKAETFKVNAFLSLSWKDRRLAFDPVRSGVRVKTYEPEAIWIPEIRFVN
VENARDADVVDISVSPDGTVQYLERFSARVLSPLDFRRYPFDSQTLHIYLIVRSVDTRNIVLAVDLEKVGKNDDVFLTGW
DIESFTAVVKPANFALEDRLESKLDYQLRISRQYFSYIPNIILPMLFILFISWTAFWSTSYEANVTLVVSTLIAHIAFNI
LVETNLPKTPYMTYTGAIIFMIYLFYFVAVIEVTVQHYLKVESQPARAASITRASRIAFPVVFLLANIILAFLFFGF
;
_entity_poly.pdbx_strand_id   A,B,C,D,E
#
# COMPACT_ATOMS: atom_id res chain seq x y z
N VAL A 5 24.83 -34.21 -10.60
CA VAL A 5 24.57 -35.59 -10.96
C VAL A 5 23.88 -35.67 -12.31
N SER A 6 24.40 -36.53 -13.18
CA SER A 6 23.80 -36.70 -14.49
C SER A 6 22.43 -37.37 -14.38
N PRO A 7 21.54 -37.13 -15.34
CA PRO A 7 20.25 -37.81 -15.31
C PRO A 7 20.42 -39.30 -15.45
N PRO A 8 19.50 -40.09 -14.93
CA PRO A 8 19.61 -41.55 -15.01
C PRO A 8 19.66 -42.00 -16.46
N PRO A 9 20.42 -43.04 -16.76
CA PRO A 9 20.58 -43.49 -18.14
C PRO A 9 19.28 -44.02 -18.71
N PRO A 10 18.80 -43.44 -19.81
CA PRO A 10 17.58 -43.97 -20.45
C PRO A 10 17.86 -45.35 -21.04
N ILE A 11 17.05 -46.34 -20.66
CA ILE A 11 17.24 -47.69 -21.16
C ILE A 11 16.97 -47.74 -22.66
N ALA A 12 16.02 -46.93 -23.14
CA ALA A 12 15.70 -46.87 -24.55
C ALA A 12 15.42 -45.41 -24.89
N ASP A 13 14.84 -45.19 -26.07
CA ASP A 13 14.49 -43.84 -26.52
C ASP A 13 13.17 -43.34 -25.92
N GLU A 14 12.62 -44.05 -24.94
CA GLU A 14 11.38 -43.61 -24.32
C GLU A 14 11.62 -42.34 -23.52
N PRO A 15 10.85 -41.28 -23.76
CA PRO A 15 11.05 -40.04 -23.00
C PRO A 15 10.81 -40.26 -21.51
N LEU A 16 11.60 -39.58 -20.69
CA LEU A 16 11.51 -39.70 -19.24
C LEU A 16 10.30 -38.91 -18.77
N THR A 17 9.15 -39.57 -18.79
CA THR A 17 7.91 -38.95 -18.34
C THR A 17 7.90 -38.85 -16.82
N VAL A 18 7.60 -37.67 -16.30
CA VAL A 18 7.57 -37.41 -14.87
C VAL A 18 6.13 -37.22 -14.43
N ASN A 19 5.72 -37.93 -13.38
CA ASN A 19 4.38 -37.79 -12.83
C ASN A 19 4.35 -36.59 -11.92
N THR A 20 3.44 -35.65 -12.20
CA THR A 20 3.38 -34.38 -11.47
C THR A 20 1.94 -34.06 -11.11
N GLY A 21 1.81 -33.20 -10.10
CA GLY A 21 0.51 -32.77 -9.63
C GLY A 21 0.61 -31.86 -8.42
N ILE A 22 -0.23 -30.84 -8.35
CA ILE A 22 -0.19 -29.85 -7.27
C ILE A 22 -1.39 -30.08 -6.37
N TYR A 23 -1.13 -30.21 -5.08
CA TYR A 23 -2.19 -30.30 -4.06
C TYR A 23 -2.30 -28.94 -3.40
N LEU A 24 -3.34 -28.19 -3.77
CA LEU A 24 -3.47 -26.81 -3.31
C LEU A 24 -3.68 -26.75 -1.80
N ILE A 25 -3.13 -25.70 -1.18
CA ILE A 25 -3.22 -25.49 0.25
C ILE A 25 -3.94 -24.19 0.58
N GLU A 26 -3.41 -23.07 0.12
CA GLU A 26 -3.98 -21.77 0.45
C GLU A 26 -3.85 -20.86 -0.76
N CYS A 27 -4.95 -20.68 -1.48
CA CYS A 27 -5.02 -19.76 -2.62
C CYS A 27 -5.60 -18.46 -2.09
N TYR A 28 -4.73 -17.49 -1.84
CA TYR A 28 -5.07 -16.26 -1.17
C TYR A 28 -4.56 -15.07 -1.98
N SER A 29 -4.89 -13.87 -1.52
CA SER A 29 -4.49 -12.62 -2.16
C SER A 29 -4.85 -12.64 -3.64
N LEU A 30 -6.10 -13.00 -3.93
CA LEU A 30 -6.51 -13.23 -5.32
C LEU A 30 -6.43 -11.97 -6.17
N ASP A 31 -6.32 -10.80 -5.55
CA ASP A 31 -6.13 -9.56 -6.31
C ASP A 31 -5.30 -8.63 -5.45
N ASP A 32 -3.97 -8.64 -5.66
CA ASP A 32 -3.12 -7.65 -5.01
C ASP A 32 -3.56 -6.24 -5.40
N LYS A 33 -3.67 -5.99 -6.71
CA LYS A 33 -4.43 -4.85 -7.20
C LYS A 33 -5.64 -5.33 -8.00
N ALA A 34 -5.43 -6.08 -9.09
CA ALA A 34 -6.52 -6.80 -9.73
C ALA A 34 -6.16 -8.15 -10.31
N GLU A 35 -4.89 -8.56 -10.32
CA GLU A 35 -4.46 -9.62 -11.22
C GLU A 35 -3.85 -10.84 -10.55
N THR A 36 -2.85 -10.68 -9.69
CA THR A 36 -2.11 -11.84 -9.20
C THR A 36 -2.81 -12.50 -8.02
N PHE A 37 -2.61 -13.81 -7.90
CA PHE A 37 -3.00 -14.54 -6.71
C PHE A 37 -1.83 -15.41 -6.29
N LYS A 38 -1.68 -15.60 -4.98
CA LYS A 38 -0.56 -16.33 -4.43
C LYS A 38 -0.99 -17.73 -3.98
N VAL A 39 -0.08 -18.68 -4.16
CA VAL A 39 -0.30 -20.08 -3.82
C VAL A 39 0.80 -20.53 -2.87
N ASN A 40 0.46 -21.37 -1.91
CA ASN A 40 1.41 -21.96 -0.97
C ASN A 40 1.22 -23.46 -0.89
N ALA A 41 1.14 -24.10 -2.06
CA ALA A 41 0.76 -25.50 -2.17
C ALA A 41 1.97 -26.41 -2.30
N PHE A 42 1.70 -27.71 -2.23
CA PHE A 42 2.69 -28.74 -2.49
C PHE A 42 2.54 -29.26 -3.92
N LEU A 43 3.65 -29.69 -4.51
CA LEU A 43 3.65 -30.36 -5.80
C LEU A 43 4.39 -31.68 -5.67
N SER A 44 3.80 -32.74 -6.20
CA SER A 44 4.35 -34.09 -6.08
C SER A 44 4.95 -34.51 -7.41
N LEU A 45 6.20 -34.97 -7.37
CA LEU A 45 6.91 -35.40 -8.56
C LEU A 45 7.29 -36.87 -8.42
N SER A 46 7.00 -37.65 -9.46
CA SER A 46 7.35 -39.06 -9.52
C SER A 46 7.95 -39.36 -10.88
N TRP A 47 9.08 -40.07 -10.90
CA TRP A 47 9.74 -40.45 -12.14
C TRP A 47 10.41 -41.80 -11.94
N LYS A 48 11.29 -42.17 -12.87
CA LYS A 48 12.00 -43.44 -12.82
C LYS A 48 13.49 -43.17 -12.85
N ASP A 49 14.20 -43.63 -11.82
CA ASP A 49 15.65 -43.47 -11.71
C ASP A 49 16.28 -44.81 -11.38
N ARG A 50 17.56 -44.94 -11.71
CA ARG A 50 18.33 -46.16 -11.46
C ARG A 50 18.79 -46.19 -10.01
N ARG A 51 17.81 -46.10 -9.10
CA ARG A 51 18.05 -46.14 -7.67
C ARG A 51 17.93 -47.59 -7.18
N LEU A 52 17.82 -47.78 -5.87
CA LEU A 52 17.78 -49.11 -5.29
C LEU A 52 16.67 -49.95 -5.91
N ALA A 53 17.02 -51.19 -6.25
CA ALA A 53 16.08 -52.14 -6.81
C ALA A 53 15.31 -52.83 -5.68
N PHE A 54 14.62 -53.92 -6.02
CA PHE A 54 13.87 -54.67 -5.01
C PHE A 54 14.79 -55.08 -3.87
N ASP A 55 14.31 -54.89 -2.64
CA ASP A 55 15.14 -54.98 -1.44
C ASP A 55 14.48 -55.90 -0.42
N PRO A 56 14.56 -57.22 -0.62
CA PRO A 56 14.00 -58.15 0.36
C PRO A 56 14.95 -58.33 1.54
N VAL A 57 14.60 -57.70 2.66
CA VAL A 57 15.31 -57.84 3.95
C VAL A 57 16.83 -57.74 3.79
N ARG A 58 17.31 -56.67 3.16
CA ARG A 58 18.74 -56.42 3.11
C ARG A 58 19.08 -55.12 3.83
N SER A 59 18.40 -54.04 3.47
CA SER A 59 18.63 -52.76 4.14
C SER A 59 17.54 -52.49 5.17
N GLY A 60 16.33 -52.99 4.94
CA GLY A 60 15.25 -52.86 5.88
C GLY A 60 14.47 -51.56 5.80
N VAL A 61 14.76 -50.70 4.83
CA VAL A 61 14.10 -49.41 4.69
C VAL A 61 13.43 -49.36 3.33
N ARG A 62 12.13 -49.03 3.32
CA ARG A 62 11.38 -48.90 2.08
C ARG A 62 11.46 -47.48 1.51
N VAL A 63 11.07 -46.49 2.31
CA VAL A 63 11.16 -45.08 1.89
C VAL A 63 12.53 -44.60 2.35
N LYS A 64 13.53 -44.82 1.49
CA LYS A 64 14.89 -44.42 1.78
C LYS A 64 15.03 -42.93 1.46
N THR A 65 14.90 -42.09 2.49
CA THR A 65 15.01 -40.66 2.29
C THR A 65 16.42 -40.29 1.85
N TYR A 66 16.50 -39.38 0.89
CA TYR A 66 17.77 -38.91 0.35
C TYR A 66 17.85 -37.40 0.50
N GLU A 67 19.08 -36.90 0.47
CA GLU A 67 19.29 -35.47 0.58
C GLU A 67 18.71 -34.77 -0.65
N PRO A 68 18.13 -33.58 -0.50
CA PRO A 68 17.58 -32.88 -1.66
C PRO A 68 18.61 -32.56 -2.72
N GLU A 69 19.86 -32.31 -2.34
CA GLU A 69 20.92 -31.99 -3.28
C GLU A 69 21.71 -33.21 -3.73
N ALA A 70 21.39 -34.39 -3.23
CA ALA A 70 22.14 -35.59 -3.60
C ALA A 70 21.66 -36.18 -4.92
N ILE A 71 20.40 -36.60 -4.97
CA ILE A 71 19.86 -37.23 -6.17
C ILE A 71 19.42 -36.17 -7.16
N TRP A 72 19.70 -36.39 -8.44
CA TRP A 72 19.24 -35.48 -9.48
C TRP A 72 17.71 -35.46 -9.52
N ILE A 73 17.16 -34.26 -9.72
CA ILE A 73 15.73 -34.09 -9.88
C ILE A 73 15.48 -33.28 -11.15
N PRO A 74 14.40 -33.57 -11.89
CA PRO A 74 14.14 -32.80 -13.12
C PRO A 74 13.87 -31.34 -12.81
N GLU A 75 14.28 -30.48 -13.73
CA GLU A 75 14.10 -29.04 -13.59
C GLU A 75 12.71 -28.67 -14.10
N ILE A 76 11.78 -28.44 -13.19
CA ILE A 76 10.43 -27.98 -13.52
C ILE A 76 10.28 -26.57 -13.00
N ARG A 77 9.97 -25.64 -13.90
CA ARG A 77 9.90 -24.23 -13.57
C ARG A 77 8.58 -23.66 -14.04
N PHE A 78 7.99 -22.80 -13.22
CA PHE A 78 6.72 -22.16 -13.56
C PHE A 78 6.96 -21.05 -14.57
N VAL A 79 6.04 -20.92 -15.53
CA VAL A 79 6.19 -19.91 -16.56
C VAL A 79 5.63 -18.57 -16.12
N ASN A 80 4.37 -18.56 -15.68
CA ASN A 80 3.69 -17.30 -15.36
C ASN A 80 3.73 -17.05 -13.85
N VAL A 81 4.92 -16.64 -13.39
CA VAL A 81 5.14 -16.28 -11.99
C VAL A 81 6.05 -15.07 -11.91
N GLU A 82 5.98 -14.37 -10.77
CA GLU A 82 6.83 -13.22 -10.54
C GLU A 82 8.30 -13.61 -10.54
N ASN A 83 8.65 -14.61 -9.73
CA ASN A 83 10.01 -15.10 -9.63
C ASN A 83 9.96 -16.60 -9.44
N ALA A 84 11.14 -17.22 -9.37
CA ALA A 84 11.21 -18.66 -9.19
C ALA A 84 10.49 -19.07 -7.92
N ARG A 85 9.76 -20.18 -7.99
CA ARG A 85 8.97 -20.63 -6.86
C ARG A 85 9.88 -20.89 -5.65
N ASP A 86 9.40 -20.50 -4.47
CA ASP A 86 10.16 -20.70 -3.25
C ASP A 86 10.10 -22.18 -2.88
N ALA A 87 10.82 -23.00 -3.64
CA ALA A 87 10.77 -24.45 -3.43
C ALA A 87 11.45 -24.82 -2.12
N ASP A 88 10.76 -25.63 -1.32
CA ASP A 88 11.30 -26.15 -0.07
C ASP A 88 11.02 -27.64 -0.04
N VAL A 89 12.06 -28.44 -0.17
CA VAL A 89 11.89 -29.89 -0.25
C VAL A 89 11.38 -30.42 1.08
N VAL A 90 10.33 -31.23 1.03
CA VAL A 90 9.71 -31.80 2.22
C VAL A 90 10.15 -33.24 2.43
N ASP A 91 10.02 -34.08 1.41
CA ASP A 91 10.34 -35.50 1.56
C ASP A 91 10.62 -36.10 0.19
N ILE A 92 11.84 -36.59 0.00
CA ILE A 92 12.20 -37.33 -1.20
C ILE A 92 12.26 -38.80 -0.81
N SER A 93 11.22 -39.54 -1.13
CA SER A 93 11.13 -40.97 -0.81
C SER A 93 11.31 -41.76 -2.11
N VAL A 94 12.35 -42.60 -2.15
CA VAL A 94 12.60 -43.47 -3.28
C VAL A 94 12.21 -44.89 -2.91
N SER A 95 11.41 -45.50 -3.74
CA SER A 95 10.94 -46.85 -3.45
C SER A 95 11.85 -47.89 -4.10
N PRO A 96 11.93 -49.09 -3.53
CA PRO A 96 12.71 -50.16 -4.18
C PRO A 96 12.20 -50.53 -5.56
N ASP A 97 10.93 -50.23 -5.87
CA ASP A 97 10.40 -50.52 -7.20
C ASP A 97 11.17 -49.76 -8.29
N GLY A 98 11.68 -48.57 -7.96
CA GLY A 98 12.47 -47.82 -8.92
C GLY A 98 11.89 -46.46 -9.24
N THR A 99 11.05 -45.93 -8.36
CA THR A 99 10.44 -44.63 -8.55
C THR A 99 10.78 -43.72 -7.38
N VAL A 100 10.93 -42.43 -7.68
CA VAL A 100 11.26 -41.41 -6.68
C VAL A 100 10.05 -40.52 -6.49
N GLN A 101 9.55 -40.45 -5.26
CA GLN A 101 8.43 -39.58 -4.92
C GLN A 101 8.99 -38.30 -4.33
N TYR A 102 8.91 -37.22 -5.10
CA TYR A 102 9.43 -35.91 -4.70
C TYR A 102 8.26 -35.01 -4.33
N LEU A 103 8.35 -34.38 -3.16
CA LEU A 103 7.29 -33.52 -2.65
C LEU A 103 7.92 -32.27 -2.06
N GLU A 104 7.63 -31.12 -2.67
CA GLU A 104 8.20 -29.86 -2.24
C GLU A 104 7.10 -28.82 -2.07
N ARG A 105 7.21 -28.00 -1.03
CA ARG A 105 6.26 -26.91 -0.80
C ARG A 105 6.82 -25.63 -1.40
N PHE A 106 6.04 -24.98 -2.25
CA PHE A 106 6.45 -23.76 -2.91
C PHE A 106 5.41 -22.68 -2.69
N SER A 107 5.88 -21.43 -2.64
CA SER A 107 5.02 -20.26 -2.48
C SER A 107 5.32 -19.32 -3.65
N ALA A 108 4.66 -19.55 -4.77
CA ALA A 108 4.86 -18.76 -5.97
C ALA A 108 3.76 -17.73 -6.13
N ARG A 109 4.10 -16.60 -6.74
CA ARG A 109 3.14 -15.54 -7.02
C ARG A 109 2.63 -15.74 -8.45
N VAL A 110 1.65 -16.63 -8.57
CA VAL A 110 1.16 -17.04 -9.88
C VAL A 110 0.49 -15.88 -10.59
N LEU A 111 0.71 -15.77 -11.88
CA LEU A 111 0.08 -14.76 -12.72
C LEU A 111 -1.08 -15.37 -13.48
N SER A 112 -2.20 -14.67 -13.49
CA SER A 112 -3.36 -15.11 -14.26
C SER A 112 -4.27 -13.93 -14.56
N PRO A 113 -4.72 -13.78 -15.79
CA PRO A 113 -5.63 -12.67 -16.11
C PRO A 113 -6.99 -12.89 -15.48
N LEU A 114 -7.54 -11.82 -14.92
CA LEU A 114 -8.86 -11.84 -14.32
C LEU A 114 -9.83 -11.11 -15.24
N ASP A 115 -10.90 -11.80 -15.62
CA ASP A 115 -11.85 -11.30 -16.61
C ASP A 115 -13.13 -10.87 -15.89
N PHE A 116 -13.17 -9.61 -15.48
CA PHE A 116 -14.34 -9.06 -14.78
C PHE A 116 -15.34 -8.46 -15.76
N ARG A 117 -15.72 -9.21 -16.79
CA ARG A 117 -16.74 -8.71 -17.71
C ARG A 117 -18.14 -8.94 -17.17
N ARG A 118 -18.29 -9.79 -16.17
CA ARG A 118 -19.57 -10.07 -15.54
C ARG A 118 -19.38 -10.11 -14.03
N TYR A 119 -18.71 -9.09 -13.49
CA TYR A 119 -18.07 -9.08 -12.18
C TYR A 119 -18.87 -9.77 -11.08
N PRO A 120 -20.11 -9.35 -10.79
CA PRO A 120 -20.81 -9.99 -9.66
C PRO A 120 -21.06 -11.47 -9.87
N PHE A 121 -21.16 -11.92 -11.13
CA PHE A 121 -21.61 -13.27 -11.44
C PHE A 121 -20.57 -14.02 -12.26
N ASP A 122 -19.32 -13.58 -12.26
CA ASP A 122 -18.33 -14.11 -13.17
C ASP A 122 -17.88 -15.50 -12.75
N SER A 123 -17.07 -16.12 -13.60
CA SER A 123 -16.48 -17.42 -13.32
C SER A 123 -15.12 -17.47 -13.99
N GLN A 124 -14.07 -17.14 -13.23
CA GLN A 124 -12.74 -17.02 -13.79
C GLN A 124 -12.12 -18.39 -14.03
N THR A 125 -10.93 -18.39 -14.62
CA THR A 125 -10.19 -19.63 -14.91
C THR A 125 -8.71 -19.33 -14.68
N LEU A 126 -8.23 -19.62 -13.48
CA LEU A 126 -6.83 -19.41 -13.15
C LEU A 126 -5.96 -20.42 -13.89
N HIS A 127 -4.70 -20.05 -14.12
CA HIS A 127 -3.79 -20.86 -14.92
C HIS A 127 -2.46 -21.03 -14.21
N ILE A 128 -1.87 -22.22 -14.39
CA ILE A 128 -0.50 -22.51 -13.97
C ILE A 128 0.17 -23.28 -15.09
N TYR A 129 1.35 -22.83 -15.51
CA TYR A 129 2.06 -23.41 -16.64
C TYR A 129 3.28 -24.16 -16.15
N LEU A 130 3.55 -25.31 -16.76
CA LEU A 130 4.70 -26.13 -16.40
C LEU A 130 5.56 -26.41 -17.63
N ILE A 131 6.87 -26.29 -17.45
CA ILE A 131 7.84 -26.59 -18.50
C ILE A 131 9.01 -27.35 -17.88
N VAL A 132 9.59 -28.25 -18.66
CA VAL A 132 10.74 -29.05 -18.24
C VAL A 132 11.89 -28.78 -19.20
N ARG A 133 13.06 -28.47 -18.65
CA ARG A 133 14.25 -28.24 -19.46
C ARG A 133 14.92 -29.59 -19.75
N SER A 134 14.76 -30.07 -20.98
CA SER A 134 15.38 -31.33 -21.37
C SER A 134 16.89 -31.15 -21.45
N VAL A 135 17.62 -32.20 -21.06
CA VAL A 135 19.08 -32.17 -21.03
C VAL A 135 19.67 -33.07 -22.11
N ASP A 136 19.39 -34.38 -22.04
CA ASP A 136 19.90 -35.34 -23.01
C ASP A 136 18.80 -35.91 -23.88
N THR A 137 17.70 -36.37 -23.28
CA THR A 137 16.53 -36.84 -24.00
C THR A 137 15.35 -35.94 -23.69
N ARG A 138 14.36 -35.96 -24.59
CA ARG A 138 13.17 -35.16 -24.40
C ARG A 138 12.39 -35.65 -23.17
N ASN A 139 11.98 -34.72 -22.33
CA ASN A 139 11.17 -35.01 -21.16
C ASN A 139 9.73 -34.58 -21.44
N ILE A 140 8.80 -35.51 -21.28
CA ILE A 140 7.38 -35.24 -21.48
C ILE A 140 6.74 -35.11 -20.11
N VAL A 141 6.20 -33.93 -19.83
CA VAL A 141 5.62 -33.63 -18.52
C VAL A 141 4.11 -33.83 -18.60
N LEU A 142 3.65 -34.39 -19.72
CA LEU A 142 2.21 -34.59 -19.91
C LEU A 142 1.62 -35.58 -18.92
N ALA A 143 2.47 -36.31 -18.21
CA ALA A 143 2.01 -37.27 -17.21
C ALA A 143 1.45 -36.51 -16.01
N VAL A 144 0.13 -36.40 -15.94
CA VAL A 144 -0.56 -35.79 -14.81
C VAL A 144 -0.98 -36.91 -13.86
N ASP A 145 -0.64 -36.76 -12.58
CA ASP A 145 -0.90 -37.82 -11.61
C ASP A 145 -2.39 -38.07 -11.44
N LEU A 146 -3.19 -37.00 -11.40
CA LEU A 146 -4.64 -37.07 -11.23
C LEU A 146 -5.05 -37.72 -9.92
N GLU A 147 -4.10 -37.98 -9.03
CA GLU A 147 -4.40 -38.50 -7.70
C GLU A 147 -3.74 -37.72 -6.58
N LYS A 148 -2.76 -36.87 -6.86
CA LYS A 148 -2.13 -36.01 -5.87
C LYS A 148 -2.52 -34.54 -6.05
N VAL A 149 -3.68 -34.29 -6.65
CA VAL A 149 -4.15 -32.94 -6.90
C VAL A 149 -5.41 -32.68 -6.09
N GLY A 150 -5.78 -31.42 -5.99
CA GLY A 150 -6.98 -31.02 -5.27
C GLY A 150 -6.70 -29.94 -4.25
N LYS A 151 -7.72 -29.13 -3.97
CA LYS A 151 -7.62 -28.06 -2.98
C LYS A 151 -7.89 -28.64 -1.60
N ASN A 152 -8.06 -27.76 -0.61
CA ASN A 152 -8.38 -28.21 0.73
C ASN A 152 -9.81 -28.74 0.79
N ASP A 153 -10.08 -29.55 1.82
CA ASP A 153 -11.42 -30.08 2.01
C ASP A 153 -12.45 -28.98 2.29
N ASP A 154 -11.99 -27.81 2.72
CA ASP A 154 -12.91 -26.69 2.95
C ASP A 154 -13.55 -26.22 1.65
N VAL A 155 -12.84 -26.35 0.53
CA VAL A 155 -13.34 -26.01 -0.79
C VAL A 155 -13.73 -24.54 -0.87
N PHE A 156 -12.75 -23.66 -0.63
CA PHE A 156 -12.97 -22.23 -0.75
C PHE A 156 -11.60 -21.54 -0.82
N LEU A 157 -11.40 -20.71 -1.83
CA LEU A 157 -10.13 -20.02 -1.97
C LEU A 157 -10.08 -18.81 -1.03
N THR A 158 -10.93 -17.83 -1.29
CA THR A 158 -11.12 -16.68 -0.42
C THR A 158 -12.58 -16.26 -0.44
N GLY A 159 -13.48 -17.24 -0.49
CA GLY A 159 -14.86 -16.97 -0.82
C GLY A 159 -15.14 -17.19 -2.29
N TRP A 160 -14.74 -18.35 -2.79
CA TRP A 160 -14.94 -18.72 -4.18
C TRP A 160 -15.41 -20.17 -4.22
N ASP A 161 -16.04 -20.55 -5.33
CA ASP A 161 -16.52 -21.91 -5.52
C ASP A 161 -15.73 -22.59 -6.62
N ILE A 162 -15.16 -23.75 -6.32
CA ILE A 162 -14.37 -24.51 -7.27
C ILE A 162 -15.29 -25.42 -8.06
N GLU A 163 -15.10 -25.45 -9.38
CA GLU A 163 -15.90 -26.31 -10.26
C GLU A 163 -15.12 -27.47 -10.85
N SER A 164 -13.88 -27.25 -11.29
CA SER A 164 -13.09 -28.32 -11.89
C SER A 164 -11.62 -27.96 -11.76
N PHE A 165 -10.78 -28.98 -11.95
CA PHE A 165 -9.33 -28.80 -11.94
C PHE A 165 -8.73 -29.57 -13.12
N THR A 166 -9.29 -29.35 -14.30
CA THR A 166 -8.82 -30.03 -15.50
C THR A 166 -7.36 -29.70 -15.78
N ALA A 167 -6.57 -30.72 -16.07
CA ALA A 167 -5.15 -30.58 -16.35
C ALA A 167 -4.88 -31.20 -17.72
N VAL A 168 -4.82 -30.36 -18.75
CA VAL A 168 -4.62 -30.82 -20.12
C VAL A 168 -3.26 -30.32 -20.60
N VAL A 169 -2.44 -31.24 -21.10
CA VAL A 169 -1.13 -30.88 -21.66
C VAL A 169 -1.34 -30.43 -23.10
N LYS A 170 -1.13 -29.15 -23.35
CA LYS A 170 -1.36 -28.58 -24.67
C LYS A 170 -0.06 -28.60 -25.46
N PRO A 171 0.02 -29.32 -26.58
CA PRO A 171 1.26 -29.34 -27.36
C PRO A 171 1.52 -28.00 -28.04
N ALA A 172 1.79 -26.97 -27.25
CA ALA A 172 2.01 -25.63 -27.77
C ALA A 172 3.24 -25.01 -27.13
N ASN A 173 3.86 -24.07 -27.84
CA ASN A 173 5.05 -23.38 -27.39
C ASN A 173 4.92 -21.89 -27.65
N PHE A 174 5.77 -21.12 -26.99
CA PHE A 174 5.82 -19.66 -27.21
C PHE A 174 6.85 -19.29 -28.27
N ALA A 175 6.77 -19.98 -29.42
CA ALA A 175 7.62 -19.69 -30.59
C ALA A 175 9.10 -19.67 -30.24
N LEU A 176 9.51 -20.47 -29.26
CA LEU A 176 10.89 -20.48 -28.79
C LEU A 176 11.30 -21.91 -28.47
N GLU A 177 12.61 -22.18 -28.62
CA GLU A 177 13.26 -23.44 -28.27
C GLU A 177 12.56 -24.64 -28.90
N ASP A 178 12.89 -25.84 -28.44
CA ASP A 178 12.31 -27.06 -28.97
C ASP A 178 11.43 -27.79 -27.98
N ARG A 179 11.77 -27.78 -26.69
CA ARG A 179 11.00 -28.48 -25.67
C ARG A 179 9.85 -27.67 -25.09
N LEU A 180 9.68 -26.41 -25.51
CA LEU A 180 8.58 -25.60 -25.01
C LEU A 180 7.22 -26.08 -25.50
N GLU A 181 7.19 -26.89 -26.56
CA GLU A 181 5.92 -27.38 -27.06
C GLU A 181 5.21 -28.28 -26.07
N SER A 182 5.96 -28.88 -25.14
CA SER A 182 5.37 -29.72 -24.08
C SER A 182 5.14 -28.86 -22.85
N LYS A 183 4.06 -28.10 -22.87
CA LYS A 183 3.62 -27.32 -21.72
C LYS A 183 2.48 -28.04 -21.02
N LEU A 184 2.51 -28.03 -19.69
CA LEU A 184 1.44 -28.62 -18.90
C LEU A 184 0.60 -27.51 -18.30
N ASP A 185 -0.71 -27.58 -18.53
CA ASP A 185 -1.63 -26.52 -18.18
C ASP A 185 -2.58 -26.96 -17.08
N TYR A 186 -2.67 -26.17 -16.02
CA TYR A 186 -3.56 -26.43 -14.90
C TYR A 186 -4.70 -25.42 -14.93
N GLN A 187 -5.90 -25.88 -15.28
CA GLN A 187 -7.08 -25.03 -15.33
C GLN A 187 -7.90 -25.23 -14.06
N LEU A 188 -7.91 -24.21 -13.21
CA LEU A 188 -8.77 -24.19 -12.03
C LEU A 188 -9.90 -23.22 -12.33
N ARG A 189 -11.03 -23.75 -12.77
CA ARG A 189 -12.19 -22.94 -13.12
C ARG A 189 -13.00 -22.69 -11.85
N ILE A 190 -12.84 -21.51 -11.28
CA ILE A 190 -13.53 -21.14 -10.04
C ILE A 190 -14.71 -20.25 -10.39
N SER A 191 -15.73 -20.29 -9.54
CA SER A 191 -16.91 -19.46 -9.70
C SER A 191 -17.15 -18.69 -8.41
N ARG A 192 -17.55 -17.44 -8.56
CA ARG A 192 -17.77 -16.54 -7.42
C ARG A 192 -19.20 -16.67 -6.94
N GLN A 193 -19.38 -16.86 -5.64
CA GLN A 193 -20.73 -16.89 -5.08
C GLN A 193 -21.20 -15.46 -4.87
N TYR A 194 -22.43 -15.18 -5.30
CA TYR A 194 -22.92 -13.83 -5.47
C TYR A 194 -23.96 -13.43 -4.44
N PHE A 195 -24.23 -14.28 -3.43
CA PHE A 195 -25.31 -13.97 -2.51
C PHE A 195 -25.01 -12.68 -1.75
N SER A 196 -23.77 -12.55 -1.25
CA SER A 196 -23.43 -11.37 -0.46
C SER A 196 -23.49 -10.09 -1.29
N TYR A 197 -23.16 -10.17 -2.58
CA TYR A 197 -23.12 -8.95 -3.38
C TYR A 197 -24.50 -8.37 -3.60
N ILE A 198 -25.54 -9.19 -3.62
CA ILE A 198 -26.89 -8.68 -3.85
C ILE A 198 -27.30 -7.66 -2.80
N PRO A 199 -27.11 -7.89 -1.50
CA PRO A 199 -27.35 -6.80 -0.53
C PRO A 199 -26.18 -5.86 -0.37
N ASN A 200 -24.95 -6.28 -0.66
CA ASN A 200 -23.81 -5.39 -0.43
C ASN A 200 -23.78 -4.25 -1.44
N ILE A 201 -24.12 -4.53 -2.70
CA ILE A 201 -23.91 -3.57 -3.77
C ILE A 201 -25.20 -3.32 -4.55
N ILE A 202 -25.80 -4.39 -5.06
CA ILE A 202 -26.87 -4.24 -6.05
C ILE A 202 -28.12 -3.64 -5.43
N LEU A 203 -28.55 -4.16 -4.29
CA LEU A 203 -29.81 -3.70 -3.71
C LEU A 203 -29.79 -2.24 -3.28
N PRO A 204 -28.78 -1.74 -2.56
CA PRO A 204 -28.84 -0.34 -2.15
C PRO A 204 -28.89 0.66 -3.31
N MET A 205 -28.22 0.38 -4.43
CA MET A 205 -28.34 1.27 -5.57
C MET A 205 -29.77 1.31 -6.07
N LEU A 206 -30.44 0.16 -6.12
CA LEU A 206 -31.83 0.14 -6.55
C LEU A 206 -32.72 0.88 -5.56
N PHE A 207 -32.44 0.77 -4.26
CA PHE A 207 -33.22 1.52 -3.28
C PHE A 207 -33.06 3.02 -3.48
N ILE A 208 -31.83 3.47 -3.71
CA ILE A 208 -31.58 4.88 -3.95
C ILE A 208 -32.28 5.34 -5.22
N LEU A 209 -32.24 4.51 -6.26
CA LEU A 209 -32.91 4.86 -7.51
C LEU A 209 -34.42 4.96 -7.32
N PHE A 210 -35.00 4.06 -6.52
CA PHE A 210 -36.44 4.14 -6.27
C PHE A 210 -36.79 5.38 -5.46
N ILE A 211 -35.93 5.75 -4.51
CA ILE A 211 -36.11 7.01 -3.80
C ILE A 211 -36.11 8.17 -4.79
N SER A 212 -35.26 8.10 -5.80
CA SER A 212 -35.28 9.12 -6.84
C SER A 212 -36.62 9.12 -7.60
N TRP A 213 -37.06 7.93 -8.03
CA TRP A 213 -38.29 7.83 -8.81
C TRP A 213 -39.50 8.27 -8.01
N THR A 214 -39.38 8.34 -6.68
CA THR A 214 -40.44 8.92 -5.87
C THR A 214 -40.84 10.30 -6.37
N ALA A 215 -39.90 11.06 -6.91
CA ALA A 215 -40.14 12.45 -7.31
C ALA A 215 -41.27 12.61 -8.30
N PHE A 216 -41.79 11.53 -8.88
CA PHE A 216 -42.90 11.64 -9.80
C PHE A 216 -44.26 11.59 -9.11
N TRP A 217 -44.29 11.39 -7.80
CA TRP A 217 -45.52 11.44 -7.03
C TRP A 217 -45.65 12.73 -6.23
N SER A 218 -45.01 13.80 -6.70
CA SER A 218 -44.99 15.08 -6.01
C SER A 218 -45.20 16.20 -6.99
N THR A 219 -46.00 17.19 -6.58
CA THR A 219 -46.22 18.39 -7.38
C THR A 219 -45.36 19.56 -6.94
N SER A 220 -44.51 19.37 -5.94
CA SER A 220 -43.66 20.43 -5.43
C SER A 220 -42.34 20.42 -6.16
N TYR A 221 -41.94 21.58 -6.69
CA TYR A 221 -40.70 21.64 -7.47
C TYR A 221 -39.48 21.57 -6.55
N GLU A 222 -39.50 22.29 -5.44
CA GLU A 222 -38.36 22.26 -4.53
C GLU A 222 -38.14 20.86 -3.96
N ALA A 223 -39.23 20.18 -3.58
CA ALA A 223 -39.11 18.83 -3.07
C ALA A 223 -38.61 17.87 -4.14
N ASN A 224 -39.08 18.04 -5.38
CA ASN A 224 -38.61 17.19 -6.47
C ASN A 224 -37.12 17.39 -6.72
N VAL A 225 -36.66 18.64 -6.74
CA VAL A 225 -35.24 18.91 -6.95
C VAL A 225 -34.42 18.32 -5.81
N THR A 226 -34.88 18.52 -4.57
CA THR A 226 -34.15 17.94 -3.44
C THR A 226 -34.04 16.43 -3.58
N LEU A 227 -35.17 15.76 -3.81
CA LEU A 227 -35.15 14.32 -4.03
C LEU A 227 -34.13 13.92 -5.08
N VAL A 228 -34.29 14.42 -6.31
CA VAL A 228 -33.50 13.89 -7.41
C VAL A 228 -32.02 14.22 -7.23
N VAL A 229 -31.70 15.48 -6.91
CA VAL A 229 -30.30 15.88 -6.85
C VAL A 229 -29.60 15.28 -5.63
N SER A 230 -30.24 15.34 -4.46
CA SER A 230 -29.62 14.74 -3.29
C SER A 230 -29.52 13.22 -3.43
N THR A 231 -30.46 12.61 -4.14
CA THR A 231 -30.35 11.18 -4.41
C THR A 231 -29.21 10.89 -5.37
N LEU A 232 -28.96 11.78 -6.33
CA LEU A 232 -27.79 11.63 -7.19
C LEU A 232 -26.51 11.72 -6.39
N ILE A 233 -26.45 12.65 -5.44
CA ILE A 233 -25.28 12.75 -4.56
C ILE A 233 -25.12 11.48 -3.75
N ALA A 234 -26.23 10.95 -3.23
CA ALA A 234 -26.18 9.71 -2.46
C ALA A 234 -25.69 8.56 -3.32
N HIS A 235 -26.14 8.50 -4.57
CA HIS A 235 -25.71 7.43 -5.47
C HIS A 235 -24.23 7.54 -5.77
N ILE A 236 -23.72 8.76 -5.98
CA ILE A 236 -22.29 8.92 -6.22
C ILE A 236 -21.49 8.51 -4.98
N ALA A 237 -21.96 8.89 -3.80
CA ALA A 237 -21.28 8.47 -2.57
C ALA A 237 -21.28 6.96 -2.42
N PHE A 238 -22.41 6.32 -2.73
CA PHE A 238 -22.45 4.87 -2.66
C PHE A 238 -21.56 4.24 -3.72
N ASN A 239 -21.42 4.87 -4.88
CA ASN A 239 -20.49 4.39 -5.87
C ASN A 239 -19.06 4.46 -5.36
N ILE A 240 -18.71 5.53 -4.65
CA ILE A 240 -17.40 5.62 -4.02
C ILE A 240 -17.21 4.50 -3.02
N LEU A 241 -18.26 4.22 -2.24
CA LEU A 241 -18.17 3.15 -1.24
C LEU A 241 -17.97 1.79 -1.90
N VAL A 242 -18.67 1.54 -3.01
CA VAL A 242 -18.55 0.27 -3.72
C VAL A 242 -17.19 0.14 -4.38
N GLU A 243 -16.63 1.24 -4.88
CA GLU A 243 -15.45 1.18 -5.73
C GLU A 243 -14.26 0.52 -5.05
N THR A 244 -14.24 0.48 -3.71
CA THR A 244 -13.17 -0.23 -3.03
C THR A 244 -13.19 -1.72 -3.36
N ASN A 245 -14.39 -2.32 -3.41
CA ASN A 245 -14.50 -3.73 -3.76
C ASN A 245 -14.07 -3.98 -5.19
N LEU A 246 -14.50 -3.12 -6.12
CA LEU A 246 -14.26 -3.38 -7.53
C LEU A 246 -12.78 -3.23 -7.87
N PRO A 247 -12.30 -4.02 -8.83
CA PRO A 247 -10.91 -3.88 -9.29
C PRO A 247 -10.76 -2.72 -10.27
N LYS A 248 -9.58 -2.60 -10.88
CA LYS A 248 -9.32 -1.50 -11.80
C LYS A 248 -10.30 -1.52 -12.96
N THR A 249 -10.41 -2.65 -13.66
CA THR A 249 -11.32 -2.84 -14.78
C THR A 249 -11.19 -1.73 -15.83
N PRO A 250 -10.09 -1.71 -16.58
CA PRO A 250 -9.94 -0.67 -17.61
C PRO A 250 -10.92 -0.79 -18.75
N TYR A 251 -11.53 -1.94 -18.96
CA TYR A 251 -12.50 -2.18 -20.00
C TYR A 251 -13.92 -2.07 -19.45
N MET A 252 -14.91 -2.44 -20.26
CA MET A 252 -16.32 -2.20 -19.94
C MET A 252 -16.86 -3.37 -19.13
N THR A 253 -17.08 -3.14 -17.84
CA THR A 253 -17.62 -4.13 -16.93
C THR A 253 -19.13 -4.18 -17.02
N TYR A 254 -19.71 -5.31 -16.61
CA TYR A 254 -21.17 -5.38 -16.48
C TYR A 254 -21.67 -4.46 -15.39
N THR A 255 -21.09 -4.56 -14.20
CA THR A 255 -21.49 -3.66 -13.11
C THR A 255 -21.07 -2.23 -13.37
N GLY A 256 -20.18 -1.99 -14.33
CA GLY A 256 -19.89 -0.66 -14.81
C GLY A 256 -20.84 -0.17 -15.88
N ALA A 257 -21.79 -1.01 -16.29
CA ALA A 257 -22.82 -0.62 -17.23
C ALA A 257 -24.15 -0.38 -16.57
N ILE A 258 -24.43 -1.04 -15.45
CA ILE A 258 -25.61 -0.72 -14.67
C ILE A 258 -25.45 0.65 -14.01
N ILE A 259 -24.25 0.97 -13.54
CA ILE A 259 -24.02 2.25 -12.89
C ILE A 259 -24.19 3.39 -13.89
N PHE A 260 -23.65 3.25 -15.10
CA PHE A 260 -23.85 4.28 -16.10
C PHE A 260 -25.32 4.40 -16.49
N MET A 261 -26.02 3.28 -16.55
CA MET A 261 -27.45 3.31 -16.82
C MET A 261 -28.18 4.10 -15.74
N ILE A 262 -27.76 3.93 -14.49
CA ILE A 262 -28.40 4.65 -13.39
C ILE A 262 -28.09 6.14 -13.48
N TYR A 263 -26.88 6.50 -13.89
CA TYR A 263 -26.57 7.91 -14.11
C TYR A 263 -27.45 8.51 -15.20
N LEU A 264 -27.61 7.76 -16.30
CA LEU A 264 -28.49 8.23 -17.37
C LEU A 264 -29.92 8.38 -16.88
N PHE A 265 -30.37 7.47 -16.02
CA PHE A 265 -31.72 7.57 -15.48
C PHE A 265 -31.87 8.79 -14.58
N TYR A 266 -30.83 9.12 -13.81
CA TYR A 266 -30.89 10.35 -13.02
C TYR A 266 -30.99 11.58 -13.92
N PHE A 267 -30.21 11.60 -15.00
CA PHE A 267 -30.30 12.71 -15.94
C PHE A 267 -31.69 12.83 -16.54
N VAL A 268 -32.27 11.71 -16.97
CA VAL A 268 -33.59 11.75 -17.57
C VAL A 268 -34.64 12.14 -16.54
N ALA A 269 -34.48 11.71 -15.29
CA ALA A 269 -35.41 12.13 -14.24
C ALA A 269 -35.34 13.63 -14.00
N VAL A 270 -34.12 14.19 -14.01
CA VAL A 270 -33.99 15.64 -13.85
C VAL A 270 -34.66 16.35 -15.02
N ILE A 271 -34.46 15.85 -16.23
CA ILE A 271 -35.11 16.47 -17.39
C ILE A 271 -36.63 16.40 -17.26
N GLU A 272 -37.14 15.26 -16.80
CA GLU A 272 -38.59 15.12 -16.64
C GLU A 272 -39.14 16.06 -15.59
N VAL A 273 -38.45 16.20 -14.46
CA VAL A 273 -38.91 17.12 -13.42
C VAL A 273 -38.90 18.54 -13.95
N THR A 274 -37.85 18.91 -14.69
CA THR A 274 -37.79 20.24 -15.26
C THR A 274 -38.91 20.48 -16.25
N VAL A 275 -39.21 19.49 -17.08
CA VAL A 275 -40.29 19.63 -18.06
C VAL A 275 -41.63 19.78 -17.34
N GLN A 276 -41.85 18.98 -16.30
CA GLN A 276 -43.07 19.11 -15.51
C GLN A 276 -43.22 20.51 -14.96
N HIS A 277 -42.17 21.04 -14.33
CA HIS A 277 -42.26 22.38 -13.75
C HIS A 277 -42.43 23.44 -14.83
N TYR A 278 -41.72 23.29 -15.95
CA TYR A 278 -41.78 24.26 -17.04
C TYR A 278 -43.17 24.35 -17.62
N LEU A 279 -43.83 23.20 -17.80
CA LEU A 279 -45.20 23.23 -18.31
C LEU A 279 -46.19 23.66 -17.25
N LYS A 280 -45.94 23.34 -15.99
CA LYS A 280 -46.87 23.69 -14.92
C LYS A 280 -46.87 25.19 -14.66
N VAL A 281 -45.72 25.85 -14.82
CA VAL A 281 -45.66 27.27 -14.52
C VAL A 281 -46.36 28.12 -15.58
N GLU A 282 -46.30 27.72 -16.85
CA GLU A 282 -46.92 28.50 -17.93
C GLU A 282 -48.29 27.94 -18.34
N SER A 283 -49.18 27.81 -17.36
CA SER A 283 -50.61 27.60 -17.61
C SER A 283 -50.88 26.39 -18.51
N GLN A 284 -50.13 25.31 -18.31
CA GLN A 284 -50.39 24.03 -18.98
C GLN A 284 -50.37 22.89 -17.96
N PRO A 285 -51.29 22.91 -16.99
CA PRO A 285 -51.28 21.83 -15.99
C PRO A 285 -51.66 20.47 -16.57
N ALA A 286 -52.47 20.45 -17.63
CA ALA A 286 -52.89 19.17 -18.20
C ALA A 286 -51.71 18.41 -18.78
N ARG A 287 -50.85 19.10 -19.53
CA ARG A 287 -49.68 18.45 -20.11
C ARG A 287 -48.71 17.98 -19.04
N ALA A 288 -48.51 18.80 -17.99
CA ALA A 288 -47.62 18.40 -16.91
C ALA A 288 -48.16 17.17 -16.19
N ALA A 289 -49.46 17.15 -15.91
CA ALA A 289 -50.06 15.98 -15.27
C ALA A 289 -49.95 14.75 -16.16
N SER A 290 -50.18 14.92 -17.46
CA SER A 290 -50.07 13.78 -18.37
C SER A 290 -48.65 13.22 -18.41
N ILE A 291 -47.65 14.11 -18.47
CA ILE A 291 -46.27 13.67 -18.50
C ILE A 291 -45.90 12.97 -17.19
N THR A 292 -46.34 13.52 -16.07
CA THR A 292 -46.04 12.90 -14.78
C THR A 292 -46.67 11.51 -14.68
N ARG A 293 -47.95 11.41 -15.07
CA ARG A 293 -48.64 10.13 -14.98
C ARG A 293 -48.02 9.10 -15.93
N ALA A 294 -47.62 9.53 -17.12
CA ALA A 294 -46.93 8.61 -18.02
C ALA A 294 -45.59 8.18 -17.45
N SER A 295 -44.83 9.11 -16.90
CA SER A 295 -43.50 8.79 -16.38
C SER A 295 -43.57 7.84 -15.20
N ARG A 296 -44.61 7.95 -14.37
CA ARG A 296 -44.74 7.07 -13.21
C ARG A 296 -44.61 5.60 -13.61
N ILE A 297 -45.16 5.23 -14.75
CA ILE A 297 -45.13 3.84 -15.22
C ILE A 297 -44.00 3.64 -16.21
N ALA A 298 -43.62 4.70 -16.92
CA ALA A 298 -42.63 4.58 -17.97
C ALA A 298 -41.21 4.47 -17.45
N PHE A 299 -40.93 4.95 -16.25
CA PHE A 299 -39.56 4.86 -15.77
C PHE A 299 -39.21 3.45 -15.30
N PRO A 300 -39.99 2.82 -14.41
CA PRO A 300 -39.63 1.44 -14.01
C PRO A 300 -39.63 0.45 -15.15
N VAL A 301 -40.56 0.59 -16.10
CA VAL A 301 -40.62 -0.33 -17.22
C VAL A 301 -39.38 -0.18 -18.09
N VAL A 302 -38.97 1.06 -18.38
CA VAL A 302 -37.77 1.26 -19.18
C VAL A 302 -36.54 0.78 -18.45
N PHE A 303 -36.51 0.94 -17.12
CA PHE A 303 -35.38 0.40 -16.36
C PHE A 303 -35.33 -1.12 -16.44
N LEU A 304 -36.47 -1.78 -16.33
CA LEU A 304 -36.48 -3.24 -16.46
C LEU A 304 -36.02 -3.67 -17.85
N LEU A 305 -36.48 -2.98 -18.89
CA LEU A 305 -36.05 -3.31 -20.24
C LEU A 305 -34.56 -3.10 -20.41
N ALA A 306 -34.02 -2.01 -19.86
CA ALA A 306 -32.59 -1.76 -19.97
C ALA A 306 -31.78 -2.82 -19.24
N ASN A 307 -32.25 -3.24 -18.06
CA ASN A 307 -31.54 -4.30 -17.34
C ASN A 307 -31.58 -5.61 -18.11
N ILE A 308 -32.73 -5.93 -18.71
CA ILE A 308 -32.81 -7.16 -19.51
C ILE A 308 -31.86 -7.09 -20.69
N ILE A 309 -31.80 -5.93 -21.37
CA ILE A 309 -30.91 -5.77 -22.51
C ILE A 309 -29.46 -5.92 -22.08
N LEU A 310 -29.08 -5.29 -20.97
CA LEU A 310 -27.70 -5.41 -20.50
C LEU A 310 -27.36 -6.84 -20.13
N ALA A 311 -28.30 -7.55 -19.50
CA ALA A 311 -28.06 -8.95 -19.17
C ALA A 311 -27.86 -9.78 -20.44
N PHE A 312 -28.66 -9.51 -21.48
CA PHE A 312 -28.52 -10.27 -22.71
C PHE A 312 -27.20 -9.99 -23.41
N LEU A 313 -26.79 -8.71 -23.49
CA LEU A 313 -25.51 -8.39 -24.11
C LEU A 313 -24.31 -8.80 -23.28
N PHE A 314 -24.47 -9.01 -21.97
CA PHE A 314 -23.34 -9.42 -21.15
C PHE A 314 -23.32 -10.92 -20.85
N PHE A 315 -24.47 -11.57 -20.82
CA PHE A 315 -24.51 -13.01 -20.56
C PHE A 315 -24.89 -13.77 -21.83
N VAL B 5 25.46 -33.92 10.02
CA VAL B 5 25.54 -34.86 11.13
C VAL B 5 24.32 -35.76 11.14
N SER B 6 24.55 -37.06 11.28
CA SER B 6 23.46 -38.02 11.32
C SER B 6 22.68 -37.86 12.62
N PRO B 7 21.40 -38.22 12.62
CA PRO B 7 20.63 -38.16 13.86
C PRO B 7 21.19 -39.11 14.89
N PRO B 8 21.00 -38.83 16.17
CA PRO B 8 21.55 -39.70 17.22
C PRO B 8 20.97 -41.10 17.11
N PRO B 9 21.78 -42.11 17.41
CA PRO B 9 21.32 -43.50 17.24
C PRO B 9 20.18 -43.82 18.19
N PRO B 10 19.04 -44.26 17.66
CA PRO B 10 17.93 -44.68 18.54
C PRO B 10 18.30 -45.96 19.27
N ILE B 11 18.21 -45.91 20.60
CA ILE B 11 18.54 -47.09 21.41
C ILE B 11 17.57 -48.23 21.12
N ALA B 12 16.31 -47.90 20.87
CA ALA B 12 15.29 -48.88 20.55
C ALA B 12 14.40 -48.31 19.45
N ASP B 13 13.25 -48.95 19.22
CA ASP B 13 12.29 -48.50 18.22
C ASP B 13 11.41 -47.37 18.73
N GLU B 14 11.73 -46.79 19.88
CA GLU B 14 10.93 -45.69 20.42
C GLU B 14 11.11 -44.45 19.53
N PRO B 15 10.02 -43.85 19.05
CA PRO B 15 10.15 -42.65 18.21
C PRO B 15 10.82 -41.52 18.97
N LEU B 16 11.64 -40.75 18.25
CA LEU B 16 12.37 -39.63 18.84
C LEU B 16 11.40 -38.47 19.04
N THR B 17 10.70 -38.48 20.18
CA THR B 17 9.75 -37.43 20.50
C THR B 17 10.52 -36.17 20.89
N VAL B 18 10.14 -35.04 20.29
CA VAL B 18 10.78 -33.76 20.54
C VAL B 18 9.81 -32.87 21.31
N ASN B 19 10.29 -32.28 22.41
CA ASN B 19 9.47 -31.37 23.20
C ASN B 19 9.51 -30.00 22.56
N THR B 20 8.34 -29.46 22.24
CA THR B 20 8.25 -28.20 21.50
C THR B 20 7.21 -27.29 22.14
N GLY B 21 7.33 -26.01 21.85
CA GLY B 21 6.41 -25.01 22.36
C GLY B 21 6.82 -23.61 21.98
N ILE B 22 5.85 -22.76 21.65
CA ILE B 22 6.11 -21.40 21.19
C ILE B 22 5.72 -20.43 22.29
N TYR B 23 6.63 -19.54 22.66
CA TYR B 23 6.37 -18.47 23.62
C TYR B 23 6.17 -17.20 22.82
N LEU B 24 4.91 -16.77 22.68
CA LEU B 24 4.58 -15.65 21.82
C LEU B 24 5.19 -14.36 22.35
N ILE B 25 5.59 -13.48 21.43
CA ILE B 25 6.20 -12.20 21.75
C ILE B 25 5.37 -11.04 21.22
N GLU B 26 5.16 -10.97 19.91
CA GLU B 26 4.44 -9.85 19.31
C GLU B 26 3.60 -10.39 18.16
N CYS B 27 2.31 -10.53 18.39
CA CYS B 27 1.35 -10.93 17.36
C CYS B 27 0.73 -9.66 16.82
N TYR B 28 1.22 -9.21 15.67
CA TYR B 28 0.88 -7.92 15.10
C TYR B 28 0.48 -8.10 13.64
N SER B 29 0.04 -7.00 13.03
CA SER B 29 -0.39 -6.99 11.64
C SER B 29 -1.45 -8.06 11.38
N LEU B 30 -2.45 -8.10 12.25
CA LEU B 30 -3.41 -9.19 12.23
C LEU B 30 -4.23 -9.23 10.94
N ASP B 31 -4.22 -8.16 10.15
CA ASP B 31 -4.87 -8.18 8.86
C ASP B 31 -4.09 -7.25 7.93
N ASP B 32 -3.16 -7.83 7.16
CA ASP B 32 -2.48 -7.05 6.13
C ASP B 32 -3.50 -6.49 5.14
N LYS B 33 -4.35 -7.36 4.59
CA LYS B 33 -5.59 -6.92 3.97
C LYS B 33 -6.80 -7.45 4.75
N ALA B 34 -6.95 -8.77 4.88
CA ALA B 34 -7.90 -9.33 5.84
C ALA B 34 -7.46 -10.61 6.52
N GLU B 35 -6.33 -11.22 6.15
CA GLU B 35 -6.12 -12.62 6.47
C GLU B 35 -4.87 -12.91 7.30
N THR B 36 -3.69 -12.44 6.90
CA THR B 36 -2.46 -12.89 7.55
C THR B 36 -2.18 -12.09 8.81
N PHE B 37 -1.52 -12.73 9.77
CA PHE B 37 -0.95 -12.06 10.93
C PHE B 37 0.49 -12.53 11.10
N LYS B 38 1.34 -11.63 11.58
CA LYS B 38 2.76 -11.92 11.70
C LYS B 38 3.12 -12.18 13.16
N VAL B 39 4.06 -13.10 13.36
CA VAL B 39 4.53 -13.48 14.69
C VAL B 39 6.04 -13.30 14.72
N ASN B 40 6.56 -12.88 15.87
CA ASN B 40 7.99 -12.71 16.10
C ASN B 40 8.39 -13.40 17.41
N ALA B 41 7.94 -14.62 17.59
CA ALA B 41 8.05 -15.34 18.85
C ALA B 41 9.23 -16.29 18.87
N PHE B 42 9.50 -16.84 20.05
CA PHE B 42 10.49 -17.88 20.25
C PHE B 42 9.80 -19.24 20.29
N LEU B 43 10.51 -20.27 19.84
CA LEU B 43 10.06 -21.65 19.97
C LEU B 43 11.16 -22.46 20.64
N SER B 44 10.77 -23.26 21.62
CA SER B 44 11.71 -24.05 22.42
C SER B 44 11.64 -25.51 22.00
N LEU B 45 12.79 -26.10 21.71
CA LEU B 45 12.87 -27.49 21.29
C LEU B 45 13.74 -28.27 22.27
N SER B 46 13.24 -29.41 22.72
CA SER B 46 13.95 -30.30 23.61
C SER B 46 13.81 -31.73 23.09
N TRP B 47 14.93 -32.45 23.04
CA TRP B 47 14.92 -33.84 22.59
C TRP B 47 16.01 -34.59 23.35
N LYS B 48 16.34 -35.79 22.87
CA LYS B 48 17.35 -36.64 23.50
C LYS B 48 18.42 -36.98 22.47
N ASP B 49 19.66 -36.60 22.76
CA ASP B 49 20.80 -36.88 21.89
C ASP B 49 21.92 -37.51 22.69
N ARG B 50 22.79 -38.24 22.00
CA ARG B 50 23.94 -38.90 22.62
C ARG B 50 25.08 -37.90 22.84
N ARG B 51 24.74 -36.84 23.57
CA ARG B 51 25.69 -35.79 23.92
C ARG B 51 26.34 -36.14 25.26
N LEU B 52 27.00 -35.15 25.88
CA LEU B 52 27.73 -35.38 27.13
C LEU B 52 26.82 -35.97 28.19
N ALA B 53 27.32 -37.00 28.87
CA ALA B 53 26.60 -37.67 29.95
C ALA B 53 26.83 -36.90 31.25
N PHE B 54 26.49 -37.52 32.38
CA PHE B 54 26.67 -36.89 33.68
C PHE B 54 28.13 -36.47 33.86
N ASP B 55 28.33 -35.25 34.34
CA ASP B 55 29.64 -34.60 34.33
C ASP B 55 29.96 -34.07 35.72
N PRO B 56 30.35 -34.95 36.65
CA PRO B 56 30.75 -34.49 37.99
C PRO B 56 32.17 -33.93 37.99
N VAL B 57 32.27 -32.60 38.02
CA VAL B 57 33.54 -31.87 38.15
C VAL B 57 34.61 -32.40 37.21
N ARG B 58 34.29 -32.49 35.92
CA ARG B 58 35.32 -32.83 34.93
C ARG B 58 35.52 -31.68 33.95
N SER B 59 34.42 -31.19 33.35
CA SER B 59 34.53 -30.06 32.44
C SER B 59 34.12 -28.76 33.14
N GLY B 60 33.22 -28.85 34.11
CA GLY B 60 32.82 -27.69 34.89
C GLY B 60 31.74 -26.84 34.27
N VAL B 61 31.17 -27.25 33.14
CA VAL B 61 30.14 -26.48 32.45
C VAL B 61 28.88 -27.34 32.35
N ARG B 62 27.75 -26.78 32.78
CA ARG B 62 26.46 -27.47 32.72
C ARG B 62 25.76 -27.19 31.39
N VAL B 63 25.54 -25.93 31.07
CA VAL B 63 24.91 -25.54 29.79
C VAL B 63 26.06 -25.34 28.81
N LYS B 64 26.48 -26.44 28.18
CA LYS B 64 27.56 -26.42 27.21
C LYS B 64 27.01 -25.93 25.88
N THR B 65 27.15 -24.64 25.62
CA THR B 65 26.65 -24.06 24.38
C THR B 65 27.40 -24.66 23.18
N TYR B 66 26.66 -24.97 22.13
CA TYR B 66 27.22 -25.53 20.92
C TYR B 66 26.85 -24.66 19.73
N GLU B 67 27.64 -24.78 18.67
CA GLU B 67 27.37 -24.01 17.46
C GLU B 67 26.04 -24.45 16.85
N PRO B 68 25.27 -23.52 16.29
CA PRO B 68 23.99 -23.91 15.67
C PRO B 68 24.14 -24.91 14.54
N GLU B 69 25.24 -24.84 13.78
CA GLU B 69 25.46 -25.75 12.66
C GLU B 69 26.26 -26.99 13.05
N ALA B 70 26.66 -27.11 14.31
CA ALA B 70 27.48 -28.26 14.72
C ALA B 70 26.60 -29.47 15.04
N ILE B 71 25.73 -29.35 16.03
CA ILE B 71 24.89 -30.48 16.45
C ILE B 71 23.67 -30.56 15.54
N TRP B 72 23.31 -31.79 15.17
CA TRP B 72 22.10 -32.00 14.40
C TRP B 72 20.87 -31.56 15.18
N ILE B 73 19.93 -30.92 14.49
CA ILE B 73 18.66 -30.52 15.08
C ILE B 73 17.53 -31.04 14.19
N PRO B 74 16.40 -31.44 14.76
CA PRO B 74 15.30 -31.94 13.93
C PRO B 74 14.74 -30.84 13.03
N GLU B 75 14.30 -31.25 11.85
CA GLU B 75 13.75 -30.33 10.87
C GLU B 75 12.27 -30.12 11.17
N ILE B 76 11.94 -28.98 11.77
CA ILE B 76 10.56 -28.61 12.05
C ILE B 76 10.23 -27.40 11.18
N ARG B 77 9.20 -27.54 10.35
CA ARG B 77 8.85 -26.51 9.37
C ARG B 77 7.37 -26.19 9.50
N PHE B 78 7.05 -24.90 9.41
CA PHE B 78 5.67 -24.45 9.49
C PHE B 78 4.94 -24.75 8.18
N VAL B 79 3.68 -25.16 8.28
CA VAL B 79 2.93 -25.51 7.09
C VAL B 79 2.27 -24.27 6.48
N ASN B 80 1.50 -23.53 7.29
CA ASN B 80 0.71 -22.41 6.78
C ASN B 80 1.45 -21.10 7.02
N VAL B 81 2.48 -20.87 6.21
CA VAL B 81 3.26 -19.64 6.24
C VAL B 81 3.61 -19.21 4.82
N GLU B 82 3.91 -17.92 4.67
CA GLU B 82 4.31 -17.39 3.37
C GLU B 82 5.60 -18.04 2.89
N ASN B 83 6.63 -18.02 3.73
CA ASN B 83 7.92 -18.62 3.40
C ASN B 83 8.48 -19.24 4.66
N ALA B 84 9.65 -19.87 4.54
CA ALA B 84 10.28 -20.50 5.68
C ALA B 84 10.52 -19.48 6.78
N ARG B 85 10.29 -19.91 8.02
CA ARG B 85 10.41 -19.01 9.15
C ARG B 85 11.83 -18.46 9.24
N ASP B 86 11.94 -17.16 9.57
CA ASP B 86 13.24 -16.52 9.68
C ASP B 86 13.89 -17.00 10.98
N ALA B 87 14.34 -18.26 11.00
CA ALA B 87 14.89 -18.83 12.22
C ALA B 87 16.23 -18.18 12.55
N ASP B 88 16.38 -17.77 13.80
CA ASP B 88 17.63 -17.20 14.30
C ASP B 88 17.92 -17.88 15.64
N VAL B 89 18.94 -18.73 15.66
CA VAL B 89 19.25 -19.50 16.86
C VAL B 89 19.73 -18.56 17.95
N VAL B 90 19.14 -18.70 19.14
CA VAL B 90 19.48 -17.88 20.29
C VAL B 90 20.42 -18.59 21.24
N ASP B 91 20.07 -19.81 21.66
CA ASP B 91 20.87 -20.53 22.64
C ASP B 91 20.58 -22.01 22.53
N ILE B 92 21.60 -22.80 22.20
CA ILE B 92 21.51 -24.25 22.21
C ILE B 92 22.26 -24.73 23.45
N SER B 93 21.52 -25.06 24.50
CA SER B 93 22.11 -25.53 25.75
C SER B 93 21.84 -27.03 25.87
N VAL B 94 22.90 -27.81 25.95
CA VAL B 94 22.80 -29.25 26.15
C VAL B 94 23.17 -29.58 27.58
N SER B 95 22.32 -30.32 28.24
CA SER B 95 22.57 -30.65 29.63
C SER B 95 23.28 -32.00 29.75
N PRO B 96 24.04 -32.19 30.82
CA PRO B 96 24.68 -33.51 31.03
C PRO B 96 23.68 -34.64 31.18
N ASP B 97 22.43 -34.35 31.54
CA ASP B 97 21.42 -35.40 31.63
C ASP B 97 21.20 -36.10 30.30
N GLY B 98 21.36 -35.38 29.19
CA GLY B 98 21.23 -35.98 27.88
C GLY B 98 20.15 -35.35 27.02
N THR B 99 19.77 -34.12 27.34
CA THR B 99 18.75 -33.39 26.59
C THR B 99 19.33 -32.09 26.06
N VAL B 100 18.85 -31.68 24.88
CA VAL B 100 19.29 -30.47 24.21
C VAL B 100 18.14 -29.48 24.24
N GLN B 101 18.37 -28.32 24.82
CA GLN B 101 17.37 -27.25 24.86
C GLN B 101 17.69 -26.28 23.73
N TYR B 102 16.86 -26.30 22.69
CA TYR B 102 17.04 -25.45 21.52
C TYR B 102 16.01 -24.33 21.56
N LEU B 103 16.48 -23.09 21.37
CA LEU B 103 15.62 -21.92 21.45
C LEU B 103 16.00 -20.98 20.31
N GLU B 104 15.08 -20.77 19.37
CA GLU B 104 15.31 -19.93 18.21
C GLU B 104 14.19 -18.93 18.05
N ARG B 105 14.53 -17.71 17.67
CA ARG B 105 13.55 -16.67 17.41
C ARG B 105 13.26 -16.63 15.92
N PHE B 106 11.98 -16.73 15.56
CA PHE B 106 11.54 -16.74 14.18
C PHE B 106 10.48 -15.68 13.96
N SER B 107 10.45 -15.13 12.76
CA SER B 107 9.46 -14.14 12.36
C SER B 107 8.78 -14.66 11.10
N ALA B 108 7.74 -15.47 11.29
CA ALA B 108 7.01 -16.07 10.19
C ALA B 108 5.72 -15.31 9.93
N ARG B 109 5.29 -15.32 8.67
CA ARG B 109 4.03 -14.69 8.27
C ARG B 109 2.96 -15.78 8.27
N VAL B 110 2.43 -16.05 9.46
CA VAL B 110 1.50 -17.15 9.64
C VAL B 110 0.21 -16.89 8.87
N LEU B 111 -0.33 -17.95 8.27
CA LEU B 111 -1.60 -17.89 7.55
C LEU B 111 -2.70 -18.46 8.43
N SER B 112 -3.82 -17.77 8.48
CA SER B 112 -4.98 -18.25 9.23
C SER B 112 -6.25 -17.59 8.70
N PRO B 113 -7.29 -18.36 8.45
CA PRO B 113 -8.54 -17.76 7.97
C PRO B 113 -9.20 -16.96 9.08
N LEU B 114 -9.71 -15.78 8.71
CA LEU B 114 -10.42 -14.90 9.62
C LEU B 114 -11.91 -14.98 9.30
N ASP B 115 -12.72 -15.30 10.30
CA ASP B 115 -14.15 -15.54 10.12
C ASP B 115 -14.91 -14.35 10.70
N PHE B 116 -15.16 -13.35 9.85
CA PHE B 116 -15.90 -12.16 10.27
C PHE B 116 -17.39 -12.32 10.04
N ARG B 117 -17.98 -13.41 10.52
CA ARG B 117 -19.43 -13.57 10.39
C ARG B 117 -20.16 -12.84 11.50
N ARG B 118 -19.48 -12.45 12.56
CA ARG B 118 -20.05 -11.70 13.67
C ARG B 118 -19.10 -10.58 14.06
N TYR B 119 -18.64 -9.82 13.06
CA TYR B 119 -17.46 -8.97 13.12
C TYR B 119 -17.29 -8.21 14.42
N PRO B 120 -18.24 -7.38 14.86
CA PRO B 120 -17.99 -6.61 16.09
C PRO B 120 -17.80 -7.48 17.31
N PHE B 121 -18.38 -8.68 17.33
CA PHE B 121 -18.44 -9.50 18.53
C PHE B 121 -17.80 -10.87 18.31
N ASP B 122 -16.96 -11.01 17.29
CA ASP B 122 -16.49 -12.32 16.88
C ASP B 122 -15.45 -12.85 17.85
N SER B 123 -15.05 -14.10 17.63
CA SER B 123 -13.99 -14.73 18.43
C SER B 123 -13.26 -15.71 17.51
N GLN B 124 -12.17 -15.25 16.93
CA GLN B 124 -11.43 -16.03 15.94
C GLN B 124 -10.62 -17.14 16.61
N THR B 125 -10.00 -17.97 15.78
CA THR B 125 -9.14 -19.06 16.25
C THR B 125 -7.97 -19.17 15.28
N LEU B 126 -6.87 -18.52 15.63
CA LEU B 126 -5.68 -18.58 14.80
C LEU B 126 -5.03 -19.96 14.89
N HIS B 127 -4.29 -20.33 13.85
CA HIS B 127 -3.73 -21.65 13.74
C HIS B 127 -2.25 -21.59 13.38
N ILE B 128 -1.49 -22.54 13.93
CA ILE B 128 -0.10 -22.76 13.55
C ILE B 128 0.10 -24.28 13.45
N TYR B 129 0.65 -24.72 12.33
CA TYR B 129 0.83 -26.15 12.04
C TYR B 129 2.29 -26.52 12.12
N LEU B 130 2.57 -27.69 12.67
CA LEU B 130 3.93 -28.18 12.82
C LEU B 130 4.06 -29.57 12.19
N ILE B 131 5.14 -29.77 11.43
CA ILE B 131 5.46 -31.05 10.82
C ILE B 131 6.95 -31.30 10.97
N VAL B 132 7.30 -32.57 11.12
CA VAL B 132 8.69 -33.00 11.26
C VAL B 132 9.01 -33.99 10.13
N ARG B 133 10.10 -33.74 9.42
CA ARG B 133 10.54 -34.62 8.34
C ARG B 133 11.35 -35.77 8.94
N SER B 134 10.76 -36.94 9.03
CA SER B 134 11.46 -38.11 9.55
C SER B 134 12.55 -38.54 8.57
N VAL B 135 13.68 -38.99 9.11
CA VAL B 135 14.84 -39.40 8.32
C VAL B 135 15.02 -40.91 8.37
N ASP B 136 15.28 -41.46 9.56
CA ASP B 136 15.51 -42.88 9.74
C ASP B 136 14.38 -43.55 10.51
N THR B 137 13.99 -42.96 11.64
CA THR B 137 12.86 -43.44 12.42
C THR B 137 11.78 -42.36 12.46
N ARG B 138 10.55 -42.79 12.73
CA ARG B 138 9.44 -41.85 12.82
C ARG B 138 9.64 -40.90 13.99
N ASN B 139 9.44 -39.61 13.75
CA ASN B 139 9.51 -38.59 14.78
C ASN B 139 8.10 -38.16 15.13
N ILE B 140 7.76 -38.23 16.41
CA ILE B 140 6.45 -37.83 16.90
C ILE B 140 6.63 -36.46 17.58
N VAL B 141 5.95 -35.45 17.04
CA VAL B 141 6.08 -34.09 17.52
C VAL B 141 4.92 -33.80 18.46
N LEU B 142 4.16 -34.83 18.81
CA LEU B 142 3.00 -34.66 19.68
C LEU B 142 3.40 -34.21 21.08
N ALA B 143 4.68 -34.29 21.42
CA ALA B 143 5.15 -33.86 22.73
C ALA B 143 5.08 -32.34 22.79
N VAL B 144 4.05 -31.82 23.46
CA VAL B 144 3.89 -30.39 23.71
C VAL B 144 4.43 -30.10 25.10
N ASP B 145 5.31 -29.10 25.19
CA ASP B 145 5.98 -28.82 26.46
C ASP B 145 4.98 -28.36 27.51
N LEU B 146 4.02 -27.52 27.12
CA LEU B 146 2.99 -26.98 28.01
C LEU B 146 3.56 -26.15 29.16
N GLU B 147 4.87 -25.88 29.11
CA GLU B 147 5.49 -25.00 30.10
C GLU B 147 6.34 -23.89 29.48
N LYS B 148 6.68 -23.97 28.19
CA LYS B 148 7.40 -22.92 27.49
C LYS B 148 6.50 -22.18 26.51
N VAL B 149 5.20 -22.18 26.74
CA VAL B 149 4.24 -21.52 25.85
C VAL B 149 3.58 -20.36 26.60
N GLY B 150 2.92 -19.50 25.84
CA GLY B 150 2.22 -18.35 26.40
C GLY B 150 2.61 -17.06 25.72
N LYS B 151 1.68 -16.10 25.73
CA LYS B 151 1.93 -14.79 25.14
C LYS B 151 2.62 -13.90 26.17
N ASN B 152 2.71 -12.62 25.88
CA ASN B 152 3.31 -11.68 26.83
C ASN B 152 2.40 -11.49 28.03
N ASP B 153 2.99 -11.01 29.12
CA ASP B 153 2.23 -10.72 30.33
C ASP B 153 1.20 -9.62 30.11
N ASP B 154 1.38 -8.79 29.07
CA ASP B 154 0.41 -7.75 28.77
C ASP B 154 -0.93 -8.34 28.35
N VAL B 155 -0.92 -9.51 27.71
CA VAL B 155 -2.12 -10.24 27.31
C VAL B 155 -2.95 -9.41 26.35
N PHE B 156 -2.36 -9.05 25.21
CA PHE B 156 -3.08 -8.33 24.16
C PHE B 156 -2.27 -8.43 22.87
N LEU B 157 -2.92 -8.86 21.80
CA LEU B 157 -2.23 -8.99 20.53
C LEU B 157 -2.10 -7.64 19.85
N THR B 158 -3.24 -7.07 19.46
CA THR B 158 -3.32 -5.72 18.94
C THR B 158 -4.62 -5.08 19.40
N GLY B 159 -5.02 -5.35 20.63
CA GLY B 159 -6.37 -5.04 21.06
C GLY B 159 -7.28 -6.25 20.93
N TRP B 160 -6.84 -7.38 21.47
CA TRP B 160 -7.59 -8.63 21.44
C TRP B 160 -7.49 -9.27 22.81
N ASP B 161 -8.43 -10.16 23.11
CA ASP B 161 -8.46 -10.87 24.37
C ASP B 161 -8.18 -12.35 24.12
N ILE B 162 -7.19 -12.89 24.82
CA ILE B 162 -6.80 -14.29 24.69
C ILE B 162 -7.63 -15.12 25.66
N GLU B 163 -8.16 -16.24 25.18
CA GLU B 163 -8.95 -17.14 26.00
C GLU B 163 -8.26 -18.46 26.31
N SER B 164 -7.59 -19.07 25.33
CA SER B 164 -6.93 -20.34 25.55
C SER B 164 -5.83 -20.51 24.52
N PHE B 165 -4.92 -21.44 24.79
CA PHE B 165 -3.84 -21.78 23.88
C PHE B 165 -3.72 -23.30 23.78
N THR B 166 -4.86 -23.96 23.55
CA THR B 166 -4.89 -25.41 23.47
C THR B 166 -4.00 -25.90 22.32
N ALA B 167 -3.19 -26.92 22.61
CA ALA B 167 -2.27 -27.50 21.63
C ALA B 167 -2.55 -28.99 21.55
N VAL B 168 -3.33 -29.39 20.54
CA VAL B 168 -3.74 -30.78 20.37
C VAL B 168 -3.10 -31.31 19.09
N VAL B 169 -2.40 -32.43 19.21
CA VAL B 169 -1.77 -33.08 18.06
C VAL B 169 -2.84 -33.93 17.38
N LYS B 170 -3.25 -33.52 16.17
CA LYS B 170 -4.31 -34.21 15.44
C LYS B 170 -3.69 -35.24 14.51
N PRO B 171 -3.97 -36.54 14.69
CA PRO B 171 -3.40 -37.53 13.79
C PRO B 171 -4.00 -37.46 12.39
N ALA B 172 -3.72 -36.37 11.68
CA ALA B 172 -4.28 -36.14 10.35
C ALA B 172 -3.18 -35.68 9.40
N ASN B 173 -3.38 -35.94 8.11
CA ASN B 173 -2.44 -35.59 7.07
C ASN B 173 -3.19 -34.97 5.89
N PHE B 174 -2.45 -34.30 5.03
CA PHE B 174 -3.00 -33.72 3.80
C PHE B 174 -2.87 -34.68 2.63
N ALA B 175 -3.29 -35.94 2.85
CA ALA B 175 -3.34 -36.97 1.81
C ALA B 175 -2.00 -37.13 1.09
N LEU B 176 -0.90 -36.89 1.79
CA LEU B 176 0.42 -36.95 1.21
C LEU B 176 1.39 -37.57 2.20
N GLU B 177 2.43 -38.22 1.66
CA GLU B 177 3.55 -38.81 2.40
C GLU B 177 3.07 -39.73 3.52
N ASP B 178 3.98 -40.09 4.42
CA ASP B 178 3.66 -40.98 5.53
C ASP B 178 3.73 -40.29 6.89
N ARG B 179 4.67 -39.37 7.09
CA ARG B 179 4.83 -38.70 8.37
C ARG B 179 3.96 -37.46 8.53
N LEU B 180 3.18 -37.08 7.51
CA LEU B 180 2.30 -35.92 7.64
C LEU B 180 1.15 -36.16 8.59
N GLU B 181 0.85 -37.42 8.92
CA GLU B 181 -0.26 -37.69 9.83
C GLU B 181 0.02 -37.16 11.23
N SER B 182 1.29 -36.95 11.58
CA SER B 182 1.66 -36.38 12.88
C SER B 182 1.85 -34.87 12.71
N LYS B 183 0.72 -34.17 12.69
CA LYS B 183 0.71 -32.71 12.67
C LYS B 183 0.43 -32.18 14.07
N LEU B 184 1.14 -31.13 14.46
CA LEU B 184 0.92 -30.49 15.75
C LEU B 184 0.20 -29.18 15.52
N ASP B 185 -0.93 -29.00 16.21
CA ASP B 185 -1.84 -27.88 15.99
C ASP B 185 -1.84 -26.95 17.19
N TYR B 186 -1.63 -25.66 16.94
CA TYR B 186 -1.66 -24.64 17.98
C TYR B 186 -2.91 -23.78 17.79
N GLN B 187 -3.87 -23.94 18.69
CA GLN B 187 -5.12 -23.18 18.66
C GLN B 187 -5.02 -22.04 19.64
N LEU B 188 -4.94 -20.82 19.13
CA LEU B 188 -5.00 -19.61 19.93
C LEU B 188 -6.38 -18.98 19.70
N ARG B 189 -7.32 -19.28 20.59
CA ARG B 189 -8.67 -18.77 20.47
C ARG B 189 -8.72 -17.40 21.11
N ILE B 190 -8.69 -16.36 20.28
CA ILE B 190 -8.73 -14.98 20.74
C ILE B 190 -10.13 -14.42 20.58
N SER B 191 -10.47 -13.47 21.43
CA SER B 191 -11.77 -12.79 21.37
C SER B 191 -11.54 -11.29 21.30
N ARG B 192 -12.35 -10.63 20.49
CA ARG B 192 -12.24 -9.20 20.26
C ARG B 192 -13.06 -8.45 21.28
N GLN B 193 -12.46 -7.45 21.93
CA GLN B 193 -13.21 -6.62 22.85
C GLN B 193 -13.96 -5.55 22.06
N TYR B 194 -15.23 -5.38 22.37
CA TYR B 194 -16.16 -4.65 21.52
C TYR B 194 -16.58 -3.31 22.11
N PHE B 195 -15.99 -2.87 23.22
CA PHE B 195 -16.45 -1.64 23.84
C PHE B 195 -16.25 -0.46 22.92
N SER B 196 -15.07 -0.36 22.30
CA SER B 196 -14.78 0.78 21.43
C SER B 196 -15.69 0.81 20.21
N TYR B 197 -16.08 -0.36 19.70
CA TYR B 197 -16.87 -0.37 18.48
C TYR B 197 -18.28 0.17 18.69
N ILE B 198 -18.82 0.04 19.90
CA ILE B 198 -20.17 0.53 20.16
C ILE B 198 -20.29 2.04 19.90
N PRO B 199 -19.39 2.90 20.38
CA PRO B 199 -19.43 4.30 19.96
C PRO B 199 -18.74 4.57 18.64
N ASN B 200 -17.79 3.75 18.22
CA ASN B 200 -17.08 4.06 16.98
C ASN B 200 -17.96 3.84 15.75
N ILE B 201 -18.79 2.79 15.77
CA ILE B 201 -19.52 2.38 14.57
C ILE B 201 -21.02 2.29 14.83
N ILE B 202 -21.39 1.51 15.83
CA ILE B 202 -22.79 1.12 15.99
C ILE B 202 -23.65 2.31 16.38
N LEU B 203 -23.22 3.08 17.39
CA LEU B 203 -24.07 4.15 17.90
C LEU B 203 -24.32 5.25 16.87
N PRO B 204 -23.32 5.78 16.16
CA PRO B 204 -23.62 6.87 15.21
C PRO B 204 -24.59 6.48 14.11
N MET B 205 -24.56 5.24 13.62
CA MET B 205 -25.56 4.84 12.63
C MET B 205 -26.96 4.89 13.22
N LEU B 206 -27.11 4.45 14.47
CA LEU B 206 -28.42 4.53 15.10
C LEU B 206 -28.85 5.98 15.31
N PHE B 207 -27.91 6.86 15.65
CA PHE B 207 -28.27 8.27 15.79
C PHE B 207 -28.75 8.85 14.47
N ILE B 208 -28.05 8.53 13.38
CA ILE B 208 -28.46 9.01 12.07
C ILE B 208 -29.83 8.45 11.69
N LEU B 209 -30.06 7.17 12.00
CA LEU B 209 -31.35 6.57 11.70
C LEU B 209 -32.47 7.23 12.50
N PHE B 210 -32.21 7.57 13.76
CA PHE B 210 -33.23 8.25 14.55
C PHE B 210 -33.50 9.64 14.03
N ILE B 211 -32.45 10.33 13.56
CA ILE B 211 -32.65 11.61 12.91
C ILE B 211 -33.56 11.44 11.69
N SER B 212 -33.39 10.34 10.97
CA SER B 212 -34.31 10.05 9.86
C SER B 212 -35.74 9.86 10.35
N TRP B 213 -35.91 9.02 11.38
CA TRP B 213 -37.25 8.73 11.89
C TRP B 213 -37.94 9.96 12.45
N THR B 214 -37.17 11.01 12.74
CA THR B 214 -37.77 12.28 13.11
C THR B 214 -38.81 12.74 12.10
N ALA B 215 -38.61 12.42 10.82
CA ALA B 215 -39.47 12.91 9.75
C ALA B 215 -40.93 12.54 9.91
N PHE B 216 -41.28 11.67 10.87
CA PHE B 216 -42.67 11.33 11.11
C PHE B 216 -43.36 12.27 12.09
N TRP B 217 -42.62 13.22 12.68
CA TRP B 217 -43.21 14.24 13.53
C TRP B 217 -43.32 15.58 12.83
N SER B 218 -43.43 15.57 11.51
CA SER B 218 -43.48 16.79 10.73
C SER B 218 -44.55 16.66 9.65
N THR B 219 -45.29 17.74 9.43
CA THR B 219 -46.28 17.80 8.37
C THR B 219 -45.77 18.51 7.13
N SER B 220 -44.52 18.95 7.13
CA SER B 220 -43.94 19.66 5.99
C SER B 220 -43.28 18.67 5.05
N TYR B 221 -43.64 18.73 3.77
CA TYR B 221 -43.09 17.78 2.82
C TYR B 221 -41.64 18.09 2.49
N GLU B 222 -41.31 19.37 2.29
CA GLU B 222 -39.93 19.73 1.97
C GLU B 222 -39.00 19.37 3.12
N ALA B 223 -39.42 19.66 4.36
CA ALA B 223 -38.61 19.31 5.52
C ALA B 223 -38.45 17.80 5.65
N ASN B 224 -39.52 17.05 5.39
CA ASN B 224 -39.44 15.59 5.47
C ASN B 224 -38.46 15.05 4.43
N VAL B 225 -38.54 15.55 3.20
CA VAL B 225 -37.62 15.10 2.15
C VAL B 225 -36.18 15.45 2.53
N THR B 226 -35.97 16.67 2.99
CA THR B 226 -34.61 17.05 3.40
C THR B 226 -34.09 16.10 4.48
N LEU B 227 -34.88 15.91 5.55
CA LEU B 227 -34.48 14.98 6.60
C LEU B 227 -34.10 13.62 6.03
N VAL B 228 -35.03 12.96 5.35
CA VAL B 228 -34.80 11.56 4.98
C VAL B 228 -33.66 11.44 3.98
N VAL B 229 -33.67 12.25 2.92
CA VAL B 229 -32.68 12.08 1.87
C VAL B 229 -31.29 12.53 2.34
N SER B 230 -31.20 13.69 3.00
CA SER B 230 -29.90 14.11 3.50
C SER B 230 -29.39 13.17 4.58
N THR B 231 -30.28 12.57 5.36
CA THR B 231 -29.86 11.57 6.33
C THR B 231 -29.36 10.31 5.64
N LEU B 232 -29.97 9.94 4.51
CA LEU B 232 -29.46 8.82 3.73
C LEU B 232 -28.05 9.12 3.21
N ILE B 233 -27.82 10.34 2.75
CA ILE B 233 -26.49 10.74 2.31
C ILE B 233 -25.51 10.67 3.47
N ALA B 234 -25.93 11.14 4.65
CA ALA B 234 -25.07 11.08 5.82
C ALA B 234 -24.75 9.65 6.20
N HIS B 235 -25.74 8.76 6.09
CA HIS B 235 -25.51 7.36 6.41
C HIS B 235 -24.54 6.72 5.44
N ILE B 236 -24.66 7.05 4.15
CA ILE B 236 -23.71 6.50 3.18
C ILE B 236 -22.31 7.02 3.44
N ALA B 237 -22.19 8.31 3.77
CA ALA B 237 -20.88 8.86 4.10
C ALA B 237 -20.29 8.19 5.34
N PHE B 238 -21.12 7.95 6.35
CA PHE B 238 -20.64 7.25 7.53
C PHE B 238 -20.26 5.81 7.21
N ASN B 239 -20.97 5.18 6.28
CA ASN B 239 -20.61 3.85 5.84
C ASN B 239 -19.23 3.86 5.18
N ILE B 240 -18.96 4.88 4.37
CA ILE B 240 -17.63 5.03 3.78
C ILE B 240 -16.59 5.18 4.88
N LEU B 241 -16.90 5.97 5.90
CA LEU B 241 -15.95 6.18 6.99
C LEU B 241 -15.68 4.87 7.75
N VAL B 242 -16.73 4.09 7.97
CA VAL B 242 -16.58 2.82 8.69
C VAL B 242 -15.80 1.80 7.85
N GLU B 243 -16.00 1.81 6.53
CA GLU B 243 -15.50 0.75 5.67
C GLU B 243 -13.99 0.59 5.77
N THR B 244 -13.26 1.62 6.19
CA THR B 244 -11.82 1.47 6.38
C THR B 244 -11.52 0.43 7.46
N ASN B 245 -12.28 0.44 8.55
CA ASN B 245 -12.07 -0.54 9.60
C ASN B 245 -12.39 -1.95 9.12
N LEU B 246 -13.50 -2.10 8.40
CA LEU B 246 -13.97 -3.43 8.03
C LEU B 246 -13.03 -4.08 7.01
N PRO B 247 -12.90 -5.40 7.08
CA PRO B 247 -12.09 -6.11 6.07
C PRO B 247 -12.87 -6.33 4.78
N LYS B 248 -12.30 -7.11 3.86
CA LYS B 248 -12.95 -7.34 2.57
C LYS B 248 -14.33 -7.98 2.76
N THR B 249 -14.39 -9.09 3.48
CA THR B 249 -15.63 -9.81 3.79
C THR B 249 -16.43 -10.11 2.52
N PRO B 250 -15.98 -11.03 1.66
CA PRO B 250 -16.75 -11.34 0.45
C PRO B 250 -18.07 -12.01 0.72
N TYR B 251 -18.26 -12.60 1.90
CA TYR B 251 -19.50 -13.26 2.28
C TYR B 251 -20.36 -12.33 3.14
N MET B 252 -21.43 -12.86 3.71
CA MET B 252 -22.45 -12.06 4.39
C MET B 252 -22.06 -11.86 5.85
N THR B 253 -21.64 -10.65 6.18
CA THR B 253 -21.25 -10.28 7.54
C THR B 253 -22.47 -9.92 8.37
N TYR B 254 -22.33 -10.01 9.69
CA TYR B 254 -23.38 -9.51 10.57
C TYR B 254 -23.51 -8.00 10.45
N THR B 255 -22.40 -7.28 10.60
CA THR B 255 -22.45 -5.83 10.45
C THR B 255 -22.74 -5.40 9.01
N GLY B 256 -22.61 -6.31 8.06
CA GLY B 256 -23.09 -6.08 6.71
C GLY B 256 -24.55 -6.40 6.50
N ALA B 257 -25.23 -6.88 7.54
CA ALA B 257 -26.66 -7.11 7.50
C ALA B 257 -27.45 -6.05 8.25
N ILE B 258 -26.85 -5.43 9.26
CA ILE B 258 -27.48 -4.27 9.90
C ILE B 258 -27.49 -3.09 8.94
N ILE B 259 -26.40 -2.90 8.19
CA ILE B 259 -26.32 -1.78 7.26
C ILE B 259 -27.35 -1.92 6.15
N PHE B 260 -27.50 -3.13 5.60
CA PHE B 260 -28.53 -3.33 4.58
C PHE B 260 -29.92 -3.13 5.17
N MET B 261 -30.14 -3.55 6.41
CA MET B 261 -31.41 -3.31 7.07
C MET B 261 -31.68 -1.82 7.19
N ILE B 262 -30.64 -1.03 7.49
CA ILE B 262 -30.81 0.41 7.60
C ILE B 262 -31.12 1.04 6.25
N TYR B 263 -30.50 0.52 5.18
CA TYR B 263 -30.85 1.00 3.84
C TYR B 263 -32.31 0.70 3.51
N LEU B 264 -32.77 -0.50 3.85
CA LEU B 264 -34.16 -0.85 3.62
C LEU B 264 -35.09 0.05 4.43
N PHE B 265 -34.68 0.40 5.64
CA PHE B 265 -35.48 1.29 6.46
C PHE B 265 -35.55 2.70 5.88
N TYR B 266 -34.45 3.17 5.29
CA TYR B 266 -34.49 4.46 4.60
C TYR B 266 -35.45 4.41 3.42
N PHE B 267 -35.42 3.32 2.66
CA PHE B 267 -36.34 3.20 1.53
C PHE B 267 -37.79 3.20 2.01
N VAL B 268 -38.08 2.45 3.07
CA VAL B 268 -39.45 2.39 3.57
C VAL B 268 -39.87 3.73 4.15
N ALA B 269 -38.95 4.45 4.78
CA ALA B 269 -39.27 5.78 5.28
C ALA B 269 -39.59 6.74 4.15
N VAL B 270 -38.84 6.67 3.05
CA VAL B 270 -39.14 7.51 1.90
C VAL B 270 -40.52 7.16 1.35
N ILE B 271 -40.83 5.87 1.25
CA ILE B 271 -42.14 5.47 0.76
C ILE B 271 -43.24 5.99 1.67
N GLU B 272 -43.02 5.93 2.99
CA GLU B 272 -44.02 6.40 3.93
C GLU B 272 -44.22 7.91 3.82
N VAL B 273 -43.14 8.67 3.69
CA VAL B 273 -43.26 10.11 3.54
C VAL B 273 -44.02 10.44 2.25
N THR B 274 -43.70 9.74 1.17
CA THR B 274 -44.40 9.96 -0.09
C THR B 274 -45.88 9.64 0.03
N VAL B 275 -46.21 8.53 0.71
CA VAL B 275 -47.61 8.17 0.89
C VAL B 275 -48.34 9.22 1.71
N GLN B 276 -47.70 9.71 2.78
CA GLN B 276 -48.29 10.76 3.59
C GLN B 276 -48.60 11.99 2.74
N HIS B 277 -47.62 12.45 1.96
CA HIS B 277 -47.84 13.63 1.14
C HIS B 277 -48.90 13.38 0.06
N TYR B 278 -48.87 12.20 -0.54
CA TYR B 278 -49.80 11.87 -1.61
C TYR B 278 -51.24 11.87 -1.11
N LEU B 279 -51.46 11.33 0.09
CA LEU B 279 -52.81 11.35 0.65
C LEU B 279 -53.17 12.72 1.18
N LYS B 280 -52.20 13.48 1.68
CA LYS B 280 -52.50 14.79 2.23
C LYS B 280 -52.86 15.79 1.15
N VAL B 281 -52.27 15.66 -0.03
CA VAL B 281 -52.55 16.63 -1.09
C VAL B 281 -53.95 16.44 -1.70
N GLU B 282 -54.42 15.20 -1.82
CA GLU B 282 -55.73 14.94 -2.42
C GLU B 282 -56.82 14.74 -1.37
N SER B 283 -56.98 15.72 -0.48
CA SER B 283 -58.16 15.83 0.38
C SER B 283 -58.43 14.57 1.19
N GLN B 284 -57.37 13.94 1.69
CA GLN B 284 -57.49 12.82 2.62
C GLN B 284 -56.57 13.02 3.82
N PRO B 285 -56.78 14.07 4.61
CA PRO B 285 -55.90 14.31 5.75
C PRO B 285 -56.04 13.25 6.84
N ALA B 286 -57.21 12.63 6.97
CA ALA B 286 -57.42 11.63 8.02
C ALA B 286 -56.53 10.41 7.79
N ARG B 287 -56.48 9.93 6.55
CA ARG B 287 -55.65 8.77 6.25
C ARG B 287 -54.17 9.09 6.43
N ALA B 288 -53.74 10.27 6.00
CA ALA B 288 -52.35 10.66 6.17
C ALA B 288 -51.98 10.75 7.64
N ALA B 289 -52.84 11.35 8.46
CA ALA B 289 -52.59 11.43 9.89
C ALA B 289 -52.54 10.05 10.52
N SER B 290 -53.46 9.17 10.11
CA SER B 290 -53.48 7.82 10.66
C SER B 290 -52.20 7.06 10.31
N ILE B 291 -51.75 7.18 9.06
CA ILE B 291 -50.53 6.50 8.64
C ILE B 291 -49.33 7.06 9.40
N THR B 292 -49.26 8.38 9.55
CA THR B 292 -48.15 8.99 10.28
C THR B 292 -48.13 8.53 11.73
N ARG B 293 -49.29 8.56 12.38
CA ARG B 293 -49.36 8.16 13.79
C ARG B 293 -49.02 6.69 13.96
N ALA B 294 -49.47 5.84 13.04
CA ALA B 294 -49.09 4.43 13.10
C ALA B 294 -47.60 4.25 12.90
N SER B 295 -47.02 4.95 11.92
CA SER B 295 -45.61 4.79 11.61
C SER B 295 -44.72 5.24 12.77
N ARG B 296 -45.14 6.28 13.50
CA ARG B 296 -44.35 6.77 14.62
C ARG B 296 -43.95 5.65 15.57
N ILE B 297 -44.86 4.71 15.80
CA ILE B 297 -44.62 3.61 16.74
C ILE B 297 -44.17 2.37 15.96
N ALA B 298 -44.60 2.25 14.70
CA ALA B 298 -44.33 1.05 13.94
C ALA B 298 -42.91 0.97 13.42
N PHE B 299 -42.23 2.10 13.27
CA PHE B 299 -40.87 2.01 12.74
C PHE B 299 -39.88 1.53 13.80
N PRO B 300 -39.81 2.16 14.99
CA PRO B 300 -38.85 1.65 16.00
C PRO B 300 -39.13 0.21 16.41
N VAL B 301 -40.40 -0.18 16.52
CA VAL B 301 -40.71 -1.55 16.92
C VAL B 301 -40.24 -2.53 15.86
N VAL B 302 -40.49 -2.24 14.59
CA VAL B 302 -40.04 -3.13 13.53
C VAL B 302 -38.52 -3.17 13.47
N PHE B 303 -37.87 -2.05 13.74
CA PHE B 303 -36.40 -2.06 13.79
C PHE B 303 -35.89 -2.93 14.91
N LEU B 304 -36.51 -2.86 16.09
CA LEU B 304 -36.10 -3.72 17.19
C LEU B 304 -36.31 -5.19 16.85
N LEU B 305 -37.45 -5.51 16.23
CA LEU B 305 -37.70 -6.89 15.85
C LEU B 305 -36.69 -7.38 14.82
N ALA B 306 -36.35 -6.53 13.86
CA ALA B 306 -35.37 -6.91 12.85
C ALA B 306 -34.00 -7.13 13.46
N ASN B 307 -33.60 -6.28 14.40
CA ASN B 307 -32.32 -6.47 15.08
C ASN B 307 -32.31 -7.77 15.89
N ILE B 308 -33.42 -8.07 16.57
CA ILE B 308 -33.49 -9.32 17.32
C ILE B 308 -33.38 -10.51 16.38
N ILE B 309 -34.08 -10.45 15.24
CA ILE B 309 -34.03 -11.55 14.28
C ILE B 309 -32.62 -11.73 13.75
N LEU B 310 -31.95 -10.63 13.39
CA LEU B 310 -30.58 -10.74 12.88
C LEU B 310 -29.64 -11.29 13.94
N ALA B 311 -29.81 -10.89 15.20
CA ALA B 311 -28.99 -11.44 16.26
C ALA B 311 -29.21 -12.93 16.40
N PHE B 312 -30.47 -13.38 16.31
CA PHE B 312 -30.75 -14.81 16.44
C PHE B 312 -30.17 -15.60 15.28
N LEU B 313 -30.32 -15.12 14.05
CA LEU B 313 -29.74 -15.84 12.92
C LEU B 313 -28.22 -15.75 12.85
N PHE B 314 -27.61 -14.77 13.50
CA PHE B 314 -26.16 -14.68 13.47
C PHE B 314 -25.48 -15.24 14.71
N PHE B 315 -26.14 -15.20 15.86
CA PHE B 315 -25.56 -15.75 17.08
C PHE B 315 -26.26 -17.03 17.49
N VAL C 5 36.60 -17.59 15.79
CA VAL C 5 37.56 -17.21 16.84
C VAL C 5 36.91 -17.31 18.20
N SER C 6 37.61 -17.96 19.14
CA SER C 6 37.11 -18.09 20.49
C SER C 6 37.11 -16.73 21.19
N PRO C 7 36.23 -16.54 22.17
CA PRO C 7 36.25 -15.29 22.92
C PRO C 7 37.55 -15.15 23.68
N PRO C 8 37.97 -13.92 23.95
CA PRO C 8 39.24 -13.70 24.66
C PRO C 8 39.21 -14.36 26.03
N PRO C 9 40.34 -14.90 26.48
CA PRO C 9 40.37 -15.62 27.76
C PRO C 9 40.08 -14.69 28.92
N PRO C 10 39.05 -14.99 29.73
CA PRO C 10 38.78 -14.17 30.92
C PRO C 10 39.89 -14.38 31.95
N ILE C 11 40.49 -13.27 32.37
CA ILE C 11 41.57 -13.35 33.35
C ILE C 11 41.04 -13.87 34.69
N ALA C 12 39.81 -13.51 35.03
CA ALA C 12 39.18 -13.98 36.26
C ALA C 12 37.71 -14.29 35.95
N ASP C 13 36.92 -14.45 37.00
CA ASP C 13 35.49 -14.71 36.86
C ASP C 13 34.68 -13.45 36.62
N GLU C 14 35.34 -12.33 36.34
CA GLU C 14 34.61 -11.08 36.08
C GLU C 14 33.88 -11.18 34.75
N PRO C 15 32.57 -10.92 34.72
CA PRO C 15 31.84 -11.00 33.46
C PRO C 15 32.36 -10.01 32.44
N LEU C 16 32.37 -10.42 31.18
CA LEU C 16 32.88 -9.59 30.09
C LEU C 16 31.83 -8.54 29.77
N THR C 17 31.88 -7.43 30.50
CA THR C 17 30.96 -6.32 30.29
C THR C 17 31.33 -5.57 29.02
N VAL C 18 30.34 -5.35 28.15
CA VAL C 18 30.54 -4.67 26.88
C VAL C 18 29.89 -3.30 26.95
N ASN C 19 30.64 -2.26 26.58
CA ASN C 19 30.11 -0.91 26.54
C ASN C 19 29.33 -0.71 25.25
N THR C 20 28.07 -0.33 25.37
CA THR C 20 27.19 -0.23 24.21
C THR C 20 26.40 1.08 24.26
N GLY C 21 25.91 1.49 23.10
CA GLY C 21 25.13 2.69 22.98
C GLY C 21 24.77 3.00 21.53
N ILE C 22 23.55 3.47 21.31
CA ILE C 22 23.06 3.75 19.95
C ILE C 22 22.99 5.25 19.76
N TYR C 23 23.61 5.73 18.68
CA TYR C 23 23.54 7.14 18.28
C TYR C 23 22.53 7.24 17.14
N LEU C 24 21.33 7.72 17.45
CA LEU C 24 20.24 7.73 16.49
C LEU C 24 20.57 8.65 15.31
N ILE C 25 20.10 8.25 14.13
CA ILE C 25 20.30 8.99 12.89
C ILE C 25 18.99 9.44 12.28
N GLU C 26 18.13 8.49 11.93
CA GLU C 26 16.87 8.82 11.26
C GLU C 26 15.79 7.88 11.77
N CYS C 27 14.94 8.38 12.66
CA CYS C 27 13.80 7.64 13.17
C CYS C 27 12.60 8.07 12.34
N TYR C 28 12.23 7.23 11.38
CA TYR C 28 11.23 7.57 10.38
C TYR C 28 10.21 6.44 10.28
N SER C 29 9.18 6.66 9.47
CA SER C 29 8.10 5.69 9.27
C SER C 29 7.52 5.25 10.60
N LEU C 30 7.20 6.22 11.45
CA LEU C 30 6.79 5.92 12.82
C LEU C 30 5.50 5.12 12.90
N ASP C 31 4.74 5.06 11.81
CA ASP C 31 3.54 4.22 11.77
C ASP C 31 3.36 3.73 10.34
N ASP C 32 3.89 2.53 10.05
CA ASP C 32 3.62 1.92 8.76
C ASP C 32 2.12 1.73 8.57
N LYS C 33 1.45 1.10 9.54
CA LYS C 33 0.01 1.21 9.68
C LYS C 33 -0.35 1.92 10.97
N ALA C 34 0.04 1.38 12.13
CA ALA C 34 -0.01 2.14 13.37
C ALA C 34 1.12 1.87 14.36
N GLU C 35 2.02 0.92 14.10
CA GLU C 35 2.83 0.36 15.18
C GLU C 35 4.33 0.50 14.99
N THR C 36 4.89 0.07 13.86
CA THR C 36 6.35 -0.02 13.74
C THR C 36 6.95 1.32 13.35
N PHE C 37 8.19 1.53 13.79
CA PHE C 37 9.01 2.64 13.32
C PHE C 37 10.38 2.09 12.97
N LYS C 38 11.00 2.67 11.94
CA LYS C 38 12.28 2.20 11.44
C LYS C 38 13.41 3.11 11.89
N VAL C 39 14.56 2.51 12.16
CA VAL C 39 15.75 3.20 12.62
C VAL C 39 16.89 2.88 11.67
N ASN C 40 17.75 3.86 11.41
CA ASN C 40 18.94 3.69 10.58
C ASN C 40 20.16 4.25 11.30
N ALA C 41 20.32 3.88 12.56
CA ALA C 41 21.30 4.49 13.45
C ALA C 41 22.57 3.63 13.56
N PHE C 42 23.58 4.20 14.20
CA PHE C 42 24.81 3.51 14.54
C PHE C 42 24.74 3.04 15.99
N LEU C 43 25.42 1.93 16.27
CA LEU C 43 25.59 1.44 17.63
C LEU C 43 27.08 1.23 17.88
N SER C 44 27.57 1.70 19.02
CA SER C 44 28.98 1.63 19.36
C SER C 44 29.19 0.56 20.42
N LEU C 45 30.14 -0.34 20.16
CA LEU C 45 30.46 -1.42 21.08
C LEU C 45 31.91 -1.32 21.51
N SER C 46 32.13 -1.40 22.83
CA SER C 46 33.47 -1.38 23.41
C SER C 46 33.57 -2.50 24.44
N TRP C 47 34.66 -3.26 24.38
CA TRP C 47 34.89 -4.35 25.33
C TRP C 47 36.39 -4.47 25.56
N LYS C 48 36.80 -5.58 26.17
CA LYS C 48 38.21 -5.83 26.48
C LYS C 48 38.62 -7.16 25.84
N ASP C 49 39.62 -7.11 24.98
CA ASP C 49 40.14 -8.28 24.30
C ASP C 49 41.66 -8.32 24.44
N ARG C 50 42.22 -9.53 24.31
CA ARG C 50 43.66 -9.72 24.40
C ARG C 50 44.34 -9.36 23.07
N ARG C 51 44.11 -8.12 22.66
CA ARG C 51 44.67 -7.58 21.44
C ARG C 51 46.00 -6.90 21.76
N LEU C 52 46.51 -6.09 20.82
CA LEU C 52 47.80 -5.44 20.99
C LEU C 52 47.85 -4.63 22.28
N ALA C 53 48.94 -4.78 23.02
CA ALA C 53 49.17 -4.06 24.26
C ALA C 53 49.77 -2.68 23.94
N PHE C 54 50.30 -2.01 24.96
CA PHE C 54 50.90 -0.70 24.75
C PHE C 54 52.00 -0.78 23.70
N ASP C 55 52.00 0.18 22.79
CA ASP C 55 52.79 0.11 21.56
C ASP C 55 53.60 1.40 21.41
N PRO C 56 54.69 1.56 22.16
CA PRO C 56 55.54 2.74 22.00
C PRO C 56 56.46 2.60 20.80
N VAL C 57 56.11 3.30 19.71
CA VAL C 57 56.92 3.39 18.50
C VAL C 57 57.45 2.04 18.04
N ARG C 58 56.56 1.06 17.88
CA ARG C 58 56.96 -0.21 17.29
C ARG C 58 56.22 -0.45 15.97
N SER C 59 54.89 -0.33 16.01
CA SER C 59 54.12 -0.49 14.78
C SER C 59 53.71 0.87 14.20
N GLY C 60 53.56 1.87 15.05
CA GLY C 60 53.25 3.22 14.61
C GLY C 60 51.78 3.50 14.35
N VAL C 61 50.89 2.56 14.62
CA VAL C 61 49.47 2.72 14.37
C VAL C 61 48.72 2.58 15.69
N ARG C 62 47.88 3.57 16.00
CA ARG C 62 47.06 3.54 17.21
C ARG C 62 45.73 2.84 16.97
N VAL C 63 44.96 3.32 16.00
CA VAL C 63 43.67 2.69 15.65
C VAL C 63 44.00 1.67 14.57
N LYS C 64 44.36 0.47 15.01
CA LYS C 64 44.70 -0.62 14.10
C LYS C 64 43.40 -1.26 13.61
N THR C 65 42.94 -0.83 12.44
CA THR C 65 41.71 -1.37 11.89
C THR C 65 41.87 -2.85 11.57
N TYR C 66 40.84 -3.63 11.89
CA TYR C 66 40.84 -5.06 11.65
C TYR C 66 39.64 -5.44 10.80
N GLU C 67 39.74 -6.59 10.14
CA GLU C 67 38.64 -7.06 9.31
C GLU C 67 37.43 -7.36 10.19
N PRO C 68 36.21 -7.10 9.71
CA PRO C 68 35.03 -7.40 10.51
C PRO C 68 34.89 -8.87 10.87
N GLU C 69 35.33 -9.76 9.99
CA GLU C 69 35.22 -11.20 10.23
C GLU C 69 36.46 -11.79 10.88
N ALA C 70 37.49 -10.97 11.15
CA ALA C 70 38.72 -11.49 11.73
C ALA C 70 38.61 -11.61 13.25
N ILE C 71 38.41 -10.49 13.94
CA ILE C 71 38.35 -10.49 15.39
C ILE C 71 36.95 -10.89 15.85
N TRP C 72 36.88 -11.71 16.90
CA TRP C 72 35.60 -12.08 17.48
C TRP C 72 34.90 -10.84 18.04
N ILE C 73 33.59 -10.78 17.84
CA ILE C 73 32.77 -9.71 18.39
C ILE C 73 31.59 -10.34 19.14
N PRO C 74 31.14 -9.76 20.24
CA PRO C 74 30.02 -10.35 20.97
C PRO C 74 28.75 -10.32 20.14
N GLU C 75 27.92 -11.34 20.33
CA GLU C 75 26.66 -11.47 19.60
C GLU C 75 25.59 -10.67 20.34
N ILE C 76 25.26 -9.49 19.82
CA ILE C 76 24.19 -8.65 20.35
C ILE C 76 23.08 -8.62 19.32
N ARG C 77 21.88 -9.03 19.73
CA ARG C 77 20.76 -9.17 18.83
C ARG C 77 19.56 -8.45 19.41
N PHE C 78 18.82 -7.74 18.55
CA PHE C 78 17.63 -7.03 18.98
C PHE C 78 16.48 -8.00 19.19
N VAL C 79 15.68 -7.76 20.22
CA VAL C 79 14.58 -8.65 20.55
C VAL C 79 13.33 -8.28 19.75
N ASN C 80 12.90 -7.02 19.83
CA ASN C 80 11.64 -6.60 19.23
C ASN C 80 11.90 -5.94 17.87
N VAL C 81 12.20 -6.78 16.89
CA VAL C 81 12.42 -6.34 15.52
C VAL C 81 11.81 -7.36 14.55
N GLU C 82 11.53 -6.89 13.33
CA GLU C 82 10.98 -7.77 12.30
C GLU C 82 11.96 -8.88 11.96
N ASN C 83 13.21 -8.53 11.65
CA ASN C 83 14.24 -9.49 11.32
C ASN C 83 15.55 -8.97 11.88
N ALA C 84 16.61 -9.77 11.70
CA ALA C 84 17.91 -9.38 12.21
C ALA C 84 18.34 -8.04 11.62
N ARG C 85 18.94 -7.21 12.46
CA ARG C 85 19.33 -5.87 12.04
C ARG C 85 20.30 -5.95 10.86
N ASP C 86 20.12 -5.05 9.90
CA ASP C 86 20.99 -5.02 8.73
C ASP C 86 22.33 -4.43 9.16
N ALA C 87 23.11 -5.21 9.90
CA ALA C 87 24.38 -4.71 10.42
C ALA C 87 25.38 -4.51 9.29
N ASP C 88 26.01 -3.34 9.27
CA ASP C 88 27.07 -3.03 8.31
C ASP C 88 28.21 -2.41 9.08
N VAL C 89 29.32 -3.16 9.20
CA VAL C 89 30.44 -2.70 10.01
C VAL C 89 31.07 -1.47 9.35
N VAL C 90 31.29 -0.43 10.15
CA VAL C 90 31.86 0.82 9.67
C VAL C 90 33.34 0.92 10.01
N ASP C 91 33.69 0.72 11.29
CA ASP C 91 35.08 0.87 11.72
C ASP C 91 35.29 0.09 13.01
N ILE C 92 36.19 -0.90 12.96
CA ILE C 92 36.61 -1.63 14.15
C ILE C 92 38.01 -1.12 14.49
N SER C 93 38.09 -0.23 15.48
CA SER C 93 39.35 0.34 15.91
C SER C 93 39.71 -0.27 17.26
N VAL C 94 40.86 -0.94 17.33
CA VAL C 94 41.36 -1.52 18.57
C VAL C 94 42.51 -0.65 19.07
N SER C 95 42.44 -0.26 20.31
CA SER C 95 43.47 0.60 20.87
C SER C 95 44.54 -0.23 21.57
N PRO C 96 45.77 0.29 21.64
CA PRO C 96 46.83 -0.43 22.39
C PRO C 96 46.50 -0.60 23.86
N ASP C 97 45.60 0.22 24.41
CA ASP C 97 45.22 0.05 25.81
C ASP C 97 44.59 -1.32 26.07
N GLY C 98 43.89 -1.86 25.07
CA GLY C 98 43.31 -3.19 25.21
C GLY C 98 41.80 -3.20 25.03
N THR C 99 41.25 -2.19 24.37
CA THR C 99 39.82 -2.10 24.14
C THR C 99 39.55 -2.01 22.63
N VAL C 100 38.43 -2.60 22.22
CA VAL C 100 38.02 -2.62 20.83
C VAL C 100 36.80 -1.73 20.69
N GLN C 101 36.89 -0.72 19.83
CA GLN C 101 35.77 0.17 19.55
C GLN C 101 35.09 -0.31 18.27
N TYR C 102 33.91 -0.90 18.42
CA TYR C 102 33.15 -1.44 17.30
C TYR C 102 32.00 -0.51 16.98
N LEU C 103 31.85 -0.15 15.71
CA LEU C 103 30.82 0.78 15.28
C LEU C 103 30.20 0.25 13.99
N GLU C 104 28.92 -0.10 14.04
CA GLU C 104 28.21 -0.66 12.90
C GLU C 104 26.90 0.09 12.68
N ARG C 105 26.57 0.32 11.41
CA ARG C 105 25.31 0.95 11.05
C ARG C 105 24.29 -0.12 10.73
N PHE C 106 23.14 -0.06 11.39
CA PHE C 106 22.08 -1.03 11.20
C PHE C 106 20.77 -0.33 10.89
N SER C 107 19.94 -0.99 10.10
CA SER C 107 18.62 -0.49 9.74
C SER C 107 17.60 -1.55 10.12
N ALA C 108 17.17 -1.51 11.38
CA ALA C 108 16.22 -2.48 11.91
C ALA C 108 14.81 -1.88 11.94
N ARG C 109 13.82 -2.76 11.78
CA ARG C 109 12.42 -2.37 11.85
C ARG C 109 11.95 -2.62 13.29
N VAL C 110 12.23 -1.65 14.16
CA VAL C 110 11.98 -1.80 15.58
C VAL C 110 10.48 -1.88 15.84
N LEU C 111 10.09 -2.75 16.75
CA LEU C 111 8.71 -2.90 17.18
C LEU C 111 8.49 -2.17 18.50
N SER C 112 7.41 -1.43 18.58
CA SER C 112 7.06 -0.74 19.82
C SER C 112 5.57 -0.43 19.82
N PRO C 113 4.87 -0.72 20.92
CA PRO C 113 3.45 -0.40 20.98
C PRO C 113 3.23 1.10 21.06
N LEU C 114 2.25 1.59 20.29
CA LEU C 114 1.87 2.99 20.28
C LEU C 114 0.56 3.14 21.04
N ASP C 115 0.56 4.01 22.05
CA ASP C 115 -0.58 4.18 22.94
C ASP C 115 -1.27 5.49 22.61
N PHE C 116 -2.24 5.43 21.71
CA PHE C 116 -3.00 6.61 21.30
C PHE C 116 -4.24 6.81 22.17
N ARG C 117 -4.08 6.77 23.49
CA ARG C 117 -5.22 7.04 24.36
C ARG C 117 -5.47 8.53 24.52
N ARG C 118 -4.51 9.37 24.17
CA ARG C 118 -4.64 10.81 24.25
C ARG C 118 -4.07 11.42 22.97
N TYR C 119 -4.49 10.88 21.83
CA TYR C 119 -3.82 11.02 20.53
C TYR C 119 -3.25 12.41 20.24
N PRO C 120 -4.05 13.48 20.25
CA PRO C 120 -3.47 14.79 19.89
C PRO C 120 -2.40 15.24 20.85
N PHE C 121 -2.43 14.81 22.10
CA PHE C 121 -1.57 15.34 23.15
C PHE C 121 -0.73 14.26 23.80
N ASP C 122 -0.56 13.11 23.14
CA ASP C 122 0.04 11.96 23.78
C ASP C 122 1.55 12.14 23.93
N SER C 123 2.17 11.18 24.63
CA SER C 123 3.61 11.17 24.79
C SER C 123 4.04 9.71 24.88
N GLN C 124 4.44 9.14 23.74
CA GLN C 124 4.75 7.73 23.66
C GLN C 124 6.11 7.44 24.27
N THR C 125 6.45 6.15 24.35
CA THR C 125 7.74 5.69 24.88
C THR C 125 8.18 4.50 24.03
N LEU C 126 9.01 4.79 23.03
CA LEU C 126 9.53 3.74 22.17
C LEU C 126 10.55 2.89 22.93
N HIS C 127 10.71 1.65 22.49
CA HIS C 127 11.55 0.69 23.20
C HIS C 127 12.49 -0.02 22.23
N ILE C 128 13.69 -0.31 22.72
CA ILE C 128 14.66 -1.16 22.04
C ILE C 128 15.28 -2.08 23.07
N TYR C 129 15.27 -3.39 22.78
CA TYR C 129 15.74 -4.41 23.71
C TYR C 129 17.05 -5.00 23.23
N LEU C 130 17.96 -5.26 24.17
CA LEU C 130 19.27 -5.81 23.86
C LEU C 130 19.51 -7.08 24.67
N ILE C 131 20.02 -8.10 24.00
CA ILE C 131 20.38 -9.36 24.65
C ILE C 131 21.71 -9.83 24.09
N VAL C 132 22.51 -10.49 24.94
CA VAL C 132 23.80 -11.02 24.56
C VAL C 132 23.79 -12.53 24.81
N ARG C 133 24.20 -13.30 23.80
CA ARG C 133 24.28 -14.75 23.92
C ARG C 133 25.61 -15.12 24.55
N SER C 134 25.58 -15.49 25.83
CA SER C 134 26.80 -15.90 26.51
C SER C 134 27.29 -17.23 25.97
N VAL C 135 28.61 -17.38 25.87
CA VAL C 135 29.23 -18.59 25.32
C VAL C 135 29.92 -19.39 26.42
N ASP C 136 30.93 -18.81 27.06
CA ASP C 136 31.68 -19.49 28.12
C ASP C 136 31.42 -18.87 29.49
N THR C 137 31.52 -17.56 29.59
CA THR C 137 31.20 -16.84 30.82
C THR C 137 30.01 -15.91 30.57
N ARG C 138 29.33 -15.55 31.65
CA ARG C 138 28.19 -14.65 31.55
C ARG C 138 28.64 -13.28 31.06
N ASN C 139 27.91 -12.74 30.08
CA ASN C 139 28.17 -11.40 29.57
C ASN C 139 27.09 -10.47 30.11
N ILE C 140 27.53 -9.38 30.74
CA ILE C 140 26.62 -8.38 31.28
C ILE C 140 26.65 -7.18 30.34
N VAL C 141 25.50 -6.89 29.75
CA VAL C 141 25.39 -5.81 28.75
C VAL C 141 24.88 -4.56 29.45
N LEU C 142 24.82 -4.60 30.78
CA LEU C 142 24.30 -3.46 31.54
C LEU C 142 25.18 -2.24 31.40
N ALA C 143 26.40 -2.39 30.88
CA ALA C 143 27.30 -1.27 30.68
C ALA C 143 26.77 -0.40 29.55
N VAL C 144 26.14 0.71 29.92
CA VAL C 144 25.67 1.70 28.96
C VAL C 144 26.72 2.80 28.87
N ASP C 145 27.12 3.13 27.64
CA ASP C 145 28.20 4.09 27.45
C ASP C 145 27.82 5.47 27.96
N LEU C 146 26.58 5.89 27.71
CA LEU C 146 26.05 7.19 28.12
C LEU C 146 26.83 8.36 27.50
N GLU C 147 27.73 8.08 26.57
CA GLU C 147 28.44 9.12 25.85
C GLU C 147 28.40 8.95 24.34
N LYS C 148 28.02 7.78 23.82
CA LYS C 148 27.86 7.57 22.39
C LYS C 148 26.40 7.45 21.99
N VAL C 149 25.49 8.04 22.76
CA VAL C 149 24.07 7.96 22.50
C VAL C 149 23.55 9.36 22.17
N GLY C 150 22.34 9.41 21.63
CA GLY C 150 21.70 10.67 21.29
C GLY C 150 21.22 10.69 19.85
N LYS C 151 20.17 11.47 19.62
CA LYS C 151 19.61 11.63 18.29
C LYS C 151 20.40 12.70 17.52
N ASN C 152 19.87 13.12 16.38
CA ASN C 152 20.52 14.18 15.61
C ASN C 152 20.37 15.52 16.33
N ASP C 153 21.25 16.46 15.96
CA ASP C 153 21.18 17.79 16.53
C ASP C 153 19.89 18.51 16.16
N ASP C 154 19.22 18.07 15.10
CA ASP C 154 17.94 18.68 14.71
C ASP C 154 16.87 18.44 15.77
N VAL C 155 16.94 17.31 16.48
CA VAL C 155 16.05 16.98 17.58
C VAL C 155 14.61 16.90 17.09
N PHE C 156 14.35 16.00 16.13
CA PHE C 156 13.00 15.77 15.64
C PHE C 156 13.00 14.44 14.88
N LEU C 157 12.07 13.55 15.24
CA LEU C 157 11.99 12.27 14.58
C LEU C 157 11.28 12.40 13.23
N THR C 158 10.00 12.73 13.28
CA THR C 158 9.19 13.06 12.11
C THR C 158 8.20 14.15 12.46
N GLY C 159 8.63 15.10 13.28
CA GLY C 159 7.70 16.02 13.90
C GLY C 159 7.32 15.56 15.29
N TRP C 160 8.33 15.26 16.11
CA TRP C 160 8.14 14.82 17.47
C TRP C 160 9.15 15.54 18.35
N ASP C 161 8.88 15.59 19.64
CA ASP C 161 9.75 16.23 20.61
C ASP C 161 10.34 15.18 21.54
N ILE C 162 11.67 15.14 21.64
CA ILE C 162 12.37 14.19 22.48
C ILE C 162 12.51 14.78 23.87
N GLU C 163 12.22 13.96 24.89
CA GLU C 163 12.33 14.39 26.28
C GLU C 163 13.48 13.74 27.03
N SER C 164 13.69 12.43 26.83
CA SER C 164 14.76 11.74 27.55
C SER C 164 15.14 10.49 26.76
N PHE C 165 16.31 9.94 27.08
CA PHE C 165 16.79 8.70 26.48
C PHE C 165 17.35 7.80 27.57
N THR C 166 16.56 7.62 28.63
CA THR C 166 16.98 6.79 29.76
C THR C 166 17.24 5.36 29.31
N ALA C 167 18.37 4.81 29.74
CA ALA C 167 18.78 3.45 29.39
C ALA C 167 19.01 2.69 30.70
N VAL C 168 18.01 1.91 31.13
CA VAL C 168 18.08 1.16 32.38
C VAL C 168 18.09 -0.32 32.04
N VAL C 169 19.08 -1.03 32.58
CA VAL C 169 19.18 -2.48 32.40
C VAL C 169 18.28 -3.14 33.43
N LYS C 170 17.19 -3.76 32.96
CA LYS C 170 16.22 -4.37 33.84
C LYS C 170 16.55 -5.85 34.03
N PRO C 171 16.87 -6.30 35.24
CA PRO C 171 17.19 -7.72 35.44
C PRO C 171 15.96 -8.60 35.27
N ALA C 172 15.44 -8.68 34.05
CA ALA C 172 14.23 -9.44 33.77
C ALA C 172 14.44 -10.29 32.52
N ASN C 173 13.70 -11.39 32.44
CA ASN C 173 13.76 -12.33 31.32
C ASN C 173 12.36 -12.71 30.89
N PHE C 174 12.27 -13.27 29.68
CA PHE C 174 10.99 -13.77 29.16
C PHE C 174 10.81 -15.25 29.49
N ALA C 175 11.02 -15.61 30.76
CA ALA C 175 10.78 -16.96 31.27
C ALA C 175 11.51 -18.02 30.45
N LEU C 176 12.66 -17.66 29.88
CA LEU C 176 13.41 -18.57 29.04
C LEU C 176 14.90 -18.40 29.29
N GLU C 177 15.65 -19.49 29.08
CA GLU C 177 17.11 -19.55 29.15
C GLU C 177 17.63 -18.99 30.47
N ASP C 178 18.93 -18.75 30.55
CA ASP C 178 19.56 -18.23 31.76
C ASP C 178 20.09 -16.81 31.61
N ARG C 179 20.63 -16.46 30.44
CA ARG C 179 21.20 -15.13 30.22
C ARG C 179 20.17 -14.10 29.77
N LEU C 180 18.90 -14.47 29.58
CA LEU C 180 17.90 -13.50 29.19
C LEU C 180 17.57 -12.51 30.30
N GLU C 181 17.93 -12.81 31.55
CA GLU C 181 17.64 -11.90 32.64
C GLU C 181 18.40 -10.59 32.50
N SER C 182 19.51 -10.59 31.76
CA SER C 182 20.28 -9.37 31.51
C SER C 182 19.84 -8.77 30.18
N LYS C 183 18.70 -8.07 30.23
CA LYS C 183 18.20 -7.32 29.09
C LYS C 183 18.53 -5.84 29.28
N LEU C 184 18.93 -5.19 28.19
CA LEU C 184 19.21 -3.76 28.19
C LEU C 184 18.08 -3.04 27.49
N ASP C 185 17.50 -2.05 28.17
CA ASP C 185 16.30 -1.37 27.72
C ASP C 185 16.61 0.08 27.38
N TYR C 186 16.21 0.49 26.17
CA TYR C 186 16.39 1.86 25.71
C TYR C 186 15.02 2.53 25.67
N GLN C 187 14.79 3.46 26.59
CA GLN C 187 13.55 4.21 26.66
C GLN C 187 13.74 5.58 26.01
N LEU C 188 13.13 5.78 24.86
CA LEU C 188 13.09 7.07 24.19
C LEU C 188 11.69 7.63 24.38
N ARG C 189 11.52 8.47 25.39
CA ARG C 189 10.20 9.05 25.70
C ARG C 189 10.04 10.30 24.85
N ILE C 190 9.28 10.17 23.76
CA ILE C 190 9.03 11.27 22.84
C ILE C 190 7.66 11.86 23.12
N SER C 191 7.51 13.14 22.82
CA SER C 191 6.25 13.84 22.98
C SER C 191 5.88 14.50 21.66
N ARG C 192 4.59 14.46 21.34
CA ARG C 192 4.09 14.99 20.07
C ARG C 192 3.72 16.45 20.26
N GLN C 193 4.19 17.30 19.35
CA GLN C 193 3.81 18.71 19.39
C GLN C 193 2.45 18.85 18.72
N TYR C 194 1.55 19.58 19.37
CA TYR C 194 0.14 19.59 19.05
C TYR C 194 -0.34 20.87 18.40
N PHE C 195 0.56 21.81 18.09
CA PHE C 195 0.11 23.09 17.57
C PHE C 195 -0.61 22.91 16.25
N SER C 196 -0.05 22.10 15.34
CA SER C 196 -0.67 21.93 14.03
C SER C 196 -2.03 21.25 14.12
N TYR C 197 -2.21 20.35 15.08
CA TYR C 197 -3.46 19.61 15.15
C TYR C 197 -4.62 20.50 15.55
N ILE C 198 -4.38 21.55 16.32
CA ILE C 198 -5.47 22.43 16.74
C ILE C 198 -6.20 23.05 15.55
N PRO C 199 -5.53 23.61 14.54
CA PRO C 199 -6.27 24.03 13.34
C PRO C 199 -6.51 22.91 12.35
N ASN C 200 -5.70 21.85 12.35
CA ASN C 200 -5.89 20.81 11.34
C ASN C 200 -7.16 20.00 11.61
N ILE C 201 -7.45 19.71 12.87
CA ILE C 201 -8.50 18.75 13.22
C ILE C 201 -9.50 19.37 14.18
N ILE C 202 -9.01 19.88 15.32
CA ILE C 202 -9.89 20.22 16.43
C ILE C 202 -10.77 21.42 16.09
N LEU C 203 -10.16 22.49 15.56
CA LEU C 203 -10.92 23.72 15.33
C LEU C 203 -12.02 23.55 14.30
N PRO C 204 -11.79 22.95 13.12
CA PRO C 204 -12.88 22.86 12.14
C PRO C 204 -14.09 22.09 12.63
N MET C 205 -13.91 21.04 13.44
CA MET C 205 -15.07 20.34 13.98
C MET C 205 -15.88 21.26 14.88
N LEU C 206 -15.20 22.08 15.69
CA LEU C 206 -15.91 23.01 16.54
C LEU C 206 -16.63 24.07 15.71
N PHE C 207 -16.02 24.51 14.61
CA PHE C 207 -16.70 25.47 13.74
C PHE C 207 -17.96 24.88 13.14
N ILE C 208 -17.88 23.63 12.67
CA ILE C 208 -19.05 22.97 12.12
C ILE C 208 -20.12 22.79 13.19
N LEU C 209 -19.71 22.43 14.41
CA LEU C 209 -20.68 22.27 15.49
C LEU C 209 -21.36 23.60 15.83
N PHE C 210 -20.61 24.70 15.80
CA PHE C 210 -21.22 25.99 16.08
C PHE C 210 -22.19 26.39 14.97
N ILE C 211 -21.84 26.06 13.71
CA ILE C 211 -22.77 26.27 12.61
C ILE C 211 -24.06 25.50 12.87
N SER C 212 -23.93 24.29 13.42
CA SER C 212 -25.13 23.53 13.80
C SER C 212 -25.93 24.26 14.88
N TRP C 213 -25.25 24.69 15.94
CA TRP C 213 -25.93 25.35 17.06
C TRP C 213 -26.58 26.65 16.64
N THR C 214 -26.19 27.20 15.48
CA THR C 214 -26.90 28.34 14.94
C THR C 214 -28.40 28.09 14.84
N ALA C 215 -28.80 26.84 14.57
CA ALA C 215 -30.19 26.51 14.33
C ALA C 215 -31.13 26.90 15.47
N PHE C 216 -30.62 27.31 16.62
CA PHE C 216 -31.46 27.74 17.72
C PHE C 216 -31.80 29.22 17.65
N TRP C 217 -31.25 29.96 16.70
CA TRP C 217 -31.60 31.36 16.49
C TRP C 217 -32.50 31.54 15.29
N SER C 218 -33.27 30.52 14.94
CA SER C 218 -34.14 30.55 13.78
C SER C 218 -35.49 29.95 14.13
N THR C 219 -36.55 30.57 13.61
CA THR C 219 -37.90 30.07 13.78
C THR C 219 -38.39 29.29 12.57
N SER C 220 -37.56 29.14 11.54
CA SER C 220 -37.94 28.44 10.32
C SER C 220 -37.58 26.97 10.45
N TYR C 221 -38.55 26.09 10.20
CA TYR C 221 -38.29 24.66 10.35
C TYR C 221 -37.43 24.12 9.22
N GLU C 222 -37.71 24.54 7.98
CA GLU C 222 -36.92 24.05 6.86
C GLU C 222 -35.47 24.50 6.98
N ALA C 223 -35.25 25.76 7.37
CA ALA C 223 -33.89 26.24 7.56
C ALA C 223 -33.19 25.52 8.69
N ASN C 224 -33.90 25.24 9.78
CA ASN C 224 -33.31 24.51 10.89
C ASN C 224 -32.91 23.11 10.48
N VAL C 225 -33.78 22.41 9.74
CA VAL C 225 -33.45 21.07 9.27
C VAL C 225 -32.25 21.11 8.34
N THR C 226 -32.24 22.06 7.40
CA THR C 226 -31.10 22.17 6.50
C THR C 226 -29.81 22.38 7.29
N LEU C 227 -29.80 23.35 8.20
CA LEU C 227 -28.63 23.58 9.04
C LEU C 227 -28.17 22.30 9.72
N VAL C 228 -29.03 21.69 10.53
CA VAL C 228 -28.57 20.60 11.38
C VAL C 228 -28.16 19.39 10.56
N VAL C 229 -28.99 18.98 9.59
CA VAL C 229 -28.71 17.76 8.86
C VAL C 229 -27.52 17.94 7.92
N SER C 230 -27.49 19.04 7.15
CA SER C 230 -26.37 19.27 6.27
C SER C 230 -25.08 19.49 7.06
N THR C 231 -25.17 20.05 8.27
CA THR C 231 -24.00 20.18 9.11
C THR C 231 -23.55 18.81 9.62
N LEU C 232 -24.49 17.91 9.88
CA LEU C 232 -24.11 16.55 10.23
C LEU C 232 -23.38 15.86 9.09
N ILE C 233 -23.86 16.06 7.86
CA ILE C 233 -23.18 15.51 6.69
C ILE C 233 -21.78 16.11 6.58
N ALA C 234 -21.66 17.42 6.79
CA ALA C 234 -20.35 18.06 6.74
C ALA C 234 -19.42 17.51 7.81
N HIS C 235 -19.95 17.26 9.00
CA HIS C 235 -19.13 16.71 10.07
C HIS C 235 -18.67 15.30 9.74
N ILE C 236 -19.54 14.49 9.16
CA ILE C 236 -19.13 13.13 8.78
C ILE C 236 -18.07 13.20 7.69
N ALA C 237 -18.23 14.10 6.71
CA ALA C 237 -17.22 14.25 5.67
C ALA C 237 -15.89 14.70 6.26
N PHE C 238 -15.93 15.63 7.21
CA PHE C 238 -14.69 16.05 7.85
C PHE C 238 -14.09 14.93 8.68
N ASN C 239 -14.92 14.08 9.27
CA ASN C 239 -14.40 12.92 9.97
C ASN C 239 -13.68 11.99 9.02
N ILE C 240 -14.24 11.79 7.82
CA ILE C 240 -13.55 11.00 6.81
C ILE C 240 -12.22 11.63 6.46
N LEU C 241 -12.19 12.95 6.32
CA LEU C 241 -10.95 13.65 5.99
C LEU C 241 -9.90 13.48 7.09
N VAL C 242 -10.33 13.56 8.35
CA VAL C 242 -9.41 13.41 9.48
C VAL C 242 -8.90 11.98 9.59
N GLU C 243 -9.75 11.00 9.28
CA GLU C 243 -9.44 9.61 9.58
C GLU C 243 -8.16 9.13 8.91
N THR C 244 -7.72 9.79 7.84
CA THR C 244 -6.44 9.43 7.24
C THR C 244 -5.29 9.64 8.22
N ASN C 245 -5.32 10.75 8.95
CA ASN C 245 -4.28 11.01 9.95
C ASN C 245 -4.31 9.99 11.07
N LEU C 246 -5.50 9.67 11.57
CA LEU C 246 -5.61 8.83 12.74
C LEU C 246 -5.18 7.39 12.43
N PRO C 247 -4.61 6.70 13.40
CA PRO C 247 -4.26 5.29 13.21
C PRO C 247 -5.47 4.38 13.41
N LYS C 248 -5.24 3.07 13.42
CA LYS C 248 -6.34 2.12 13.56
C LYS C 248 -7.11 2.35 14.86
N THR C 249 -6.40 2.37 15.99
CA THR C 249 -6.98 2.60 17.31
C THR C 249 -8.16 1.69 17.59
N PRO C 250 -7.94 0.39 17.80
CA PRO C 250 -9.07 -0.51 18.09
C PRO C 250 -9.74 -0.24 19.43
N TYR C 251 -9.08 0.44 20.35
CA TYR C 251 -9.63 0.77 21.65
C TYR C 251 -10.16 2.20 21.65
N MET C 252 -10.53 2.70 22.83
CA MET C 252 -11.24 3.98 22.96
C MET C 252 -10.24 5.12 23.05
N THR C 253 -10.14 5.90 21.98
CA THR C 253 -9.25 7.04 21.88
C THR C 253 -9.90 8.27 22.53
N TYR C 254 -9.07 9.23 22.94
CA TYR C 254 -9.59 10.51 23.38
C TYR C 254 -10.28 11.25 22.24
N THR C 255 -9.58 11.40 21.12
CA THR C 255 -10.18 12.06 19.97
C THR C 255 -11.30 11.24 19.35
N GLY C 256 -11.39 9.96 19.69
CA GLY C 256 -12.55 9.16 19.35
C GLY C 256 -13.69 9.27 20.32
N ALA C 257 -13.51 10.05 21.39
CA ALA C 257 -14.58 10.34 22.34
C ALA C 257 -15.17 11.72 22.17
N ILE C 258 -14.38 12.67 21.67
CA ILE C 258 -14.94 13.97 21.31
C ILE C 258 -15.84 13.84 20.08
N ILE C 259 -15.44 13.01 19.12
CA ILE C 259 -16.23 12.82 17.91
C ILE C 259 -17.58 12.19 18.23
N PHE C 260 -17.58 11.17 19.09
CA PHE C 260 -18.85 10.57 19.49
C PHE C 260 -19.70 11.56 20.27
N MET C 261 -19.07 12.38 21.10
CA MET C 261 -19.81 13.42 21.80
C MET C 261 -20.46 14.38 20.82
N ILE C 262 -19.77 14.71 19.74
CA ILE C 262 -20.32 15.62 18.74
C ILE C 262 -21.48 14.96 18.00
N TYR C 263 -21.38 13.66 17.74
CA TYR C 263 -22.51 12.95 17.14
C TYR C 263 -23.72 12.98 18.06
N LEU C 264 -23.51 12.74 19.36
CA LEU C 264 -24.60 12.82 20.32
C LEU C 264 -25.20 14.21 20.36
N PHE C 265 -24.36 15.24 20.23
CA PHE C 265 -24.87 16.60 20.24
C PHE C 265 -25.70 16.88 19.00
N TYR C 266 -25.30 16.34 17.84
CA TYR C 266 -26.13 16.47 16.66
C TYR C 266 -27.48 15.80 16.85
N PHE C 267 -27.49 14.61 17.44
CA PHE C 267 -28.76 13.93 17.70
C PHE C 267 -29.64 14.76 18.62
N VAL C 268 -29.07 15.29 19.70
CA VAL C 268 -29.86 16.08 20.64
C VAL C 268 -30.34 17.37 20.00
N ALA C 269 -29.53 17.97 19.12
CA ALA C 269 -29.97 19.17 18.42
C ALA C 269 -31.13 18.87 17.49
N VAL C 270 -31.08 17.73 16.80
CA VAL C 270 -32.22 17.34 15.95
C VAL C 270 -33.47 17.15 16.80
N ILE C 271 -33.33 16.48 17.94
CA ILE C 271 -34.47 16.28 18.83
C ILE C 271 -35.03 17.61 19.29
N GLU C 272 -34.15 18.55 19.63
CA GLU C 272 -34.61 19.86 20.09
C GLU C 272 -35.33 20.62 18.99
N VAL C 273 -34.80 20.59 17.77
CA VAL C 273 -35.47 21.26 16.65
C VAL C 273 -36.84 20.65 16.41
N THR C 274 -36.92 19.32 16.46
CA THR C 274 -38.20 18.64 16.27
C THR C 274 -39.18 19.02 17.37
N VAL C 275 -38.73 19.09 18.62
CA VAL C 275 -39.60 19.46 19.72
C VAL C 275 -40.10 20.89 19.55
N GLN C 276 -39.21 21.80 19.16
CA GLN C 276 -39.60 23.17 18.90
C GLN C 276 -40.69 23.24 17.84
N HIS C 277 -40.49 22.56 16.71
CA HIS C 277 -41.49 22.59 15.65
C HIS C 277 -42.80 21.94 16.09
N TYR C 278 -42.69 20.82 16.81
CA TYR C 278 -43.87 20.08 17.25
C TYR C 278 -44.73 20.93 18.18
N LEU C 279 -44.09 21.65 19.09
CA LEU C 279 -44.87 22.52 19.98
C LEU C 279 -45.34 23.77 19.27
N LYS C 280 -44.57 24.28 18.31
CA LYS C 280 -44.96 25.49 17.61
C LYS C 280 -46.15 25.26 16.69
N VAL C 281 -46.26 24.08 16.10
CA VAL C 281 -47.36 23.82 15.18
C VAL C 281 -48.70 23.68 15.89
N GLU C 282 -48.72 23.07 17.09
CA GLU C 282 -49.97 22.86 17.81
C GLU C 282 -50.21 23.91 18.89
N SER C 283 -50.19 25.19 18.48
CA SER C 283 -50.71 26.29 19.29
C SER C 283 -50.07 26.35 20.68
N GLN C 284 -48.77 26.10 20.75
CA GLN C 284 -48.00 26.29 21.98
C GLN C 284 -46.72 27.06 21.69
N PRO C 285 -46.84 28.30 21.22
CA PRO C 285 -45.61 29.07 20.92
C PRO C 285 -44.81 29.42 22.15
N ALA C 286 -45.45 29.56 23.31
CA ALA C 286 -44.72 29.93 24.52
C ALA C 286 -43.74 28.84 24.93
N ARG C 287 -44.18 27.58 24.91
CA ARG C 287 -43.29 26.49 25.27
C ARG C 287 -42.16 26.34 24.27
N ALA C 288 -42.45 26.49 22.98
CA ALA C 288 -41.39 26.41 21.97
C ALA C 288 -40.36 27.52 22.15
N ALA C 289 -40.82 28.74 22.40
CA ALA C 289 -39.89 29.84 22.64
C ALA C 289 -39.07 29.61 23.90
N SER C 290 -39.70 29.10 24.95
CA SER C 290 -38.97 28.82 26.19
C SER C 290 -37.90 27.77 25.96
N ILE C 291 -38.24 26.69 25.25
CA ILE C 291 -37.26 25.63 24.99
C ILE C 291 -36.13 26.16 24.14
N THR C 292 -36.44 26.97 23.12
CA THR C 292 -35.39 27.51 22.26
C THR C 292 -34.46 28.43 23.05
N ARG C 293 -35.03 29.31 23.87
CA ARG C 293 -34.23 30.24 24.65
C ARG C 293 -33.37 29.50 25.67
N ALA C 294 -33.93 28.46 26.29
CA ALA C 294 -33.12 27.66 27.21
C ALA C 294 -32.00 26.95 26.48
N SER C 295 -32.28 26.37 25.31
CA SER C 295 -31.28 25.60 24.58
C SER C 295 -30.14 26.49 24.10
N ARG C 296 -30.44 27.74 23.74
CA ARG C 296 -29.41 28.66 23.27
C ARG C 296 -28.22 28.70 24.23
N ILE C 297 -28.49 28.67 25.53
CA ILE C 297 -27.44 28.75 26.55
C ILE C 297 -27.08 27.36 27.03
N ALA C 298 -28.03 26.43 26.97
CA ALA C 298 -27.82 25.11 27.54
C ALA C 298 -26.95 24.22 26.66
N PHE C 299 -26.86 24.48 25.36
CA PHE C 299 -26.05 23.61 24.53
C PHE C 299 -24.56 23.90 24.69
N PRO C 300 -24.09 25.14 24.53
CA PRO C 300 -22.66 25.38 24.73
C PRO C 300 -22.16 25.05 26.13
N VAL C 301 -22.97 25.31 27.15
CA VAL C 301 -22.55 25.01 28.52
C VAL C 301 -22.39 23.52 28.71
N VAL C 302 -23.36 22.73 28.22
CA VAL C 302 -23.26 21.28 28.35
C VAL C 302 -22.08 20.75 27.54
N PHE C 303 -21.80 21.36 26.38
CA PHE C 303 -20.64 20.94 25.61
C PHE C 303 -19.34 21.22 26.37
N LEU C 304 -19.24 22.38 27.01
CA LEU C 304 -18.06 22.68 27.80
C LEU C 304 -17.91 21.71 28.95
N LEU C 305 -19.01 21.39 29.63
CA LEU C 305 -18.94 20.44 30.73
C LEU C 305 -18.53 19.06 30.25
N ALA C 306 -19.05 18.63 29.10
CA ALA C 306 -18.68 17.34 28.55
C ALA C 306 -17.21 17.29 28.17
N ASN C 307 -16.70 18.37 27.58
CA ASN C 307 -15.28 18.41 27.24
C ASN C 307 -14.41 18.37 28.50
N ILE C 308 -14.81 19.09 29.55
CA ILE C 308 -14.05 19.06 30.79
C ILE C 308 -14.06 17.65 31.38
N ILE C 309 -15.21 16.99 31.36
CA ILE C 309 -15.30 15.63 31.90
C ILE C 309 -14.42 14.68 31.10
N LEU C 310 -14.46 14.77 29.77
CA LEU C 310 -13.62 13.90 28.96
C LEU C 310 -12.15 14.16 29.21
N ALA C 311 -11.76 15.42 29.37
CA ALA C 311 -10.37 15.73 29.68
C ALA C 311 -9.97 15.13 31.01
N PHE C 312 -10.85 15.21 32.01
CA PHE C 312 -10.52 14.65 33.33
C PHE C 312 -10.39 13.13 33.28
N LEU C 313 -11.32 12.45 32.61
CA LEU C 313 -11.22 10.99 32.51
C LEU C 313 -10.10 10.51 31.59
N PHE C 314 -9.61 11.37 30.70
CA PHE C 314 -8.52 10.95 29.82
C PHE C 314 -7.15 11.44 30.27
N PHE C 315 -7.09 12.57 30.96
CA PHE C 315 -5.80 13.08 31.44
C PHE C 315 -5.70 12.95 32.95
N VAL D 5 42.85 -7.79 -1.22
CA VAL D 5 44.02 -7.06 -1.70
C VAL D 5 44.26 -5.82 -0.86
N SER D 6 45.52 -5.64 -0.44
CA SER D 6 45.87 -4.48 0.36
C SER D 6 45.78 -3.21 -0.49
N PRO D 7 45.53 -2.06 0.14
CA PRO D 7 45.52 -0.81 -0.61
C PRO D 7 46.88 -0.53 -1.19
N PRO D 8 46.95 0.21 -2.30
CA PRO D 8 48.24 0.50 -2.93
C PRO D 8 49.15 1.25 -1.98
N PRO D 9 50.45 0.99 -2.04
CA PRO D 9 51.38 1.61 -1.09
C PRO D 9 51.45 3.11 -1.30
N PRO D 10 51.16 3.91 -0.27
CA PRO D 10 51.30 5.37 -0.38
C PRO D 10 52.77 5.74 -0.51
N ILE D 11 53.10 6.48 -1.57
CA ILE D 11 54.49 6.89 -1.79
C ILE D 11 54.94 7.83 -0.69
N ALA D 12 54.03 8.67 -0.18
CA ALA D 12 54.34 9.59 0.90
C ALA D 12 53.13 9.64 1.84
N ASP D 13 53.12 10.62 2.73
CA ASP D 13 52.00 10.80 3.66
C ASP D 13 50.82 11.53 3.03
N GLU D 14 50.81 11.69 1.72
CA GLU D 14 49.69 12.36 1.06
C GLU D 14 48.45 11.47 1.12
N PRO D 15 47.33 11.98 1.62
CA PRO D 15 46.12 11.16 1.69
C PRO D 15 45.67 10.71 0.31
N LEU D 16 45.15 9.49 0.23
CA LEU D 16 44.70 8.91 -1.03
C LEU D 16 43.35 9.53 -1.38
N THR D 17 43.41 10.67 -2.04
CA THR D 17 42.19 11.36 -2.48
C THR D 17 41.57 10.62 -3.65
N VAL D 18 40.27 10.36 -3.56
CA VAL D 18 39.54 9.65 -4.59
C VAL D 18 38.60 10.62 -5.29
N ASN D 19 38.65 10.64 -6.62
CA ASN D 19 37.75 11.49 -7.40
C ASN D 19 36.41 10.80 -7.54
N THR D 20 35.34 11.48 -7.12
CA THR D 20 34.02 10.88 -7.08
C THR D 20 32.99 11.84 -7.65
N GLY D 21 31.85 11.28 -8.05
CA GLY D 21 30.77 12.05 -8.62
C GLY D 21 29.64 11.18 -9.11
N ILE D 22 28.40 11.61 -8.89
CA ILE D 22 27.22 10.84 -9.26
C ILE D 22 26.56 11.49 -10.46
N TYR D 23 26.32 10.69 -11.51
CA TYR D 23 25.58 11.14 -12.69
C TYR D 23 24.16 10.59 -12.57
N LEU D 24 23.22 11.46 -12.21
CA LEU D 24 21.86 11.03 -11.91
C LEU D 24 21.19 10.47 -13.18
N ILE D 25 20.35 9.46 -12.98
CA ILE D 25 19.61 8.81 -14.05
C ILE D 25 18.11 8.96 -13.88
N GLU D 26 17.57 8.45 -12.77
CA GLU D 26 16.13 8.47 -12.56
C GLU D 26 15.87 8.71 -11.08
N CYS D 27 15.50 9.94 -10.74
CA CYS D 27 15.11 10.30 -9.37
C CYS D 27 13.60 10.23 -9.33
N TYR D 28 13.09 9.13 -8.77
CA TYR D 28 11.67 8.82 -8.80
C TYR D 28 11.20 8.46 -7.39
N SER D 29 9.90 8.24 -7.26
CA SER D 29 9.27 7.90 -5.98
C SER D 29 9.66 8.90 -4.90
N LEU D 30 9.52 10.19 -5.23
CA LEU D 30 10.02 11.25 -4.35
C LEU D 30 9.31 11.27 -3.00
N ASP D 31 8.17 10.61 -2.87
CA ASP D 31 7.50 10.50 -1.58
C ASP D 31 6.78 9.16 -1.55
N ASP D 32 7.44 8.14 -0.98
CA ASP D 32 6.76 6.87 -0.75
C ASP D 32 5.55 7.07 0.15
N LYS D 33 5.75 7.72 1.28
CA LYS D 33 4.65 8.33 2.04
C LYS D 33 4.81 9.85 2.07
N ALA D 34 5.90 10.36 2.64
CA ALA D 34 6.25 11.76 2.46
C ALA D 34 7.74 12.05 2.37
N GLU D 35 8.63 11.08 2.55
CA GLU D 35 10.02 11.39 2.88
C GLU D 35 11.05 10.86 1.89
N THR D 36 11.04 9.57 1.58
CA THR D 36 12.15 8.99 0.83
C THR D 36 11.97 9.19 -0.68
N PHE D 37 13.10 9.28 -1.37
CA PHE D 37 13.12 9.24 -2.82
C PHE D 37 14.20 8.25 -3.25
N LYS D 38 13.95 7.56 -4.36
CA LYS D 38 14.85 6.52 -4.84
C LYS D 38 15.67 7.02 -6.03
N VAL D 39 16.91 6.56 -6.09
CA VAL D 39 17.85 6.93 -7.15
C VAL D 39 18.36 5.66 -7.80
N ASN D 40 18.56 5.71 -9.11
CA ASN D 40 19.13 4.60 -9.88
C ASN D 40 20.26 5.10 -10.76
N ALA D 41 21.18 5.86 -10.17
CA ALA D 41 22.20 6.58 -10.90
C ALA D 41 23.54 5.84 -10.88
N PHE D 42 24.47 6.34 -11.67
CA PHE D 42 25.85 5.88 -11.70
C PHE D 42 26.71 6.80 -10.85
N LEU D 43 27.76 6.23 -10.26
CA LEU D 43 28.77 7.01 -9.55
C LEU D 43 30.14 6.64 -10.11
N SER D 44 30.96 7.65 -10.38
CA SER D 44 32.27 7.46 -11.00
C SER D 44 33.35 7.67 -9.95
N LEU D 45 34.25 6.71 -9.84
CA LEU D 45 35.35 6.76 -8.88
C LEU D 45 36.68 6.73 -9.62
N SER D 46 37.57 7.66 -9.26
CA SER D 46 38.91 7.72 -9.82
C SER D 46 39.90 7.92 -8.69
N TRP D 47 40.98 7.16 -8.69
CA TRP D 47 42.02 7.26 -7.68
C TRP D 47 43.37 6.93 -8.32
N LYS D 48 44.38 6.70 -7.49
CA LYS D 48 45.73 6.39 -7.96
C LYS D 48 46.16 5.07 -7.35
N ASP D 49 46.48 4.10 -8.20
CA ASP D 49 46.93 2.79 -7.78
C ASP D 49 48.21 2.41 -8.53
N ARG D 50 48.99 1.51 -7.93
CA ARG D 50 50.23 1.05 -8.52
C ARG D 50 49.94 -0.02 -9.58
N ARG D 51 49.13 0.36 -10.55
CA ARG D 51 48.74 -0.50 -11.66
C ARG D 51 49.73 -0.29 -12.82
N LEU D 52 49.37 -0.76 -14.02
CA LEU D 52 50.25 -0.68 -15.17
C LEU D 52 50.69 0.76 -15.43
N ALA D 53 51.98 0.94 -15.68
CA ALA D 53 52.56 2.23 -15.98
C ALA D 53 52.40 2.52 -17.47
N PHE D 54 53.12 3.53 -17.97
CA PHE D 54 53.05 3.87 -19.38
C PHE D 54 53.39 2.66 -20.25
N ASP D 55 52.58 2.43 -21.28
CA ASP D 55 52.59 1.18 -22.04
C ASP D 55 52.70 1.49 -23.53
N PRO D 56 53.90 1.85 -24.01
CA PRO D 56 54.09 2.08 -25.45
C PRO D 56 54.23 0.77 -26.21
N VAL D 57 53.15 0.38 -26.90
CA VAL D 57 53.12 -0.78 -27.79
C VAL D 57 53.75 -2.02 -27.15
N ARG D 58 53.29 -2.39 -25.96
CA ARG D 58 53.73 -3.65 -25.36
C ARG D 58 52.55 -4.59 -25.19
N SER D 59 51.48 -4.10 -24.54
CA SER D 59 50.28 -4.92 -24.38
C SER D 59 49.22 -4.55 -25.41
N GLY D 60 49.20 -3.30 -25.84
CA GLY D 60 48.27 -2.85 -26.86
C GLY D 60 46.88 -2.47 -26.38
N VAL D 61 46.65 -2.47 -25.06
CA VAL D 61 45.34 -2.15 -24.50
C VAL D 61 45.50 -0.95 -23.58
N ARG D 62 44.67 0.07 -23.79
CA ARG D 62 44.67 1.26 -22.95
C ARG D 62 43.74 1.11 -21.76
N VAL D 63 42.47 0.82 -22.02
CA VAL D 63 41.48 0.60 -20.94
C VAL D 63 41.52 -0.89 -20.65
N LYS D 64 42.44 -1.28 -19.78
CA LYS D 64 42.59 -2.68 -19.38
C LYS D 64 41.54 -3.01 -18.34
N THR D 65 40.42 -3.58 -18.79
CA THR D 65 39.35 -3.93 -17.87
C THR D 65 39.81 -5.00 -16.90
N TYR D 66 39.44 -4.84 -15.63
CA TYR D 66 39.79 -5.79 -14.59
C TYR D 66 38.53 -6.30 -13.91
N GLU D 67 38.66 -7.45 -13.27
CA GLU D 67 37.52 -8.03 -12.55
C GLU D 67 37.13 -7.13 -11.39
N PRO D 68 35.84 -7.00 -11.09
CA PRO D 68 35.43 -6.15 -9.96
C PRO D 68 36.00 -6.60 -8.63
N GLU D 69 36.19 -7.90 -8.44
CA GLU D 69 36.71 -8.44 -7.19
C GLU D 69 38.23 -8.60 -7.20
N ALA D 70 38.90 -8.27 -8.31
CA ALA D 70 40.34 -8.45 -8.40
C ALA D 70 41.09 -7.28 -7.77
N ILE D 71 40.91 -6.08 -8.31
CA ILE D 71 41.62 -4.91 -7.83
C ILE D 71 40.90 -4.33 -6.63
N TRP D 72 41.67 -3.91 -5.62
CA TRP D 72 41.09 -3.25 -4.45
C TRP D 72 40.42 -1.95 -4.87
N ILE D 73 39.27 -1.67 -4.27
CA ILE D 73 38.55 -0.42 -4.49
C ILE D 73 38.23 0.19 -3.13
N PRO D 74 38.26 1.52 -3.00
CA PRO D 74 37.96 2.12 -1.70
C PRO D 74 36.51 1.86 -1.30
N GLU D 75 36.31 1.73 0.01
CA GLU D 75 34.99 1.47 0.57
C GLU D 75 34.27 2.79 0.75
N ILE D 76 33.34 3.11 -0.15
CA ILE D 76 32.49 4.29 -0.06
C ILE D 76 31.07 3.84 0.19
N ARG D 77 30.49 4.30 1.29
CA ARG D 77 29.18 3.85 1.73
C ARG D 77 28.30 5.06 2.00
N PHE D 78 27.04 4.97 1.58
CA PHE D 78 26.09 6.04 1.80
C PHE D 78 25.63 6.05 3.24
N VAL D 79 25.46 7.25 3.81
CA VAL D 79 25.06 7.36 5.21
C VAL D 79 23.54 7.30 5.35
N ASN D 80 22.82 8.16 4.62
CA ASN D 80 21.38 8.28 4.79
C ASN D 80 20.65 7.47 3.72
N VAL D 81 20.66 6.15 3.90
CA VAL D 81 19.97 5.23 3.02
C VAL D 81 19.33 4.12 3.85
N GLU D 82 18.32 3.48 3.25
CA GLU D 82 17.64 2.36 3.91
C GLU D 82 18.61 1.21 4.15
N ASN D 83 19.31 0.78 3.10
CA ASN D 83 20.27 -0.31 3.19
C ASN D 83 21.41 0.01 2.25
N ALA D 84 22.42 -0.86 2.24
CA ALA D 84 23.57 -0.66 1.39
C ALA D 84 23.14 -0.55 -0.07
N ARG D 85 23.78 0.37 -0.78
CA ARG D 85 23.42 0.61 -2.17
C ARG D 85 23.58 -0.65 -3.00
N ASP D 86 22.64 -0.89 -3.90
CA ASP D 86 22.70 -2.06 -4.77
C ASP D 86 23.77 -1.83 -5.81
N ALA D 87 25.03 -1.88 -5.40
CA ALA D 87 26.12 -1.59 -6.32
C ALA D 87 26.26 -2.68 -7.36
N ASP D 88 26.35 -2.27 -8.63
CA ASP D 88 26.57 -3.20 -9.74
C ASP D 88 27.66 -2.61 -10.61
N VAL D 89 28.84 -3.24 -10.59
CA VAL D 89 29.99 -2.70 -11.31
C VAL D 89 29.73 -2.77 -12.81
N VAL D 90 29.96 -1.65 -13.48
CA VAL D 90 29.74 -1.55 -14.93
C VAL D 90 31.05 -1.67 -15.69
N ASP D 91 32.05 -0.87 -15.34
CA ASP D 91 33.31 -0.87 -16.07
C ASP D 91 34.42 -0.32 -15.19
N ILE D 92 35.42 -1.15 -14.92
CA ILE D 92 36.62 -0.72 -14.20
C ILE D 92 37.72 -0.59 -15.25
N SER D 93 38.00 0.62 -15.68
CA SER D 93 39.03 0.89 -16.67
C SER D 93 40.22 1.54 -15.98
N VAL D 94 41.38 0.89 -16.06
CA VAL D 94 42.62 1.41 -15.49
C VAL D 94 43.49 1.92 -16.64
N SER D 95 43.95 3.13 -16.53
CA SER D 95 44.76 3.72 -17.58
C SER D 95 46.24 3.51 -17.29
N PRO D 96 47.07 3.47 -18.34
CA PRO D 96 48.52 3.36 -18.13
C PRO D 96 49.09 4.54 -17.36
N ASP D 97 48.41 5.69 -17.34
CA ASP D 97 48.89 6.83 -16.56
C ASP D 97 48.98 6.51 -15.07
N GLY D 98 48.11 5.64 -14.58
CA GLY D 98 48.16 5.23 -13.19
C GLY D 98 46.90 5.54 -12.41
N THR D 99 45.79 5.71 -13.11
CA THR D 99 44.51 6.00 -12.48
C THR D 99 43.49 4.95 -12.88
N VAL D 100 42.59 4.65 -11.94
CA VAL D 100 41.55 3.65 -12.12
C VAL D 100 40.22 4.37 -12.20
N GLN D 101 39.50 4.19 -13.30
CA GLN D 101 38.17 4.78 -13.47
C GLN D 101 37.14 3.72 -13.14
N TYR D 102 36.49 3.88 -11.98
CA TYR D 102 35.49 2.94 -11.49
C TYR D 102 34.10 3.53 -11.70
N LEU D 103 33.21 2.75 -12.28
CA LEU D 103 31.86 3.21 -12.60
C LEU D 103 30.89 2.09 -12.25
N GLU D 104 30.02 2.34 -11.26
CA GLU D 104 29.06 1.35 -10.80
C GLU D 104 27.67 1.97 -10.74
N ARG D 105 26.67 1.18 -11.13
CA ARG D 105 25.28 1.60 -11.06
C ARG D 105 24.68 1.10 -9.76
N PHE D 106 24.10 2.00 -8.97
CA PHE D 106 23.50 1.66 -7.70
C PHE D 106 22.07 2.18 -7.64
N SER D 107 21.23 1.46 -6.92
CA SER D 107 19.84 1.84 -6.70
C SER D 107 19.60 1.90 -5.20
N ALA D 108 19.90 3.04 -4.61
CA ALA D 108 19.76 3.24 -3.17
C ALA D 108 18.47 4.01 -2.87
N ARG D 109 17.91 3.72 -1.69
CA ARG D 109 16.72 4.41 -1.22
C ARG D 109 17.17 5.56 -0.32
N VAL D 110 17.53 6.67 -0.98
CA VAL D 110 18.12 7.80 -0.27
C VAL D 110 17.11 8.42 0.68
N LEU D 111 17.58 8.81 1.86
CA LEU D 111 16.77 9.49 2.86
C LEU D 111 17.04 10.98 2.82
N SER D 112 15.98 11.77 2.84
CA SER D 112 16.13 13.22 2.88
C SER D 112 14.86 13.84 3.45
N PRO D 113 14.97 14.77 4.39
CA PRO D 113 13.78 15.42 4.93
C PRO D 113 13.15 16.34 3.89
N LEU D 114 11.82 16.29 3.81
CA LEU D 114 11.04 17.13 2.92
C LEU D 114 10.36 18.20 3.74
N ASP D 115 10.59 19.46 3.38
CA ASP D 115 10.11 20.61 4.14
C ASP D 115 8.96 21.24 3.38
N PHE D 116 7.74 20.79 3.68
CA PHE D 116 6.53 21.31 3.05
C PHE D 116 5.95 22.48 3.84
N ARG D 117 6.78 23.47 4.18
CA ARG D 117 6.25 24.63 4.86
C ARG D 117 5.64 25.64 3.89
N ARG D 118 5.93 25.51 2.61
CA ARG D 118 5.38 26.36 1.57
C ARG D 118 4.95 25.50 0.38
N TYR D 119 4.21 24.43 0.67
CA TYR D 119 4.01 23.27 -0.19
C TYR D 119 3.84 23.59 -1.67
N PRO D 120 2.86 24.41 -2.07
CA PRO D 120 2.68 24.63 -3.52
C PRO D 120 3.86 25.30 -4.17
N PHE D 121 4.64 26.09 -3.41
CA PHE D 121 5.68 26.94 -3.98
C PHE D 121 7.05 26.64 -3.38
N ASP D 122 7.22 25.46 -2.78
CA ASP D 122 8.41 25.18 -2.01
C ASP D 122 9.61 24.94 -2.92
N SER D 123 10.78 24.79 -2.29
CA SER D 123 12.01 24.48 -3.01
C SER D 123 12.88 23.65 -2.08
N GLN D 124 12.79 22.33 -2.20
CA GLN D 124 13.47 21.42 -1.30
C GLN D 124 14.96 21.35 -1.61
N THR D 125 15.69 20.62 -0.77
CA THR D 125 17.13 20.42 -0.94
C THR D 125 17.44 18.99 -0.53
N LEU D 126 17.46 18.09 -1.51
CA LEU D 126 17.78 16.69 -1.23
C LEU D 126 19.26 16.55 -0.89
N HIS D 127 19.58 15.49 -0.14
CA HIS D 127 20.92 15.29 0.38
C HIS D 127 21.40 13.87 0.13
N ILE D 128 22.69 13.75 -0.15
CA ILE D 128 23.38 12.46 -0.23
C ILE D 128 24.71 12.61 0.49
N TYR D 129 25.00 11.69 1.41
CA TYR D 129 26.19 11.75 2.24
C TYR D 129 27.17 10.66 1.83
N LEU D 130 28.45 11.01 1.85
CA LEU D 130 29.51 10.07 1.47
C LEU D 130 30.54 9.98 2.58
N ILE D 131 30.95 8.75 2.91
CA ILE D 131 31.99 8.50 3.89
C ILE D 131 32.90 7.40 3.35
N VAL D 132 34.19 7.48 3.71
CA VAL D 132 35.19 6.51 3.31
C VAL D 132 35.82 5.92 4.56
N ARG D 133 35.86 4.59 4.63
CA ARG D 133 36.48 3.90 5.77
C ARG D 133 37.98 3.81 5.52
N SER D 134 38.75 4.64 6.22
CA SER D 134 40.20 4.59 6.09
C SER D 134 40.74 3.30 6.70
N VAL D 135 41.78 2.74 6.07
CA VAL D 135 42.39 1.49 6.51
C VAL D 135 43.77 1.73 7.10
N ASP D 136 44.70 2.24 6.31
CA ASP D 136 46.07 2.50 6.75
C ASP D 136 46.37 3.98 6.84
N THR D 137 46.06 4.73 5.78
CA THR D 137 46.21 6.19 5.78
C THR D 137 44.83 6.84 5.62
N ARG D 138 44.75 8.09 6.04
CA ARG D 138 43.49 8.83 5.93
C ARG D 138 43.12 9.02 4.47
N ASN D 139 41.87 8.75 4.13
CA ASN D 139 41.35 8.97 2.79
C ASN D 139 40.47 10.21 2.80
N ILE D 140 40.78 11.16 1.92
CA ILE D 140 40.01 12.39 1.79
C ILE D 140 39.14 12.26 0.55
N VAL D 141 37.83 12.29 0.75
CA VAL D 141 36.86 12.09 -0.32
C VAL D 141 36.40 13.46 -0.81
N LEU D 142 37.07 14.52 -0.34
CA LEU D 142 36.67 15.87 -0.71
C LEU D 142 36.88 16.15 -2.20
N ALA D 143 37.61 15.28 -2.88
CA ALA D 143 37.84 15.44 -4.32
C ALA D 143 36.54 15.16 -5.06
N VAL D 144 35.86 16.23 -5.47
CA VAL D 144 34.66 16.13 -6.29
C VAL D 144 35.06 16.31 -7.74
N ASP D 145 34.63 15.39 -8.60
CA ASP D 145 35.05 15.41 -9.99
C ASP D 145 34.55 16.65 -10.70
N LEU D 146 33.30 17.05 -10.44
CA LEU D 146 32.67 18.23 -11.05
C LEU D 146 32.56 18.12 -12.57
N GLU D 147 32.88 16.96 -13.12
CA GLU D 147 32.71 16.72 -14.56
C GLU D 147 31.94 15.44 -14.86
N LYS D 148 31.77 14.52 -13.91
CA LYS D 148 30.97 13.33 -14.09
C LYS D 148 29.65 13.39 -13.33
N VAL D 149 29.16 14.59 -13.05
CA VAL D 149 27.92 14.77 -12.31
C VAL D 149 26.88 15.40 -13.22
N GLY D 150 25.63 15.36 -12.78
CA GLY D 150 24.53 15.95 -13.51
C GLY D 150 23.39 14.97 -13.72
N LYS D 151 22.18 15.51 -13.83
CA LYS D 151 20.99 14.70 -14.06
C LYS D 151 20.85 14.42 -15.57
N ASN D 152 19.70 13.89 -15.97
CA ASN D 152 19.45 13.63 -17.37
C ASN D 152 19.26 14.96 -18.12
N ASP D 153 19.44 14.90 -19.44
CA ASP D 153 19.23 16.07 -20.28
C ASP D 153 17.78 16.54 -20.25
N ASP D 154 16.85 15.66 -19.86
CA ASP D 154 15.45 16.07 -19.77
C ASP D 154 15.24 17.11 -18.67
N VAL D 155 16.05 17.06 -17.62
CA VAL D 155 16.03 18.02 -16.52
C VAL D 155 14.67 18.03 -15.84
N PHE D 156 14.28 16.88 -15.29
CA PHE D 156 13.03 16.76 -14.53
C PHE D 156 13.09 15.48 -13.73
N LEU D 157 12.85 15.58 -12.42
CA LEU D 157 12.87 14.39 -11.58
C LEU D 157 11.57 13.62 -11.71
N THR D 158 10.48 14.22 -11.25
CA THR D 158 9.13 13.71 -11.44
C THR D 158 8.16 14.85 -11.65
N GLY D 159 8.61 15.88 -12.38
CA GLY D 159 7.89 17.13 -12.40
C GLY D 159 8.48 18.12 -11.40
N TRP D 160 9.79 18.29 -11.46
CA TRP D 160 10.50 19.20 -10.58
C TRP D 160 11.51 19.97 -11.43
N ASP D 161 11.96 21.11 -10.91
CA ASP D 161 12.93 21.95 -11.59
C ASP D 161 14.23 21.96 -10.81
N ILE D 162 15.33 21.62 -11.46
CA ILE D 162 16.64 21.57 -10.84
C ILE D 162 17.28 22.95 -10.93
N GLU D 163 17.85 23.42 -9.83
CA GLU D 163 18.53 24.71 -9.79
C GLU D 163 20.04 24.61 -9.67
N SER D 164 20.55 23.71 -8.84
CA SER D 164 21.99 23.58 -8.65
C SER D 164 22.30 22.19 -8.13
N PHE D 165 23.56 21.80 -8.23
CA PHE D 165 24.05 20.53 -7.71
C PHE D 165 25.35 20.76 -6.97
N THR D 166 25.35 21.74 -6.07
CA THR D 166 26.55 22.07 -5.31
C THR D 166 27.00 20.89 -4.48
N ALA D 167 28.30 20.59 -4.52
CA ALA D 167 28.90 19.49 -3.78
C ALA D 167 30.01 20.04 -2.91
N VAL D 168 29.71 20.28 -1.64
CA VAL D 168 30.66 20.86 -0.69
C VAL D 168 31.01 19.81 0.35
N VAL D 169 32.30 19.56 0.54
CA VAL D 169 32.77 18.63 1.55
C VAL D 169 32.83 19.37 2.88
N LYS D 170 31.94 19.00 3.82
CA LYS D 170 31.84 19.68 5.09
C LYS D 170 32.70 18.95 6.12
N PRO D 171 33.73 19.59 6.68
CA PRO D 171 34.57 18.90 7.68
C PRO D 171 33.82 18.68 8.98
N ALA D 172 32.79 17.82 8.95
CA ALA D 172 31.96 17.56 10.11
C ALA D 172 31.75 16.06 10.27
N ASN D 173 31.50 15.64 11.51
CA ASN D 173 31.29 14.25 11.85
C ASN D 173 30.09 14.12 12.78
N PHE D 174 29.57 12.91 12.90
CA PHE D 174 28.47 12.61 13.82
C PHE D 174 28.99 12.14 15.18
N ALA D 175 29.94 12.90 15.73
CA ALA D 175 30.48 12.68 17.07
C ALA D 175 30.98 11.25 17.26
N LEU D 176 31.47 10.63 16.19
CA LEU D 176 31.92 9.25 16.22
C LEU D 176 33.16 9.10 15.36
N GLU D 177 34.01 8.13 15.74
CA GLU D 177 35.21 7.71 15.01
C GLU D 177 36.12 8.89 14.71
N ASP D 178 37.10 8.69 13.83
CA ASP D 178 38.04 9.73 13.46
C ASP D 178 37.91 10.19 12.02
N ARG D 179 37.59 9.29 11.09
CA ARG D 179 37.48 9.64 9.68
C ARG D 179 36.10 10.14 9.29
N LEU D 180 35.13 10.18 10.21
CA LEU D 180 33.80 10.68 9.87
C LEU D 180 33.79 12.18 9.62
N GLU D 181 34.83 12.90 10.05
CA GLU D 181 34.85 14.34 9.83
C GLU D 181 34.95 14.68 8.35
N SER D 182 35.43 13.77 7.52
CA SER D 182 35.50 13.98 6.08
C SER D 182 34.25 13.37 5.43
N LYS D 183 33.15 14.12 5.52
CA LYS D 183 31.91 13.76 4.85
C LYS D 183 31.77 14.57 3.57
N LEU D 184 31.30 13.93 2.52
CA LEU D 184 31.04 14.61 1.25
C LEU D 184 29.54 14.77 1.07
N ASP D 185 29.11 16.00 0.83
CA ASP D 185 27.70 16.37 0.82
C ASP D 185 27.28 16.76 -0.59
N TYR D 186 26.20 16.14 -1.07
CA TYR D 186 25.63 16.44 -2.38
C TYR D 186 24.31 17.17 -2.18
N GLN D 187 24.30 18.47 -2.50
CA GLN D 187 23.10 19.29 -2.39
C GLN D 187 22.46 19.43 -3.76
N LEU D 188 21.31 18.81 -3.94
CA LEU D 188 20.50 18.97 -5.14
C LEU D 188 19.31 19.84 -4.75
N ARG D 189 19.42 21.14 -5.01
CA ARG D 189 18.36 22.09 -4.66
C ARG D 189 17.36 22.12 -5.80
N ILE D 190 16.25 21.42 -5.63
CA ILE D 190 15.20 21.34 -6.64
C ILE D 190 14.08 22.28 -6.27
N SER D 191 13.37 22.77 -7.29
CA SER D 191 12.22 23.64 -7.10
C SER D 191 11.03 23.06 -7.82
N ARG D 192 9.86 23.16 -7.19
CA ARG D 192 8.63 22.59 -7.71
C ARG D 192 7.94 23.62 -8.60
N GLN D 193 7.55 23.20 -9.81
CA GLN D 193 6.80 24.08 -10.68
C GLN D 193 5.33 24.05 -10.27
N TYR D 194 4.73 25.22 -10.15
CA TYR D 194 3.45 25.39 -9.48
C TYR D 194 2.30 25.69 -10.43
N PHE D 195 2.53 25.66 -11.75
CA PHE D 195 1.47 26.07 -12.66
C PHE D 195 0.28 25.14 -12.54
N SER D 196 0.52 23.83 -12.50
CA SER D 196 -0.59 22.88 -12.44
C SER D 196 -1.38 23.01 -11.14
N TYR D 197 -0.72 23.35 -10.05
CA TYR D 197 -1.41 23.39 -8.76
C TYR D 197 -2.42 24.53 -8.71
N ILE D 198 -2.18 25.62 -9.43
CA ILE D 198 -3.11 26.76 -9.38
C ILE D 198 -4.51 26.36 -9.84
N PRO D 199 -4.70 25.64 -10.95
CA PRO D 199 -6.05 25.13 -11.25
C PRO D 199 -6.38 23.83 -10.56
N ASN D 200 -5.39 23.02 -10.17
CA ASN D 200 -5.71 21.73 -9.56
C ASN D 200 -6.29 21.91 -8.16
N ILE D 201 -5.75 22.85 -7.38
CA ILE D 201 -6.08 22.94 -5.96
C ILE D 201 -6.57 24.34 -5.61
N ILE D 202 -5.77 25.36 -5.91
CA ILE D 202 -6.00 26.68 -5.36
C ILE D 202 -7.26 27.31 -5.94
N LEU D 203 -7.42 27.27 -7.25
CA LEU D 203 -8.55 27.97 -7.87
C LEU D 203 -9.89 27.39 -7.46
N PRO D 204 -10.12 26.07 -7.49
CA PRO D 204 -11.46 25.58 -7.13
C PRO D 204 -11.90 25.92 -5.71
N MET D 205 -10.98 25.95 -4.75
CA MET D 205 -11.37 26.37 -3.40
C MET D 205 -11.84 27.81 -3.40
N LEU D 206 -11.16 28.69 -4.15
CA LEU D 206 -11.59 30.07 -4.24
C LEU D 206 -12.94 30.18 -4.93
N PHE D 207 -13.19 29.36 -5.96
CA PHE D 207 -14.50 29.38 -6.60
C PHE D 207 -15.60 28.97 -5.65
N ILE D 208 -15.36 27.92 -4.86
CA ILE D 208 -16.34 27.48 -3.88
C ILE D 208 -16.57 28.57 -2.83
N LEU D 209 -15.49 29.22 -2.39
CA LEU D 209 -15.63 30.29 -1.41
C LEU D 209 -16.43 31.46 -1.96
N PHE D 210 -16.23 31.79 -3.24
CA PHE D 210 -17.00 32.87 -3.84
C PHE D 210 -18.47 32.49 -3.96
N ILE D 211 -18.74 31.23 -4.29
CA ILE D 211 -20.12 30.74 -4.28
C ILE D 211 -20.73 30.93 -2.91
N SER D 212 -19.94 30.69 -1.86
CA SER D 212 -20.42 30.96 -0.50
C SER D 212 -20.73 32.44 -0.30
N TRP D 213 -19.79 33.31 -0.68
CA TRP D 213 -19.96 34.74 -0.48
C TRP D 213 -21.13 35.29 -1.28
N THR D 214 -21.61 34.54 -2.27
CA THR D 214 -22.84 34.93 -2.95
C THR D 214 -23.98 35.17 -1.98
N ALA D 215 -24.01 34.43 -0.86
CA ALA D 215 -25.11 34.48 0.08
C ALA D 215 -25.39 35.88 0.64
N PHE D 216 -24.52 36.85 0.39
CA PHE D 216 -24.75 38.21 0.86
C PHE D 216 -25.55 39.03 -0.13
N TRP D 217 -25.87 38.50 -1.31
CA TRP D 217 -26.72 39.17 -2.28
C TRP D 217 -28.12 38.59 -2.31
N SER D 218 -28.56 38.01 -1.20
CA SER D 218 -29.86 37.35 -1.11
C SER D 218 -30.53 37.73 0.20
N THR D 219 -31.84 37.97 0.14
CA THR D 219 -32.64 38.25 1.31
C THR D 219 -33.40 37.02 1.81
N SER D 220 -33.23 35.88 1.15
CA SER D 220 -33.93 34.66 1.54
C SER D 220 -33.08 33.88 2.53
N TYR D 221 -33.68 33.51 3.66
CA TYR D 221 -32.92 32.80 4.69
C TYR D 221 -32.65 31.36 4.29
N GLU D 222 -33.66 30.67 3.74
CA GLU D 222 -33.46 29.29 3.33
C GLU D 222 -32.41 29.18 2.23
N ALA D 223 -32.46 30.09 1.26
CA ALA D 223 -31.46 30.08 0.20
C ALA D 223 -30.07 30.38 0.73
N ASN D 224 -29.97 31.32 1.67
CA ASN D 224 -28.68 31.64 2.27
C ASN D 224 -28.11 30.45 3.01
N VAL D 225 -28.94 29.76 3.81
CA VAL D 225 -28.47 28.59 4.54
C VAL D 225 -28.03 27.51 3.57
N THR D 226 -28.84 27.26 2.53
CA THR D 226 -28.45 26.26 1.54
C THR D 226 -27.10 26.59 0.93
N LEU D 227 -26.94 27.83 0.43
CA LEU D 227 -25.67 28.27 -0.11
C LEU D 227 -24.53 27.98 0.84
N VAL D 228 -24.57 28.58 2.04
CA VAL D 228 -23.39 28.54 2.91
C VAL D 228 -23.09 27.12 3.37
N VAL D 229 -24.11 26.39 3.85
CA VAL D 229 -23.86 25.09 4.43
C VAL D 229 -23.48 24.07 3.35
N SER D 230 -24.23 24.04 2.24
CA SER D 230 -23.88 23.10 1.18
C SER D 230 -22.54 23.46 0.55
N THR D 231 -22.17 24.74 0.53
CA THR D 231 -20.86 25.13 0.06
C THR D 231 -19.78 24.68 1.04
N LEU D 232 -20.07 24.70 2.33
CA LEU D 232 -19.13 24.15 3.30
C LEU D 232 -18.93 22.65 3.09
N ILE D 233 -20.01 21.93 2.81
CA ILE D 233 -19.90 20.50 2.51
C ILE D 233 -19.06 20.29 1.25
N ALA D 234 -19.29 21.12 0.22
CA ALA D 234 -18.52 21.02 -1.00
C ALA D 234 -17.05 21.30 -0.75
N HIS D 235 -16.75 22.28 0.11
CA HIS D 235 -15.37 22.59 0.42
C HIS D 235 -14.70 21.45 1.17
N ILE D 236 -15.41 20.82 2.10
CA ILE D 236 -14.84 19.67 2.81
C ILE D 236 -14.60 18.52 1.85
N ALA D 237 -15.53 18.27 0.94
CA ALA D 237 -15.34 17.22 -0.05
C ALA D 237 -14.14 17.51 -0.95
N PHE D 238 -13.99 18.77 -1.36
CA PHE D 238 -12.82 19.14 -2.16
C PHE D 238 -11.54 19.02 -1.35
N ASN D 239 -11.59 19.29 -0.06
CA ASN D 239 -10.42 19.09 0.79
C ASN D 239 -10.06 17.61 0.83
N ILE D 240 -11.05 16.73 0.91
CA ILE D 240 -10.77 15.30 0.85
C ILE D 240 -10.12 14.94 -0.47
N LEU D 241 -10.62 15.53 -1.56
CA LEU D 241 -10.05 15.25 -2.88
C LEU D 241 -8.60 15.72 -2.98
N VAL D 242 -8.31 16.89 -2.42
CA VAL D 242 -6.95 17.43 -2.45
C VAL D 242 -6.02 16.61 -1.58
N GLU D 243 -6.51 16.11 -0.44
CA GLU D 243 -5.64 15.53 0.57
C GLU D 243 -4.82 14.36 0.04
N THR D 244 -5.25 13.72 -1.05
CA THR D 244 -4.45 12.66 -1.64
C THR D 244 -3.11 13.20 -2.13
N ASN D 245 -3.12 14.39 -2.76
CA ASN D 245 -1.87 14.99 -3.22
C ASN D 245 -0.96 15.35 -2.06
N LEU D 246 -1.53 15.94 -1.00
CA LEU D 246 -0.72 16.47 0.08
C LEU D 246 -0.07 15.33 0.87
N PRO D 247 1.13 15.57 1.41
CA PRO D 247 1.78 14.58 2.26
C PRO D 247 1.24 14.62 3.68
N LYS D 248 1.87 13.87 4.59
CA LYS D 248 1.39 13.82 5.97
C LYS D 248 1.39 15.21 6.61
N THR D 249 2.53 15.90 6.56
CA THR D 249 2.69 17.24 7.10
C THR D 249 2.21 17.35 8.54
N PRO D 250 2.94 16.76 9.51
CA PRO D 250 2.50 16.86 10.91
C PRO D 250 2.58 18.27 11.47
N TYR D 251 3.35 19.16 10.87
CA TYR D 251 3.49 20.53 11.30
C TYR D 251 2.60 21.45 10.48
N MET D 252 2.75 22.76 10.65
CA MET D 252 1.83 23.74 10.09
C MET D 252 2.27 24.12 8.68
N THR D 253 1.53 23.64 7.68
CA THR D 253 1.80 23.90 6.28
C THR D 253 1.20 25.25 5.87
N TYR D 254 1.75 25.83 4.80
CA TYR D 254 1.14 27.01 4.21
C TYR D 254 -0.24 26.70 3.66
N THR D 255 -0.33 25.68 2.81
CA THR D 255 -1.63 25.30 2.26
C THR D 255 -2.54 24.71 3.32
N GLY D 256 -2.01 24.34 4.49
CA GLY D 256 -2.82 24.00 5.63
C GLY D 256 -3.25 25.18 6.46
N ALA D 257 -2.82 26.38 6.09
CA ALA D 257 -3.26 27.61 6.75
C ALA D 257 -4.26 28.39 5.92
N ILE D 258 -4.24 28.24 4.59
CA ILE D 258 -5.30 28.81 3.77
C ILE D 258 -6.60 28.04 3.98
N ILE D 259 -6.50 26.72 4.11
CA ILE D 259 -7.70 25.90 4.32
C ILE D 259 -8.37 26.23 5.64
N PHE D 260 -7.58 26.37 6.71
CA PHE D 260 -8.16 26.76 7.99
C PHE D 260 -8.76 28.16 7.92
N MET D 261 -8.10 29.06 7.18
CA MET D 261 -8.67 30.39 6.99
C MET D 261 -10.01 30.32 6.30
N ILE D 262 -10.14 29.42 5.32
CA ILE D 262 -11.41 29.27 4.60
C ILE D 262 -12.48 28.70 5.52
N TYR D 263 -12.10 27.76 6.40
CA TYR D 263 -13.06 27.26 7.39
C TYR D 263 -13.54 28.38 8.30
N LEU D 264 -12.61 29.22 8.77
CA LEU D 264 -12.99 30.34 9.61
C LEU D 264 -13.91 31.29 8.85
N PHE D 265 -13.66 31.49 7.56
CA PHE D 265 -14.52 32.35 6.76
C PHE D 265 -15.92 31.77 6.61
N TYR D 266 -16.02 30.44 6.48
CA TYR D 266 -17.34 29.82 6.44
C TYR D 266 -18.07 30.02 7.75
N PHE D 267 -17.36 29.88 8.88
CA PHE D 267 -18.00 30.11 10.17
C PHE D 267 -18.48 31.55 10.29
N VAL D 268 -17.65 32.51 9.90
CA VAL D 268 -18.04 33.91 10.00
C VAL D 268 -19.19 34.22 9.06
N ALA D 269 -19.21 33.61 7.88
CA ALA D 269 -20.33 33.81 6.96
C ALA D 269 -21.63 33.26 7.54
N VAL D 270 -21.57 32.10 8.19
CA VAL D 270 -22.77 31.56 8.85
C VAL D 270 -23.24 32.51 9.94
N ILE D 271 -22.30 33.03 10.74
CA ILE D 271 -22.67 33.97 11.79
C ILE D 271 -23.32 35.21 11.19
N GLU D 272 -22.77 35.71 10.08
CA GLU D 272 -23.33 36.90 9.46
C GLU D 272 -24.73 36.65 8.91
N VAL D 273 -24.94 35.49 8.28
CA VAL D 273 -26.27 35.17 7.76
C VAL D 273 -27.26 35.07 8.90
N THR D 274 -26.85 34.43 10.00
CA THR D 274 -27.72 34.32 11.16
C THR D 274 -28.06 35.69 11.75
N VAL D 275 -27.07 36.58 11.82
CA VAL D 275 -27.31 37.91 12.36
C VAL D 275 -28.26 38.68 11.45
N GLN D 276 -28.08 38.57 10.14
CA GLN D 276 -28.98 39.21 9.21
C GLN D 276 -30.41 38.73 9.42
N HIS D 277 -30.62 37.42 9.49
CA HIS D 277 -31.96 36.90 9.67
C HIS D 277 -32.53 37.30 11.04
N TYR D 278 -31.70 37.25 12.08
CA TYR D 278 -32.15 37.57 13.43
C TYR D 278 -32.61 39.01 13.52
N LEU D 279 -31.89 39.93 12.88
CA LEU D 279 -32.32 41.32 12.91
C LEU D 279 -33.49 41.56 11.97
N LYS D 280 -33.56 40.83 10.86
CA LYS D 280 -34.64 41.03 9.90
C LYS D 280 -35.97 40.54 10.43
N VAL D 281 -35.96 39.49 11.24
CA VAL D 281 -37.22 38.95 11.75
C VAL D 281 -37.85 39.84 12.82
N GLU D 282 -37.04 40.48 13.66
CA GLU D 282 -37.57 41.32 14.73
C GLU D 282 -37.55 42.81 14.37
N SER D 283 -38.18 43.15 13.24
CA SER D 283 -38.53 44.53 12.91
C SER D 283 -37.33 45.47 12.95
N GLN D 284 -36.19 45.00 12.47
CA GLN D 284 -35.00 45.85 12.28
C GLN D 284 -34.42 45.63 10.89
N PRO D 285 -35.17 45.95 9.84
CA PRO D 285 -34.63 45.74 8.49
C PRO D 285 -33.47 46.66 8.15
N ALA D 286 -33.41 47.85 8.75
CA ALA D 286 -32.34 48.78 8.44
C ALA D 286 -30.99 48.24 8.89
N ARG D 287 -30.92 47.69 10.10
CA ARG D 287 -29.67 47.13 10.59
C ARG D 287 -29.25 45.92 9.78
N ALA D 288 -30.20 45.06 9.41
CA ALA D 288 -29.87 43.90 8.60
C ALA D 288 -29.34 44.31 7.23
N ALA D 289 -29.98 45.30 6.60
CA ALA D 289 -29.50 45.78 5.31
C ALA D 289 -28.12 46.40 5.44
N SER D 290 -27.89 47.18 6.50
CA SER D 290 -26.58 47.79 6.70
C SER D 290 -25.51 46.73 6.88
N ILE D 291 -25.78 45.71 7.69
CA ILE D 291 -24.81 44.64 7.90
C ILE D 291 -24.53 43.89 6.61
N THR D 292 -25.58 43.60 5.84
CA THR D 292 -25.38 42.89 4.57
C THR D 292 -24.56 43.72 3.61
N ARG D 293 -24.87 45.01 3.47
CA ARG D 293 -24.15 45.87 2.54
C ARG D 293 -22.69 46.03 2.98
N ALA D 294 -22.46 46.15 4.28
CA ALA D 294 -21.08 46.21 4.76
C ALA D 294 -20.34 44.91 4.47
N SER D 295 -20.98 43.76 4.73
CA SER D 295 -20.31 42.48 4.55
C SER D 295 -19.97 42.22 3.10
N ARG D 296 -20.81 42.69 2.17
CA ARG D 296 -20.55 42.48 0.74
C ARG D 296 -19.14 42.91 0.36
N ILE D 297 -18.66 44.00 0.94
CA ILE D 297 -17.35 44.53 0.62
C ILE D 297 -16.33 44.08 1.66
N ALA D 298 -16.80 43.83 2.89
CA ALA D 298 -15.89 43.51 3.98
C ALA D 298 -15.37 42.09 3.93
N PHE D 299 -16.07 41.18 3.28
CA PHE D 299 -15.57 39.81 3.27
C PHE D 299 -14.42 39.64 2.28
N PRO D 300 -14.55 40.02 1.01
CA PRO D 300 -13.40 39.87 0.09
C PRO D 300 -12.18 40.65 0.52
N VAL D 301 -12.36 41.85 1.07
CA VAL D 301 -11.22 42.65 1.50
C VAL D 301 -10.49 41.97 2.65
N VAL D 302 -11.24 41.46 3.63
CA VAL D 302 -10.61 40.77 4.75
C VAL D 302 -9.94 39.49 4.28
N PHE D 303 -10.52 38.80 3.29
CA PHE D 303 -9.86 37.63 2.75
C PHE D 303 -8.55 37.98 2.07
N LEU D 304 -8.53 39.06 1.30
CA LEU D 304 -7.29 39.48 0.66
C LEU D 304 -6.24 39.85 1.70
N LEU D 305 -6.64 40.56 2.75
CA LEU D 305 -5.69 40.91 3.80
C LEU D 305 -5.16 39.68 4.51
N ALA D 306 -6.02 38.69 4.76
CA ALA D 306 -5.58 37.46 5.42
C ALA D 306 -4.61 36.70 4.54
N ASN D 307 -4.88 36.64 3.23
CA ASN D 307 -3.96 35.97 2.32
C ASN D 307 -2.61 36.68 2.28
N ILE D 308 -2.61 38.01 2.25
CA ILE D 308 -1.36 38.76 2.25
C ILE D 308 -0.59 38.48 3.54
N ILE D 309 -1.28 38.46 4.68
CA ILE D 309 -0.62 38.21 5.96
C ILE D 309 -0.02 36.82 5.98
N LEU D 310 -0.77 35.81 5.51
CA LEU D 310 -0.25 34.45 5.48
C LEU D 310 0.95 34.34 4.56
N ALA D 311 0.91 35.01 3.40
CA ALA D 311 2.06 35.00 2.51
C ALA D 311 3.27 35.62 3.18
N PHE D 312 3.08 36.72 3.91
CA PHE D 312 4.21 37.38 4.57
C PHE D 312 4.80 36.50 5.68
N LEU D 313 3.95 35.89 6.50
CA LEU D 313 4.46 35.01 7.55
C LEU D 313 5.03 33.70 7.03
N PHE D 314 4.66 33.29 5.83
CA PHE D 314 5.20 32.04 5.29
C PHE D 314 6.34 32.24 4.30
N PHE D 315 6.37 33.37 3.60
CA PHE D 315 7.45 33.63 2.65
C PHE D 315 8.37 34.73 3.17
N VAL E 5 35.57 -18.08 -17.53
CA VAL E 5 35.98 -18.43 -18.87
C VAL E 5 36.20 -17.18 -19.71
N SER E 6 37.33 -17.13 -20.40
CA SER E 6 37.64 -15.99 -21.25
C SER E 6 36.71 -15.97 -22.46
N PRO E 7 36.45 -14.80 -23.03
CA PRO E 7 35.62 -14.73 -24.24
C PRO E 7 36.30 -15.47 -25.38
N PRO E 8 35.52 -15.98 -26.32
CA PRO E 8 36.10 -16.72 -27.45
C PRO E 8 37.06 -15.84 -28.23
N PRO E 9 38.14 -16.42 -28.75
CA PRO E 9 39.15 -15.61 -29.45
C PRO E 9 38.58 -15.02 -30.73
N PRO E 10 38.64 -13.70 -30.87
CA PRO E 10 38.20 -13.06 -32.12
C PRO E 10 39.16 -13.41 -33.25
N ILE E 11 38.61 -13.96 -34.34
CA ILE E 11 39.44 -14.34 -35.47
C ILE E 11 40.06 -13.11 -36.12
N ALA E 12 39.33 -11.99 -36.12
CA ALA E 12 39.82 -10.74 -36.67
C ALA E 12 39.35 -9.61 -35.76
N ASP E 13 39.46 -8.38 -36.25
CA ASP E 13 39.03 -7.20 -35.50
C ASP E 13 37.52 -6.96 -35.62
N GLU E 14 36.77 -7.92 -36.16
CA GLU E 14 35.33 -7.76 -36.27
C GLU E 14 34.70 -7.79 -34.88
N PRO E 15 33.90 -6.79 -34.51
CA PRO E 15 33.26 -6.80 -33.19
C PRO E 15 32.34 -8.00 -33.03
N LEU E 16 32.32 -8.54 -31.82
CA LEU E 16 31.49 -9.71 -31.50
C LEU E 16 30.04 -9.26 -31.37
N THR E 17 29.35 -9.20 -32.51
CA THR E 17 27.94 -8.81 -32.52
C THR E 17 27.09 -9.94 -31.97
N VAL E 18 26.22 -9.61 -31.02
CA VAL E 18 25.34 -10.60 -30.40
C VAL E 18 23.91 -10.34 -30.86
N ASN E 19 23.24 -11.40 -31.32
CA ASN E 19 21.85 -11.31 -31.74
C ASN E 19 20.96 -11.37 -30.51
N THR E 20 20.12 -10.36 -30.32
CA THR E 20 19.29 -10.24 -29.13
C THR E 20 17.87 -9.87 -29.51
N GLY E 21 16.96 -10.15 -28.58
CA GLY E 21 15.55 -9.86 -28.77
C GLY E 21 14.70 -10.36 -27.63
N ILE E 22 13.70 -9.59 -27.22
CA ILE E 22 12.85 -9.93 -26.10
C ILE E 22 11.49 -10.35 -26.62
N TYR E 23 11.02 -11.52 -26.18
CA TYR E 23 9.68 -12.00 -26.50
C TYR E 23 8.81 -11.76 -25.26
N LEU E 24 7.97 -10.73 -25.32
CA LEU E 24 7.20 -10.33 -24.16
C LEU E 24 6.20 -11.41 -23.75
N ILE E 25 5.98 -11.52 -22.44
CA ILE E 25 5.07 -12.50 -21.87
C ILE E 25 3.93 -11.83 -21.11
N GLU E 26 4.26 -11.05 -20.08
CA GLU E 26 3.22 -10.44 -19.25
C GLU E 26 3.72 -9.06 -18.83
N CYS E 27 3.19 -8.03 -19.49
CA CYS E 27 3.47 -6.64 -19.15
C CYS E 27 2.34 -6.17 -18.25
N TYR E 28 2.59 -6.15 -16.94
CA TYR E 28 1.58 -5.91 -15.93
C TYR E 28 2.07 -4.84 -14.98
N SER E 29 1.19 -4.45 -14.06
CA SER E 29 1.48 -3.43 -13.06
C SER E 29 2.01 -2.15 -13.71
N LEU E 30 1.30 -1.70 -14.75
CA LEU E 30 1.80 -0.60 -15.56
C LEU E 30 1.93 0.70 -14.78
N ASP E 31 1.33 0.80 -13.61
CA ASP E 31 1.51 1.98 -12.77
C ASP E 31 1.42 1.51 -11.31
N ASP E 32 2.57 1.23 -10.70
CA ASP E 32 2.59 0.95 -9.27
C ASP E 32 2.04 2.14 -8.49
N LYS E 33 2.58 3.33 -8.76
CA LYS E 33 1.91 4.57 -8.41
C LYS E 33 1.54 5.36 -9.66
N ALA E 34 2.52 5.74 -10.48
CA ALA E 34 2.22 6.24 -11.82
C ALA E 34 3.24 5.85 -12.88
N GLU E 35 4.37 5.22 -12.55
CA GLU E 35 5.51 5.22 -13.45
C GLU E 35 5.99 3.84 -13.89
N THR E 36 6.26 2.92 -12.98
CA THR E 36 6.92 1.68 -13.36
C THR E 36 5.93 0.65 -13.88
N PHE E 37 6.42 -0.20 -14.79
CA PHE E 37 5.69 -1.38 -15.21
C PHE E 37 6.65 -2.57 -15.16
N LYS E 38 6.11 -3.73 -14.83
CA LYS E 38 6.91 -4.94 -14.65
C LYS E 38 6.77 -5.86 -15.85
N VAL E 39 7.86 -6.53 -16.19
CA VAL E 39 7.91 -7.46 -17.31
C VAL E 39 8.41 -8.80 -16.79
N ASN E 40 7.87 -9.88 -17.35
CA ASN E 40 8.27 -11.25 -17.02
C ASN E 40 8.55 -12.03 -18.30
N ALA E 41 9.31 -11.43 -19.21
CA ALA E 41 9.50 -11.96 -20.56
C ALA E 41 10.79 -12.73 -20.69
N PHE E 42 10.95 -13.38 -21.84
CA PHE E 42 12.17 -14.05 -22.23
C PHE E 42 12.98 -13.17 -23.16
N LEU E 43 14.30 -13.30 -23.10
CA LEU E 43 15.21 -12.65 -24.04
C LEU E 43 16.11 -13.70 -24.65
N SER E 44 16.26 -13.64 -25.98
CA SER E 44 17.03 -14.62 -26.73
C SER E 44 18.36 -14.01 -27.15
N LEU E 45 19.46 -14.70 -26.85
CA LEU E 45 20.79 -14.24 -27.20
C LEU E 45 21.46 -15.25 -28.12
N SER E 46 22.03 -14.75 -29.22
CA SER E 46 22.77 -15.57 -30.17
C SER E 46 24.07 -14.85 -30.51
N TRP E 47 25.17 -15.60 -30.51
CA TRP E 47 26.48 -15.04 -30.84
C TRP E 47 27.30 -16.14 -31.50
N LYS E 48 28.60 -15.91 -31.62
CA LYS E 48 29.52 -16.85 -32.25
C LYS E 48 30.63 -17.19 -31.27
N ASP E 49 30.76 -18.48 -30.94
CA ASP E 49 31.78 -18.97 -30.03
C ASP E 49 32.51 -20.15 -30.65
N ARG E 50 33.74 -20.38 -30.19
CA ARG E 50 34.56 -21.48 -30.69
C ARG E 50 34.15 -22.80 -30.02
N ARG E 51 32.87 -23.11 -30.18
CA ARG E 51 32.28 -24.34 -29.65
C ARG E 51 32.38 -25.44 -30.70
N LEU E 52 31.62 -26.52 -30.51
CA LEU E 52 31.69 -27.67 -31.41
C LEU E 52 31.41 -27.25 -32.85
N ALA E 53 32.23 -27.75 -33.76
CA ALA E 53 32.09 -27.49 -35.18
C ALA E 53 31.10 -28.47 -35.78
N PHE E 54 31.06 -28.56 -37.11
CA PHE E 54 30.15 -29.48 -37.78
C PHE E 54 30.38 -30.90 -37.28
N ASP E 55 29.28 -31.60 -37.00
CA ASP E 55 29.31 -32.86 -36.26
C ASP E 55 28.52 -33.92 -37.02
N PRO E 56 29.08 -34.48 -38.10
CA PRO E 56 28.40 -35.55 -38.82
C PRO E 56 28.55 -36.89 -38.11
N VAL E 57 27.48 -37.32 -37.43
CA VAL E 57 27.38 -38.63 -36.79
C VAL E 57 28.63 -38.97 -35.97
N ARG E 58 29.02 -38.07 -35.06
CA ARG E 58 30.10 -38.39 -34.13
C ARG E 58 29.57 -38.39 -32.70
N SER E 59 28.91 -37.31 -32.30
CA SER E 59 28.34 -37.24 -30.96
C SER E 59 26.85 -37.53 -30.99
N GLY E 60 26.17 -37.21 -32.10
CA GLY E 60 24.77 -37.51 -32.26
C GLY E 60 23.81 -36.50 -31.65
N VAL E 61 24.31 -35.39 -31.11
CA VAL E 61 23.47 -34.37 -30.48
C VAL E 61 23.68 -33.05 -31.22
N ARG E 62 22.56 -32.44 -31.62
CA ARG E 62 22.61 -31.15 -32.31
C ARG E 62 22.55 -29.99 -31.31
N VAL E 63 21.51 -29.96 -30.48
CA VAL E 63 21.38 -28.93 -29.45
C VAL E 63 22.06 -29.48 -28.20
N LYS E 64 23.37 -29.28 -28.13
CA LYS E 64 24.16 -29.75 -27.00
C LYS E 64 24.00 -28.77 -25.85
N THR E 65 23.07 -29.08 -24.93
CA THR E 65 22.83 -28.21 -23.80
C THR E 65 24.06 -28.14 -22.90
N TYR E 66 24.38 -26.94 -22.43
CA TYR E 66 25.52 -26.71 -21.56
C TYR E 66 25.06 -26.06 -20.27
N GLU E 67 25.88 -26.20 -19.24
CA GLU E 67 25.55 -25.59 -17.95
C GLU E 67 25.55 -24.07 -18.09
N PRO E 68 24.65 -23.38 -17.39
CA PRO E 68 24.64 -21.91 -17.48
C PRO E 68 25.93 -21.26 -17.03
N GLU E 69 26.62 -21.85 -16.05
CA GLU E 69 27.86 -21.30 -15.54
C GLU E 69 29.10 -21.86 -16.24
N ALA E 70 28.93 -22.76 -17.19
CA ALA E 70 30.08 -23.36 -17.86
C ALA E 70 30.60 -22.48 -18.99
N ILE E 71 29.77 -22.23 -20.00
CA ILE E 71 30.19 -21.45 -21.15
C ILE E 71 30.05 -19.96 -20.84
N TRP E 72 31.04 -19.17 -21.27
CA TRP E 72 30.97 -17.73 -21.11
C TRP E 72 29.79 -17.17 -21.90
N ILE E 73 29.11 -16.20 -21.29
CA ILE E 73 28.01 -15.50 -21.96
C ILE E 73 28.26 -14.00 -21.84
N PRO E 74 27.91 -13.20 -22.85
CA PRO E 74 28.14 -11.76 -22.76
C PRO E 74 27.30 -11.14 -21.65
N GLU E 75 27.87 -10.11 -21.03
CA GLU E 75 27.21 -9.40 -19.93
C GLU E 75 26.30 -8.33 -20.53
N ILE E 76 25.00 -8.61 -20.55
CA ILE E 76 23.99 -7.67 -20.99
C ILE E 76 23.16 -7.28 -19.79
N ARG E 77 23.12 -5.98 -19.49
CA ARG E 77 22.47 -5.46 -18.29
C ARG E 77 21.51 -4.35 -18.68
N PHE E 78 20.34 -4.35 -18.05
CA PHE E 78 19.34 -3.32 -18.31
C PHE E 78 19.74 -2.02 -17.62
N VAL E 79 19.49 -0.90 -18.29
CA VAL E 79 19.87 0.39 -17.72
C VAL E 79 18.78 0.93 -16.81
N ASN E 80 17.56 1.03 -17.32
CA ASN E 80 16.46 1.67 -16.59
C ASN E 80 15.60 0.60 -15.90
N VAL E 81 16.16 0.05 -14.80
CA VAL E 81 15.47 -0.92 -13.97
C VAL E 81 15.77 -0.65 -12.51
N GLU E 82 14.88 -1.15 -11.65
CA GLU E 82 15.07 -1.01 -10.21
C GLU E 82 16.34 -1.71 -9.76
N ASN E 83 16.48 -2.99 -10.11
CA ASN E 83 17.64 -3.79 -9.76
C ASN E 83 17.96 -4.71 -10.92
N ALA E 84 19.03 -5.49 -10.79
CA ALA E 84 19.42 -6.41 -11.84
C ALA E 84 18.28 -7.37 -12.14
N ARG E 85 18.09 -7.66 -13.43
CA ARG E 85 17.00 -8.52 -13.85
C ARG E 85 17.14 -9.90 -13.21
N ASP E 86 16.00 -10.45 -12.79
CA ASP E 86 15.99 -11.77 -12.17
C ASP E 86 16.21 -12.81 -13.26
N ALA E 87 17.42 -12.89 -13.78
CA ALA E 87 17.72 -13.79 -14.88
C ALA E 87 17.64 -15.24 -14.42
N ASP E 88 16.92 -16.06 -15.18
CA ASP E 88 16.81 -17.49 -14.92
C ASP E 88 17.02 -18.21 -16.24
N VAL E 89 18.16 -18.88 -16.38
CA VAL E 89 18.51 -19.52 -17.64
C VAL E 89 17.55 -20.66 -17.92
N VAL E 90 16.99 -20.69 -19.13
CA VAL E 90 16.04 -21.72 -19.54
C VAL E 90 16.71 -22.78 -20.38
N ASP E 91 17.41 -22.39 -21.45
CA ASP E 91 18.01 -23.35 -22.35
C ASP E 91 19.15 -22.69 -23.10
N ILE E 92 20.36 -23.21 -22.93
CA ILE E 92 21.52 -22.79 -23.69
C ILE E 92 21.81 -23.89 -24.71
N SER E 93 21.38 -23.68 -25.95
CA SER E 93 21.59 -24.64 -27.01
C SER E 93 22.66 -24.11 -27.95
N VAL E 94 23.75 -24.86 -28.10
CA VAL E 94 24.83 -24.51 -29.01
C VAL E 94 24.75 -25.43 -30.23
N SER E 95 24.76 -24.83 -31.39
CA SER E 95 24.65 -25.61 -32.61
C SER E 95 26.03 -25.95 -33.17
N PRO E 96 26.15 -27.05 -33.90
CA PRO E 96 27.43 -27.37 -34.55
C PRO E 96 27.89 -26.32 -35.53
N ASP E 97 26.98 -25.49 -36.05
CA ASP E 97 27.37 -24.42 -36.96
C ASP E 97 28.33 -23.44 -36.30
N GLY E 98 28.19 -23.24 -35.00
CA GLY E 98 29.10 -22.36 -34.28
C GLY E 98 28.41 -21.20 -33.59
N THR E 99 27.12 -21.33 -33.34
CA THR E 99 26.34 -20.29 -32.69
C THR E 99 25.70 -20.84 -31.42
N VAL E 100 25.58 -19.97 -30.42
CA VAL E 100 25.00 -20.34 -29.12
C VAL E 100 23.68 -19.61 -29.00
N GLN E 101 22.60 -20.36 -28.81
CA GLN E 101 21.27 -19.79 -28.61
C GLN E 101 21.00 -19.76 -27.11
N TYR E 102 21.03 -18.57 -26.52
CA TYR E 102 20.83 -18.37 -25.09
C TYR E 102 19.43 -17.80 -24.87
N LEU E 103 18.68 -18.41 -23.95
CA LEU E 103 17.31 -18.00 -23.68
C LEU E 103 17.10 -18.01 -22.17
N GLU E 104 16.86 -16.83 -21.59
CA GLU E 104 16.68 -16.70 -20.15
C GLU E 104 15.42 -15.92 -19.87
N ARG E 105 14.69 -16.33 -18.83
CA ARG E 105 13.50 -15.63 -18.38
C ARG E 105 13.87 -14.67 -17.27
N PHE E 106 13.52 -13.40 -17.41
CA PHE E 106 13.83 -12.38 -16.43
C PHE E 106 12.57 -11.63 -16.04
N SER E 107 12.53 -11.18 -14.80
CA SER E 107 11.42 -10.39 -14.27
C SER E 107 12.00 -9.09 -13.72
N ALA E 108 12.16 -8.11 -14.60
CA ALA E 108 12.73 -6.83 -14.23
C ALA E 108 11.64 -5.79 -14.03
N ARG E 109 11.90 -4.84 -13.15
CA ARG E 109 10.98 -3.73 -12.89
C ARG E 109 11.42 -2.57 -13.76
N VAL E 110 10.98 -2.60 -15.02
CA VAL E 110 11.43 -1.63 -16.01
C VAL E 110 10.93 -0.24 -15.65
N LEU E 111 11.79 0.76 -15.85
CA LEU E 111 11.44 2.16 -15.62
C LEU E 111 11.13 2.83 -16.96
N SER E 112 10.05 3.59 -16.99
CA SER E 112 9.68 4.33 -18.18
C SER E 112 8.77 5.49 -17.81
N PRO E 113 9.05 6.69 -18.31
CA PRO E 113 8.17 7.83 -17.99
C PRO E 113 6.83 7.68 -18.69
N LEU E 114 5.77 7.99 -17.96
CA LEU E 114 4.41 7.96 -18.47
C LEU E 114 3.94 9.39 -18.68
N ASP E 115 3.51 9.68 -19.91
CA ASP E 115 3.14 11.04 -20.31
C ASP E 115 1.62 11.13 -20.41
N PHE E 116 0.99 11.49 -19.30
CA PHE E 116 -0.47 11.63 -19.25
C PHE E 116 -0.90 13.05 -19.61
N ARG E 117 -0.41 13.59 -20.72
CA ARG E 117 -0.87 14.91 -21.13
C ARG E 117 -2.20 14.85 -21.88
N ARG E 118 -2.59 13.67 -22.33
CA ARG E 118 -3.85 13.46 -23.03
C ARG E 118 -4.51 12.19 -22.50
N TYR E 119 -4.58 12.08 -21.16
CA TYR E 119 -4.80 10.85 -20.42
C TYR E 119 -5.82 9.90 -21.04
N PRO E 120 -7.07 10.30 -21.27
CA PRO E 120 -8.04 9.33 -21.79
C PRO E 120 -7.67 8.80 -23.16
N PHE E 121 -6.93 9.58 -23.96
CA PHE E 121 -6.70 9.27 -25.37
C PHE E 121 -5.21 9.16 -25.68
N ASP E 122 -4.38 8.97 -24.67
CA ASP E 122 -2.94 9.07 -24.86
C ASP E 122 -2.39 7.86 -25.60
N SER E 123 -1.10 7.93 -25.93
CA SER E 123 -0.41 6.81 -26.57
C SER E 123 1.04 6.86 -26.10
N GLN E 124 1.35 6.09 -25.06
CA GLN E 124 2.65 6.13 -24.44
C GLN E 124 3.68 5.39 -25.30
N THR E 125 4.94 5.46 -24.86
CA THR E 125 6.06 4.77 -25.53
C THR E 125 7.00 4.25 -24.45
N LEU E 126 6.81 3.00 -24.07
CA LEU E 126 7.67 2.39 -23.07
C LEU E 126 9.06 2.13 -23.64
N HIS E 127 10.05 2.08 -22.76
CA HIS E 127 11.44 1.98 -23.18
C HIS E 127 12.16 0.88 -22.40
N ILE E 128 13.07 0.21 -23.10
CA ILE E 128 14.00 -0.73 -22.49
C ILE E 128 15.37 -0.50 -23.10
N TYR E 129 16.38 -0.32 -22.25
CA TYR E 129 17.73 0.01 -22.68
C TYR E 129 18.65 -1.19 -22.50
N LEU E 130 19.55 -1.40 -23.45
CA LEU E 130 20.50 -2.50 -23.40
C LEU E 130 21.92 -1.98 -23.55
N ILE E 131 22.82 -2.49 -22.72
CA ILE E 131 24.24 -2.16 -22.78
C ILE E 131 25.05 -3.44 -22.58
N VAL E 132 26.20 -3.50 -23.23
CA VAL E 132 27.11 -4.64 -23.14
C VAL E 132 28.45 -4.14 -22.63
N ARG E 133 28.98 -4.80 -21.60
CA ARG E 133 30.28 -4.44 -21.04
C ARG E 133 31.37 -5.14 -21.86
N SER E 134 32.06 -4.38 -22.70
CA SER E 134 33.14 -4.96 -23.49
C SER E 134 34.31 -5.31 -22.59
N VAL E 135 34.98 -6.41 -22.92
CA VAL E 135 36.11 -6.91 -22.13
C VAL E 135 37.43 -6.74 -22.88
N ASP E 136 37.57 -7.38 -24.04
CA ASP E 136 38.79 -7.31 -24.84
C ASP E 136 38.57 -6.55 -26.13
N THR E 137 37.52 -6.89 -26.88
CA THR E 137 37.14 -6.18 -28.09
C THR E 137 35.77 -5.56 -27.91
N ARG E 138 35.49 -4.53 -28.71
CA ARG E 138 34.21 -3.86 -28.64
C ARG E 138 33.08 -4.81 -29.05
N ASN E 139 32.02 -4.84 -28.26
CA ASN E 139 30.84 -5.63 -28.55
C ASN E 139 29.74 -4.71 -29.05
N ILE E 140 29.20 -5.00 -30.23
CA ILE E 140 28.12 -4.22 -30.81
C ILE E 140 26.83 -5.00 -30.62
N VAL E 141 25.89 -4.43 -29.88
CA VAL E 141 24.64 -5.09 -29.54
C VAL E 141 23.56 -4.62 -30.50
N LEU E 142 23.98 -3.89 -31.54
CA LEU E 142 23.02 -3.36 -32.50
C LEU E 142 22.32 -4.46 -33.29
N ALA E 143 22.82 -5.69 -33.22
CA ALA E 143 22.21 -6.81 -33.91
C ALA E 143 20.89 -7.15 -33.22
N VAL E 144 19.78 -6.71 -33.81
CA VAL E 144 18.45 -7.05 -33.34
C VAL E 144 17.94 -8.23 -34.14
N ASP E 145 17.46 -9.27 -33.45
CA ASP E 145 17.06 -10.49 -34.13
C ASP E 145 15.88 -10.25 -35.07
N LEU E 146 14.90 -9.46 -34.61
CA LEU E 146 13.70 -9.12 -35.38
C LEU E 146 12.85 -10.35 -35.70
N GLU E 147 13.21 -11.51 -35.14
CA GLU E 147 12.40 -12.71 -35.29
C GLU E 147 12.07 -13.41 -33.98
N LYS E 148 12.74 -13.07 -32.88
CA LYS E 148 12.43 -13.61 -31.56
C LYS E 148 11.77 -12.57 -30.66
N VAL E 149 11.12 -11.57 -31.24
CA VAL E 149 10.48 -10.51 -30.49
C VAL E 149 8.97 -10.58 -30.70
N GLY E 150 8.24 -9.86 -29.85
CA GLY E 150 6.78 -9.81 -29.94
C GLY E 150 6.12 -10.14 -28.62
N LYS E 151 4.93 -9.58 -28.42
CA LYS E 151 4.16 -9.83 -27.22
C LYS E 151 3.37 -11.13 -27.39
N ASN E 152 2.43 -11.39 -26.47
CA ASN E 152 1.59 -12.56 -26.58
C ASN E 152 0.60 -12.40 -27.73
N ASP E 153 0.07 -13.54 -28.20
CA ASP E 153 -0.93 -13.52 -29.26
C ASP E 153 -2.21 -12.82 -28.83
N ASP E 154 -2.44 -12.67 -27.52
CA ASP E 154 -3.62 -11.97 -27.05
C ASP E 154 -3.57 -10.48 -27.42
N VAL E 155 -2.36 -9.92 -27.48
CA VAL E 155 -2.14 -8.53 -27.89
C VAL E 155 -2.84 -7.58 -26.95
N PHE E 156 -2.48 -7.62 -25.67
CA PHE E 156 -3.01 -6.71 -24.67
C PHE E 156 -2.13 -6.75 -23.44
N LEU E 157 -1.67 -5.59 -22.98
CA LEU E 157 -0.81 -5.55 -21.81
C LEU E 157 -1.64 -5.67 -20.54
N THR E 158 -2.46 -4.67 -20.28
CA THR E 158 -3.43 -4.68 -19.20
C THR E 158 -4.69 -3.94 -19.64
N GLY E 159 -5.07 -4.12 -20.91
CA GLY E 159 -6.07 -3.25 -21.50
C GLY E 159 -5.42 -2.12 -22.28
N TRP E 160 -4.47 -2.48 -23.16
CA TRP E 160 -3.76 -1.52 -23.99
C TRP E 160 -3.67 -2.10 -25.39
N ASP E 161 -3.44 -1.21 -26.36
CA ASP E 161 -3.31 -1.62 -27.75
C ASP E 161 -1.88 -1.38 -28.22
N ILE E 162 -1.25 -2.41 -28.75
CA ILE E 162 0.11 -2.34 -29.24
C ILE E 162 0.10 -1.89 -30.68
N GLU E 163 0.97 -0.94 -31.03
CA GLU E 163 1.08 -0.44 -32.38
C GLU E 163 2.36 -0.85 -33.09
N SER E 164 3.50 -0.81 -32.41
CA SER E 164 4.77 -1.17 -33.03
C SER E 164 5.75 -1.57 -31.94
N PHE E 165 6.82 -2.25 -32.36
CA PHE E 165 7.90 -2.65 -31.46
C PHE E 165 9.24 -2.33 -32.12
N THR E 166 9.37 -1.11 -32.61
CA THR E 166 10.60 -0.68 -33.29
C THR E 166 11.79 -0.78 -32.34
N ALA E 167 12.88 -1.37 -32.83
CA ALA E 167 14.11 -1.54 -32.06
C ALA E 167 15.25 -0.90 -32.83
N VAL E 168 15.60 0.33 -32.46
CA VAL E 168 16.64 1.10 -33.14
C VAL E 168 17.81 1.28 -32.18
N VAL E 169 19.00 0.90 -32.63
CA VAL E 169 20.21 1.07 -31.84
C VAL E 169 20.70 2.50 -32.05
N LYS E 170 20.61 3.31 -30.99
CA LYS E 170 20.99 4.72 -31.06
C LYS E 170 22.44 4.89 -30.65
N PRO E 171 23.33 5.36 -31.53
CA PRO E 171 24.72 5.54 -31.13
C PRO E 171 24.89 6.69 -30.15
N ALA E 172 24.36 6.52 -28.93
CA ALA E 172 24.41 7.56 -27.92
C ALA E 172 24.83 6.96 -26.59
N ASN E 173 25.42 7.81 -25.74
CA ASN E 173 25.90 7.41 -24.42
C ASN E 173 25.49 8.44 -23.39
N PHE E 174 25.56 8.05 -22.12
CA PHE E 174 25.28 8.96 -21.02
C PHE E 174 26.55 9.63 -20.51
N ALA E 175 27.32 10.19 -21.45
CA ALA E 175 28.52 10.98 -21.15
C ALA E 175 29.50 10.21 -20.25
N LEU E 176 29.52 8.89 -20.36
CA LEU E 176 30.36 8.06 -19.51
C LEU E 176 30.94 6.91 -20.33
N GLU E 177 32.12 6.45 -19.91
CA GLU E 177 32.83 5.29 -20.47
C GLU E 177 32.98 5.40 -21.98
N ASP E 178 33.35 4.29 -22.62
CA ASP E 178 33.57 4.26 -24.06
C ASP E 178 32.55 3.40 -24.79
N ARG E 179 32.12 2.28 -24.20
CA ARG E 179 31.18 1.37 -24.86
C ARG E 179 29.71 1.75 -24.62
N LEU E 180 29.43 2.79 -23.83
CA LEU E 180 28.05 3.20 -23.62
C LEU E 180 27.40 3.78 -24.86
N GLU E 181 28.19 4.19 -25.85
CA GLU E 181 27.62 4.76 -27.06
C GLU E 181 26.79 3.74 -27.83
N SER E 182 27.06 2.45 -27.63
CA SER E 182 26.28 1.39 -28.28
C SER E 182 25.17 0.95 -27.33
N LYS E 183 24.10 1.74 -27.30
CA LYS E 183 22.90 1.39 -26.55
C LYS E 183 21.85 0.86 -27.50
N LEU E 184 21.14 -0.18 -27.07
CA LEU E 184 20.06 -0.76 -27.85
C LEU E 184 18.73 -0.36 -27.22
N ASP E 185 17.85 0.23 -28.03
CA ASP E 185 16.62 0.83 -27.56
C ASP E 185 15.42 0.05 -28.07
N TYR E 186 14.53 -0.32 -27.15
CA TYR E 186 13.30 -1.05 -27.48
C TYR E 186 12.12 -0.10 -27.27
N GLN E 187 11.52 0.33 -28.38
CA GLN E 187 10.36 1.22 -28.34
C GLN E 187 9.09 0.41 -28.53
N LEU E 188 8.31 0.27 -27.47
CA LEU E 188 6.99 -0.34 -27.52
C LEU E 188 5.97 0.78 -27.44
N ARG E 189 5.49 1.23 -28.60
CA ARG E 189 4.52 2.32 -28.66
C ARG E 189 3.13 1.72 -28.49
N ILE E 190 2.58 1.84 -27.29
CA ILE E 190 1.25 1.31 -26.97
C ILE E 190 0.25 2.45 -26.99
N SER E 191 -0.99 2.11 -27.29
CA SER E 191 -2.09 3.07 -27.30
C SER E 191 -3.21 2.55 -26.42
N ARG E 192 -3.83 3.46 -25.67
CA ARG E 192 -4.88 3.12 -24.72
C ARG E 192 -6.22 3.15 -25.43
N GLN E 193 -7.02 2.09 -25.27
CA GLN E 193 -8.36 2.10 -25.82
C GLN E 193 -9.28 2.85 -24.86
N TYR E 194 -10.10 3.74 -25.41
CA TYR E 194 -10.80 4.75 -24.65
C TYR E 194 -12.30 4.51 -24.56
N PHE E 195 -12.80 3.37 -25.05
CA PHE E 195 -14.24 3.17 -25.08
C PHE E 195 -14.80 3.14 -23.67
N SER E 196 -14.15 2.42 -22.77
CA SER E 196 -14.66 2.30 -21.41
C SER E 196 -14.65 3.64 -20.68
N TYR E 197 -13.67 4.49 -20.97
CA TYR E 197 -13.57 5.75 -20.23
C TYR E 197 -14.70 6.70 -20.56
N ILE E 198 -15.26 6.63 -21.77
CA ILE E 198 -16.35 7.54 -22.13
C ILE E 198 -17.55 7.39 -21.19
N PRO E 199 -18.04 6.19 -20.88
CA PRO E 199 -19.07 6.09 -19.85
C PRO E 199 -18.54 6.05 -18.43
N ASN E 200 -17.29 5.64 -18.21
CA ASN E 200 -16.79 5.54 -16.85
C ASN E 200 -16.56 6.92 -16.24
N ILE E 201 -16.06 7.87 -17.02
CA ILE E 201 -15.60 9.15 -16.48
C ILE E 201 -16.27 10.33 -17.19
N ILE E 202 -16.15 10.36 -18.52
CA ILE E 202 -16.49 11.58 -19.26
C ILE E 202 -17.98 11.83 -19.24
N LEU E 203 -18.79 10.81 -19.54
CA LEU E 203 -20.23 11.02 -19.65
C LEU E 203 -20.89 11.45 -18.34
N PRO E 204 -20.64 10.80 -17.21
CA PRO E 204 -21.32 11.24 -15.98
C PRO E 204 -21.03 12.68 -15.58
N MET E 205 -19.82 13.18 -15.80
CA MET E 205 -19.57 14.59 -15.49
C MET E 205 -20.43 15.49 -16.37
N LEU E 206 -20.58 15.14 -17.65
CA LEU E 206 -21.44 15.93 -18.53
C LEU E 206 -22.89 15.86 -18.09
N PHE E 207 -23.34 14.69 -17.63
CA PHE E 207 -24.71 14.58 -17.15
C PHE E 207 -24.93 15.46 -15.93
N ILE E 208 -23.97 15.46 -15.00
CA ILE E 208 -24.09 16.31 -13.82
C ILE E 208 -24.08 17.78 -14.21
N LEU E 209 -23.23 18.15 -15.17
CA LEU E 209 -23.18 19.53 -15.64
C LEU E 209 -24.50 19.94 -16.29
N PHE E 210 -25.12 19.05 -17.05
CA PHE E 210 -26.40 19.38 -17.66
C PHE E 210 -27.50 19.52 -16.60
N ILE E 211 -27.44 18.67 -15.57
CA ILE E 211 -28.35 18.84 -14.45
C ILE E 211 -28.17 20.23 -13.83
N SER E 212 -26.94 20.70 -13.76
CA SER E 212 -26.70 22.06 -13.28
C SER E 212 -27.33 23.09 -14.21
N TRP E 213 -27.08 22.95 -15.52
CA TRP E 213 -27.60 23.93 -16.48
C TRP E 213 -29.12 23.94 -16.52
N THR E 214 -29.76 22.91 -15.99
CA THR E 214 -31.21 22.93 -15.83
C THR E 214 -31.68 24.18 -15.10
N ALA E 215 -30.87 24.68 -14.16
CA ALA E 215 -31.26 25.80 -13.30
C ALA E 215 -31.65 27.05 -14.07
N PHE E 216 -31.42 27.10 -15.38
CA PHE E 216 -31.83 28.26 -16.18
C PHE E 216 -33.25 28.15 -16.69
N TRP E 217 -33.92 27.03 -16.46
CA TRP E 217 -35.33 26.87 -16.83
C TRP E 217 -36.25 26.97 -15.63
N SER E 218 -35.81 27.68 -14.59
CA SER E 218 -36.56 27.80 -13.35
C SER E 218 -36.54 29.24 -12.88
N THR E 219 -37.67 29.71 -12.37
CA THR E 219 -37.79 31.04 -11.79
C THR E 219 -37.71 31.02 -10.27
N SER E 220 -37.53 29.85 -9.66
CA SER E 220 -37.47 29.72 -8.22
C SER E 220 -36.02 29.83 -7.76
N TYR E 221 -35.77 30.73 -6.79
CA TYR E 221 -34.40 30.94 -6.35
C TYR E 221 -33.91 29.79 -5.48
N GLU E 222 -34.76 29.30 -4.57
CA GLU E 222 -34.35 28.18 -3.72
C GLU E 222 -34.07 26.94 -4.55
N ALA E 223 -34.92 26.65 -5.53
CA ALA E 223 -34.69 25.49 -6.39
C ALA E 223 -33.41 25.67 -7.21
N ASN E 224 -33.17 26.88 -7.72
CA ASN E 224 -31.95 27.12 -8.48
C ASN E 224 -30.70 26.92 -7.62
N VAL E 225 -30.72 27.44 -6.40
CA VAL E 225 -29.57 27.26 -5.51
C VAL E 225 -29.38 25.79 -5.19
N THR E 226 -30.46 25.07 -4.89
CA THR E 226 -30.34 23.65 -4.62
C THR E 226 -29.72 22.93 -5.81
N LEU E 227 -30.27 23.14 -7.01
CA LEU E 227 -29.69 22.54 -8.21
C LEU E 227 -28.20 22.82 -8.31
N VAL E 228 -27.82 24.09 -8.39
CA VAL E 228 -26.43 24.40 -8.73
C VAL E 228 -25.48 23.93 -7.63
N VAL E 229 -25.78 24.24 -6.37
CA VAL E 229 -24.83 23.93 -5.30
C VAL E 229 -24.77 22.42 -5.04
N SER E 230 -25.92 21.75 -4.96
CA SER E 230 -25.89 20.31 -4.76
C SER E 230 -25.28 19.59 -5.95
N THR E 231 -25.44 20.14 -7.15
CA THR E 231 -24.77 19.57 -8.32
C THR E 231 -23.27 19.77 -8.25
N LEU E 232 -22.83 20.91 -7.70
CA LEU E 232 -21.40 21.11 -7.48
C LEU E 232 -20.86 20.09 -6.49
N ILE E 233 -21.61 19.82 -5.43
CA ILE E 233 -21.19 18.80 -4.47
C ILE E 233 -21.13 17.43 -5.14
N ALA E 234 -22.13 17.13 -5.98
CA ALA E 234 -22.12 15.86 -6.71
C ALA E 234 -20.93 15.77 -7.64
N HIS E 235 -20.58 16.87 -8.30
CA HIS E 235 -19.43 16.86 -9.19
C HIS E 235 -18.13 16.65 -8.44
N ILE E 236 -18.00 17.28 -7.26
CA ILE E 236 -16.80 17.07 -6.47
C ILE E 236 -16.71 15.62 -5.99
N ALA E 237 -17.85 15.05 -5.57
CA ALA E 237 -17.84 13.65 -5.16
C ALA E 237 -17.47 12.73 -6.32
N PHE E 238 -17.99 13.01 -7.51
CA PHE E 238 -17.63 12.22 -8.67
C PHE E 238 -16.16 12.41 -9.03
N ASN E 239 -15.62 13.60 -8.81
CA ASN E 239 -14.19 13.82 -9.02
C ASN E 239 -13.38 12.96 -8.06
N ILE E 240 -13.81 12.86 -6.80
CA ILE E 240 -13.15 11.97 -5.86
C ILE E 240 -13.21 10.53 -6.35
N LEU E 241 -14.38 10.13 -6.87
CA LEU E 241 -14.52 8.77 -7.37
C LEU E 241 -13.60 8.50 -8.55
N VAL E 242 -13.47 9.47 -9.45
CA VAL E 242 -12.61 9.31 -10.62
C VAL E 242 -11.14 9.29 -10.21
N GLU E 243 -10.76 10.09 -9.20
CA GLU E 243 -9.36 10.32 -8.90
C GLU E 243 -8.60 9.02 -8.60
N THR E 244 -9.29 7.96 -8.20
CA THR E 244 -8.60 6.69 -7.99
C THR E 244 -7.99 6.19 -9.30
N ASN E 245 -8.73 6.31 -10.41
CA ASN E 245 -8.19 5.88 -11.69
C ASN E 245 -7.00 6.72 -12.11
N LEU E 246 -7.09 8.03 -11.94
CA LEU E 246 -6.08 8.93 -12.46
C LEU E 246 -4.77 8.77 -11.68
N PRO E 247 -3.63 8.95 -12.36
CA PRO E 247 -2.33 8.91 -11.66
C PRO E 247 -2.04 10.22 -10.96
N LYS E 248 -0.82 10.36 -10.44
CA LYS E 248 -0.45 11.58 -9.71
C LYS E 248 -0.58 12.82 -10.60
N THR E 249 0.06 12.79 -11.77
CA THR E 249 0.01 13.88 -12.74
C THR E 249 0.35 15.22 -12.12
N PRO E 250 1.61 15.47 -11.75
CA PRO E 250 1.98 16.76 -11.16
C PRO E 250 1.86 17.93 -12.12
N TYR E 251 1.84 17.67 -13.42
CA TYR E 251 1.73 18.71 -14.45
C TYR E 251 0.27 18.81 -14.93
N MET E 252 0.05 19.58 -15.99
CA MET E 252 -1.30 19.93 -16.43
C MET E 252 -1.81 18.87 -17.39
N THR E 253 -2.75 18.05 -16.92
CA THR E 253 -3.37 17.00 -17.71
C THR E 253 -4.49 17.56 -18.57
N TYR E 254 -4.83 16.84 -19.65
CA TYR E 254 -6.01 17.20 -20.43
C TYR E 254 -7.27 17.00 -19.61
N THR E 255 -7.44 15.82 -19.02
CA THR E 255 -8.61 15.57 -18.19
C THR E 255 -8.58 16.39 -16.90
N GLY E 256 -7.44 16.96 -16.54
CA GLY E 256 -7.36 17.94 -15.48
C GLY E 256 -7.66 19.35 -15.91
N ALA E 257 -7.92 19.55 -17.21
CA ALA E 257 -8.34 20.85 -17.72
C ALA E 257 -9.82 20.90 -18.04
N ILE E 258 -10.44 19.77 -18.36
CA ILE E 258 -11.90 19.73 -18.48
C ILE E 258 -12.54 19.89 -17.11
N ILE E 259 -11.95 19.27 -16.08
CA ILE E 259 -12.51 19.36 -14.74
C ILE E 259 -12.45 20.80 -14.22
N PHE E 260 -11.33 21.49 -14.43
CA PHE E 260 -11.24 22.88 -14.02
C PHE E 260 -12.21 23.74 -14.81
N MET E 261 -12.40 23.43 -16.10
CA MET E 261 -13.38 24.15 -16.89
C MET E 261 -14.78 23.97 -16.31
N ILE E 262 -15.08 22.76 -15.85
CA ILE E 262 -16.39 22.50 -15.26
C ILE E 262 -16.57 23.25 -13.95
N TYR E 263 -15.50 23.34 -13.16
CA TYR E 263 -15.56 24.15 -11.94
C TYR E 263 -15.84 25.61 -12.26
N LEU E 264 -15.15 26.14 -13.28
CA LEU E 264 -15.39 27.51 -13.69
C LEU E 264 -16.83 27.70 -14.17
N PHE E 265 -17.37 26.69 -14.86
CA PHE E 265 -18.75 26.78 -15.32
C PHE E 265 -19.73 26.77 -14.15
N TYR E 266 -19.43 25.99 -13.11
CA TYR E 266 -20.28 26.04 -11.92
C TYR E 266 -20.24 27.42 -11.26
N PHE E 267 -19.05 28.02 -11.19
CA PHE E 267 -18.95 29.37 -10.62
C PHE E 267 -19.74 30.36 -11.45
N VAL E 268 -19.63 30.30 -12.77
CA VAL E 268 -20.34 31.23 -13.62
C VAL E 268 -21.85 31.00 -13.54
N ALA E 269 -22.27 29.74 -13.41
CA ALA E 269 -23.69 29.46 -13.24
C ALA E 269 -24.22 30.02 -11.93
N VAL E 270 -23.44 29.92 -10.86
CA VAL E 270 -23.86 30.51 -9.59
C VAL E 270 -23.98 32.02 -9.73
N ILE E 271 -23.00 32.64 -10.40
CA ILE E 271 -23.06 34.09 -10.60
C ILE E 271 -24.29 34.46 -11.41
N GLU E 272 -24.62 33.68 -12.44
CA GLU E 272 -25.78 33.98 -13.27
C GLU E 272 -27.07 33.83 -12.47
N VAL E 273 -27.19 32.79 -11.66
CA VAL E 273 -28.39 32.61 -10.84
C VAL E 273 -28.53 33.77 -9.87
N THR E 274 -27.42 34.19 -9.26
CA THR E 274 -27.46 35.32 -8.33
C THR E 274 -27.88 36.59 -9.04
N VAL E 275 -27.36 36.82 -10.25
CA VAL E 275 -27.72 38.02 -11.00
C VAL E 275 -29.20 37.99 -11.36
N GLN E 276 -29.70 36.84 -11.78
CA GLN E 276 -31.12 36.70 -12.09
C GLN E 276 -31.97 37.06 -10.87
N HIS E 277 -31.64 36.48 -9.71
CA HIS E 277 -32.44 36.77 -8.51
C HIS E 277 -32.30 38.23 -8.10
N TYR E 278 -31.10 38.78 -8.19
CA TYR E 278 -30.85 40.15 -7.78
C TYR E 278 -31.65 41.13 -8.63
N LEU E 279 -31.72 40.89 -9.93
CA LEU E 279 -32.52 41.77 -10.78
C LEU E 279 -34.01 41.50 -10.63
N LYS E 280 -34.39 40.25 -10.36
CA LYS E 280 -35.81 39.92 -10.23
C LYS E 280 -36.41 40.51 -8.96
N VAL E 281 -35.63 40.59 -7.88
CA VAL E 281 -36.16 41.09 -6.62
C VAL E 281 -36.39 42.60 -6.65
N GLU E 282 -35.53 43.36 -7.33
CA GLU E 282 -35.68 44.82 -7.37
C GLU E 282 -36.35 45.30 -8.65
N SER E 283 -37.55 44.78 -8.92
CA SER E 283 -38.46 45.35 -9.91
C SER E 283 -37.82 45.50 -11.29
N GLN E 284 -37.01 44.52 -11.69
CA GLN E 284 -36.48 44.46 -13.05
C GLN E 284 -36.66 43.06 -13.63
N PRO E 285 -37.91 42.62 -13.81
CA PRO E 285 -38.13 41.27 -14.35
C PRO E 285 -37.69 41.14 -15.79
N ALA E 286 -37.74 42.23 -16.57
CA ALA E 286 -37.37 42.15 -17.98
C ALA E 286 -35.90 41.81 -18.14
N ARG E 287 -35.03 42.46 -17.38
CA ARG E 287 -33.60 42.18 -17.47
C ARG E 287 -33.29 40.77 -17.00
N ALA E 288 -33.94 40.32 -15.93
CA ALA E 288 -33.72 38.96 -15.45
C ALA E 288 -34.15 37.93 -16.48
N ALA E 289 -35.32 38.14 -17.10
CA ALA E 289 -35.78 37.22 -18.13
C ALA E 289 -34.84 37.23 -19.33
N SER E 290 -34.37 38.41 -19.72
CA SER E 290 -33.44 38.50 -20.86
C SER E 290 -32.14 37.76 -20.56
N ILE E 291 -31.59 37.93 -19.35
CA ILE E 291 -30.35 37.25 -19.00
C ILE E 291 -30.56 35.74 -18.96
N THR E 292 -31.68 35.30 -18.39
CA THR E 292 -31.97 33.86 -18.34
C THR E 292 -32.09 33.28 -19.74
N ARG E 293 -32.85 33.95 -20.61
CA ARG E 293 -33.05 33.45 -21.96
C ARG E 293 -31.75 33.43 -22.75
N ALA E 294 -30.91 34.45 -22.56
CA ALA E 294 -29.60 34.46 -23.22
C ALA E 294 -28.73 33.32 -22.69
N SER E 295 -28.72 33.11 -21.37
CA SER E 295 -27.86 32.10 -20.78
C SER E 295 -28.26 30.70 -21.20
N ARG E 296 -29.56 30.46 -21.41
CA ARG E 296 -30.03 29.14 -21.82
C ARG E 296 -29.27 28.64 -23.04
N ILE E 297 -28.96 29.52 -23.98
CA ILE E 297 -28.27 29.15 -25.21
C ILE E 297 -26.78 29.42 -25.08
N ALA E 298 -26.42 30.41 -24.26
CA ALA E 298 -25.03 30.84 -24.16
C ALA E 298 -24.17 29.89 -23.35
N PHE E 299 -24.75 29.11 -22.45
CA PHE E 299 -23.91 28.22 -21.65
C PHE E 299 -23.46 27.00 -22.45
N PRO E 300 -24.37 26.23 -23.08
CA PRO E 300 -23.89 25.08 -23.86
C PRO E 300 -22.96 25.46 -25.01
N VAL E 301 -23.23 26.58 -25.67
CA VAL E 301 -22.38 27.00 -26.78
C VAL E 301 -20.98 27.33 -26.28
N VAL E 302 -20.88 28.07 -25.18
CA VAL E 302 -19.57 28.41 -24.64
C VAL E 302 -18.86 27.15 -24.15
N PHE E 303 -19.60 26.19 -23.61
CA PHE E 303 -18.98 24.94 -23.21
C PHE E 303 -18.42 24.18 -24.40
N LEU E 304 -19.17 24.14 -25.50
CA LEU E 304 -18.68 23.48 -26.70
C LEU E 304 -17.43 24.18 -27.24
N LEU E 305 -17.44 25.51 -27.24
CA LEU E 305 -16.27 26.24 -27.70
C LEU E 305 -15.06 25.98 -26.82
N ALA E 306 -15.27 25.94 -25.50
CA ALA E 306 -14.17 25.68 -24.57
C ALA E 306 -13.61 24.27 -24.77
N ASN E 307 -14.48 23.29 -24.99
CA ASN E 307 -14.00 21.94 -25.24
C ASN E 307 -13.21 21.86 -26.54
N ILE E 308 -13.68 22.55 -27.59
CA ILE E 308 -12.95 22.56 -28.85
C ILE E 308 -11.58 23.20 -28.66
N ILE E 309 -11.53 24.31 -27.91
CA ILE E 309 -10.25 24.99 -27.68
C ILE E 309 -9.30 24.09 -26.90
N LEU E 310 -9.80 23.42 -25.87
CA LEU E 310 -8.94 22.53 -25.09
C LEU E 310 -8.44 21.36 -25.94
N ALA E 311 -9.31 20.82 -26.80
CA ALA E 311 -8.87 19.75 -27.69
C ALA E 311 -7.78 20.24 -28.63
N PHE E 312 -7.92 21.46 -29.15
CA PHE E 312 -6.91 21.98 -30.07
C PHE E 312 -5.58 22.23 -29.37
N LEU E 313 -5.60 22.82 -28.17
CA LEU E 313 -4.36 23.04 -27.45
C LEU E 313 -3.75 21.77 -26.88
N PHE E 314 -4.52 20.69 -26.74
CA PHE E 314 -3.96 19.45 -26.21
C PHE E 314 -3.65 18.42 -27.30
N PHE E 315 -4.37 18.44 -28.41
CA PHE E 315 -4.11 17.51 -29.50
C PHE E 315 -3.50 18.22 -30.69
#